data_4LR4
#
_entry.id   4LR4
#
_cell.length_a   98.016
_cell.length_b   106.733
_cell.length_c   115.078
_cell.angle_alpha   90.000
_cell.angle_beta   92.450
_cell.angle_gamma   90.000
#
_symmetry.space_group_name_H-M   'P 1 21 1'
#
loop_
_entity.id
_entity.type
_entity.pdbx_description
1 polymer 'hypothetical protein'
2 non-polymer GLYCEROL
3 non-polymer 'PHOSPHATE ION'
4 non-polymer 'CHLORIDE ION'
5 water water
#
_entity_poly.entity_id   1
_entity_poly.type   'polypeptide(L)'
_entity_poly.pdbx_seq_one_letter_code
;GASIDNGNKVHFNTEDNDTDLTLLQSKIATEEVTCDFTDATNDGASAYADTRRVSNKY(MSE)WSAST(MSE)EYNFSDQ
KWTSNTEIFSTYAKTSEGFV(MSE)SGFLLNPKGQSNYNSALREGYLNDSAYDENQGHYYQCVVSDEDCNNITF(MSE)L
ESNVNVFIFDNDINLIYRSSDEAGVTSYFDRYYSTTKTIAGTSNKVISLGLIDGNYYIVFKVKDATATTGYHYGYYAGQP
LPIAQTTTFSDLTHYTTIKWNRSSSSQSASTQTLTINCPSGSEDEYALTGVKFSDKSKAFANNTYASSIDYYYTPATASY
SKKLAQTGGWWSDLVDNNPPSGSIDGNYATSVTVHWVSGISYVNASCTT(MSE)TQ(MSE)TLDYLVPFGIIVG
;
_entity_poly.pdbx_strand_id   A,B,C,D
#
loop_
_chem_comp.id
_chem_comp.type
_chem_comp.name
_chem_comp.formula
CL non-polymer 'CHLORIDE ION' 'Cl -1'
GOL non-polymer GLYCEROL 'C3 H8 O3'
PO4 non-polymer 'PHOSPHATE ION' 'O4 P -3'
#
# COMPACT_ATOMS: atom_id res chain seq x y z
N HIS A 11 5.26 -43.40 -76.02
CA HIS A 11 3.92 -42.97 -75.62
C HIS A 11 3.57 -43.38 -74.16
N PHE A 12 3.04 -42.42 -73.39
CA PHE A 12 2.60 -42.54 -72.00
C PHE A 12 1.11 -42.92 -71.96
N ASN A 13 0.82 -44.23 -71.74
CA ASN A 13 -0.54 -44.76 -71.74
C ASN A 13 -1.15 -44.76 -70.33
N THR A 14 -1.92 -43.69 -70.06
CA THR A 14 -2.62 -43.42 -68.80
C THR A 14 -4.03 -44.09 -68.80
N GLU A 15 -4.72 -43.95 -69.96
CA GLU A 15 -6.07 -44.38 -70.34
C GLU A 15 -6.34 -45.88 -70.09
N ASP A 16 -5.42 -46.77 -70.49
CA ASP A 16 -5.61 -48.21 -70.31
C ASP A 16 -5.16 -48.66 -68.92
N ASN A 17 -6.08 -49.42 -68.27
CA ASN A 17 -5.96 -50.07 -66.94
C ASN A 17 -4.85 -51.12 -66.98
N ASP A 18 -4.18 -51.34 -65.85
CA ASP A 18 -3.13 -52.35 -65.78
C ASP A 18 -3.53 -53.49 -64.83
N THR A 19 -2.88 -54.65 -65.01
CA THR A 19 -3.10 -55.88 -64.24
C THR A 19 -2.24 -55.86 -62.96
N ASP A 20 -1.03 -55.25 -63.06
CA ASP A 20 -0.08 -55.13 -61.95
C ASP A 20 -0.53 -54.06 -60.93
N LEU A 21 -1.59 -53.25 -61.27
CA LEU A 21 -2.11 -52.23 -60.37
C LEU A 21 -3.00 -52.83 -59.32
N THR A 22 -2.72 -52.47 -58.07
CA THR A 22 -3.51 -52.86 -56.91
C THR A 22 -3.90 -51.58 -56.17
N LEU A 23 -5.05 -51.60 -55.53
CA LEU A 23 -5.52 -50.45 -54.79
C LEU A 23 -4.63 -50.27 -53.57
N LEU A 24 -4.13 -49.03 -53.40
CA LEU A 24 -3.18 -48.72 -52.34
C LEU A 24 -3.90 -48.31 -51.10
N GLN A 25 -3.32 -48.61 -49.93
CA GLN A 25 -3.91 -48.23 -48.67
C GLN A 25 -3.10 -47.12 -48.03
N SER A 26 -3.79 -46.02 -47.69
CA SER A 26 -3.25 -44.85 -47.02
C SER A 26 -2.98 -45.20 -45.58
N LYS A 27 -1.71 -45.16 -45.17
CA LYS A 27 -1.34 -45.51 -43.80
C LYS A 27 -0.26 -44.57 -43.31
N ILE A 28 -0.44 -44.09 -42.10
CA ILE A 28 0.48 -43.22 -41.37
C ILE A 28 0.64 -43.83 -39.98
N ALA A 29 1.83 -43.71 -39.40
CA ALA A 29 2.09 -44.28 -38.08
C ALA A 29 1.44 -43.43 -36.98
N THR A 30 0.77 -44.12 -36.05
CA THR A 30 0.13 -43.52 -34.86
C THR A 30 1.28 -43.39 -33.87
N GLU A 31 1.82 -42.17 -33.75
CA GLU A 31 3.01 -41.95 -32.91
C GLU A 31 2.74 -41.06 -31.72
N GLU A 32 3.27 -41.46 -30.56
CA GLU A 32 3.07 -40.73 -29.31
C GLU A 32 4.44 -40.41 -28.64
N VAL A 33 4.58 -39.14 -28.16
CA VAL A 33 5.75 -38.60 -27.44
C VAL A 33 5.52 -38.78 -25.93
N THR A 34 6.29 -39.69 -25.30
CA THR A 34 6.14 -40.05 -23.89
C THR A 34 7.12 -39.28 -22.99
N CYS A 35 6.83 -39.24 -21.67
CA CYS A 35 7.64 -38.56 -20.66
C CYS A 35 7.83 -39.45 -19.43
N ASP A 36 9.02 -39.35 -18.79
CA ASP A 36 9.43 -40.09 -17.58
C ASP A 36 10.35 -39.23 -16.68
N PHE A 37 9.99 -39.07 -15.37
CA PHE A 37 10.76 -38.29 -14.38
C PHE A 37 11.87 -39.12 -13.75
N ARG A 53 24.57 -37.57 -29.74
CA ARG A 53 23.12 -37.73 -29.55
C ARG A 53 22.44 -37.80 -30.92
N VAL A 54 21.27 -38.51 -31.04
CA VAL A 54 20.49 -38.77 -32.29
C VAL A 54 20.29 -37.49 -33.15
N SER A 55 20.93 -37.43 -34.33
CA SER A 55 20.79 -36.30 -35.25
C SER A 55 19.55 -36.47 -36.14
N ASN A 56 19.06 -35.36 -36.71
CA ASN A 56 17.91 -35.41 -37.60
C ASN A 56 18.37 -35.73 -39.08
N LYS A 57 17.73 -36.72 -39.73
CA LYS A 57 18.10 -37.18 -41.09
C LYS A 57 17.82 -36.16 -42.22
N TYR A 58 17.08 -35.10 -41.95
CA TYR A 58 16.72 -34.10 -42.94
C TYR A 58 17.49 -32.81 -42.74
N MSE A 59 18.33 -32.74 -41.69
CA MSE A 59 19.14 -31.58 -41.26
C MSE A 59 18.26 -30.44 -40.70
O MSE A 59 18.74 -29.31 -40.59
CB MSE A 59 20.05 -31.04 -42.38
CG MSE A 59 21.04 -32.05 -42.94
SE MSE A 59 21.90 -31.48 -44.62
CE MSE A 59 20.35 -31.70 -45.82
N TRP A 60 16.98 -30.76 -40.34
CA TRP A 60 16.05 -29.77 -39.81
C TRP A 60 16.54 -29.27 -38.45
N SER A 61 16.24 -27.99 -38.17
CA SER A 61 16.69 -27.29 -36.97
C SER A 61 15.83 -26.06 -36.72
N ALA A 62 16.27 -25.20 -35.77
CA ALA A 62 15.57 -23.98 -35.35
C ALA A 62 15.47 -22.96 -36.48
N SER A 63 16.29 -23.12 -37.54
CA SER A 63 16.35 -22.23 -38.70
C SER A 63 15.48 -22.71 -39.90
N THR A 64 14.97 -23.95 -39.87
CA THR A 64 14.13 -24.50 -40.94
C THR A 64 12.77 -23.82 -40.91
N MSE A 65 12.18 -23.59 -42.10
CA MSE A 65 10.85 -22.99 -42.20
C MSE A 65 9.81 -24.07 -42.26
O MSE A 65 9.91 -24.95 -43.14
CB MSE A 65 10.74 -22.07 -43.41
CG MSE A 65 9.57 -21.14 -43.30
SE MSE A 65 9.36 -20.12 -44.93
CE MSE A 65 7.46 -20.08 -44.93
N GLU A 66 8.82 -24.03 -41.36
CA GLU A 66 7.73 -24.99 -41.31
C GLU A 66 6.77 -24.81 -42.48
N TYR A 67 6.08 -25.89 -42.85
CA TYR A 67 5.09 -25.85 -43.90
C TYR A 67 3.67 -25.74 -43.32
N ASN A 68 2.89 -24.75 -43.79
CA ASN A 68 1.49 -24.53 -43.41
C ASN A 68 0.60 -24.53 -44.64
N PHE A 69 -0.34 -25.48 -44.73
CA PHE A 69 -1.31 -25.57 -45.83
C PHE A 69 -2.18 -24.29 -45.94
N SER A 70 -2.44 -23.66 -44.77
CA SER A 70 -3.23 -22.44 -44.62
C SER A 70 -2.49 -21.23 -45.15
N ASP A 71 -1.14 -21.33 -45.36
CA ASP A 71 -0.31 -20.25 -45.89
C ASP A 71 0.02 -20.43 -47.37
N GLN A 72 -0.09 -21.68 -47.89
CA GLN A 72 0.23 -22.02 -49.27
C GLN A 72 -0.64 -21.26 -50.23
N LYS A 73 0.01 -20.45 -51.06
CA LYS A 73 -0.59 -19.64 -52.11
C LYS A 73 -0.26 -20.25 -53.46
N TRP A 74 -1.19 -20.12 -54.42
CA TRP A 74 -1.02 -20.54 -55.80
C TRP A 74 -0.93 -19.32 -56.70
N THR A 75 -0.13 -19.38 -57.77
CA THR A 75 0.01 -18.27 -58.72
C THR A 75 -1.34 -18.10 -59.47
N SER A 76 -1.73 -16.85 -59.80
CA SER A 76 -2.95 -16.62 -60.56
C SER A 76 -2.67 -16.75 -62.06
N ASN A 77 -1.38 -16.96 -62.44
CA ASN A 77 -0.86 -17.07 -63.80
C ASN A 77 -1.18 -18.45 -64.39
N THR A 78 -2.15 -18.48 -65.26
CA THR A 78 -2.64 -19.66 -65.96
C THR A 78 -1.48 -20.39 -66.68
N GLU A 79 -0.55 -19.61 -67.24
CA GLU A 79 0.56 -20.09 -68.07
C GLU A 79 1.85 -20.35 -67.29
N ILE A 80 1.73 -20.59 -65.97
CA ILE A 80 2.85 -20.82 -65.07
C ILE A 80 3.70 -22.00 -65.51
N PHE A 81 3.11 -23.09 -65.99
CA PHE A 81 3.83 -24.29 -66.44
C PHE A 81 4.82 -23.99 -67.59
N SER A 82 4.45 -23.09 -68.51
CA SER A 82 5.32 -22.76 -69.66
C SER A 82 6.52 -21.88 -69.24
N THR A 83 6.59 -21.41 -67.99
CA THR A 83 7.71 -20.62 -67.50
C THR A 83 8.87 -21.57 -67.10
N TYR A 84 8.59 -22.86 -66.95
CA TYR A 84 9.61 -23.84 -66.58
C TYR A 84 10.44 -24.27 -67.76
N ALA A 85 11.76 -24.32 -67.54
CA ALA A 85 12.68 -24.79 -68.57
C ALA A 85 12.44 -26.30 -68.81
N LYS A 86 12.66 -26.77 -70.04
CA LYS A 86 12.44 -28.18 -70.34
C LYS A 86 13.75 -28.88 -70.57
N THR A 87 13.81 -30.20 -70.32
CA THR A 87 15.00 -31.02 -70.58
C THR A 87 15.11 -31.17 -72.10
N SER A 88 16.24 -31.71 -72.60
CA SER A 88 16.43 -31.95 -74.03
C SER A 88 15.38 -32.94 -74.57
N GLU A 89 14.77 -33.74 -73.68
CA GLU A 89 13.73 -34.72 -73.98
C GLU A 89 12.29 -34.16 -73.86
N GLY A 90 12.13 -32.91 -73.43
CA GLY A 90 10.83 -32.25 -73.33
C GLY A 90 10.07 -32.35 -72.02
N PHE A 91 10.74 -32.74 -70.94
CA PHE A 91 10.14 -32.86 -69.59
C PHE A 91 10.51 -31.67 -68.75
N VAL A 92 9.67 -31.36 -67.77
CA VAL A 92 10.02 -30.37 -66.77
C VAL A 92 10.59 -31.19 -65.59
N MSE A 93 11.79 -30.83 -65.13
CA MSE A 93 12.43 -31.49 -63.99
C MSE A 93 11.72 -31.07 -62.70
O MSE A 93 11.32 -29.92 -62.57
CB MSE A 93 13.91 -31.14 -63.93
CG MSE A 93 14.77 -32.07 -64.81
SE MSE A 93 14.95 -33.93 -64.20
CE MSE A 93 15.17 -33.71 -62.36
N SER A 94 11.58 -32.01 -61.77
CA SER A 94 10.97 -31.74 -60.48
C SER A 94 11.83 -30.79 -59.65
N GLY A 95 11.19 -30.15 -58.69
CA GLY A 95 11.86 -29.32 -57.71
C GLY A 95 12.47 -30.26 -56.69
N PHE A 96 13.26 -29.72 -55.77
CA PHE A 96 13.86 -30.55 -54.77
C PHE A 96 13.84 -29.82 -53.41
N LEU A 97 12.92 -30.21 -52.56
CA LEU A 97 12.77 -29.64 -51.24
C LEU A 97 13.90 -30.18 -50.33
N LEU A 98 14.82 -29.24 -49.90
CA LEU A 98 15.93 -29.64 -49.09
C LEU A 98 16.16 -28.61 -48.02
N ASN A 99 15.70 -28.97 -46.79
CA ASN A 99 15.76 -28.17 -45.59
C ASN A 99 15.39 -26.68 -45.87
N PRO A 100 14.13 -26.37 -46.20
CA PRO A 100 13.82 -24.97 -46.56
C PRO A 100 14.04 -24.03 -45.38
N LYS A 101 14.82 -23.00 -45.60
CA LYS A 101 15.09 -22.05 -44.54
C LYS A 101 14.28 -20.75 -44.76
N GLY A 102 13.61 -20.64 -45.90
CA GLY A 102 12.81 -19.45 -46.19
C GLY A 102 11.84 -19.64 -47.32
N GLN A 103 10.96 -18.65 -47.55
CA GLN A 103 9.92 -18.70 -48.57
C GLN A 103 10.48 -18.98 -49.96
N SER A 104 11.60 -18.36 -50.33
CA SER A 104 12.26 -18.54 -51.63
C SER A 104 12.58 -20.02 -51.93
N ASN A 105 12.93 -20.80 -50.90
CA ASN A 105 13.23 -22.23 -50.99
C ASN A 105 11.98 -23.06 -51.37
N TYR A 106 10.81 -22.66 -50.86
CA TYR A 106 9.52 -23.30 -51.17
C TYR A 106 9.04 -22.92 -52.55
N ASN A 107 9.28 -21.66 -52.93
CA ASN A 107 8.91 -21.09 -54.24
C ASN A 107 9.59 -21.79 -55.38
N SER A 108 10.87 -22.16 -55.18
CA SER A 108 11.64 -22.82 -56.23
C SER A 108 11.48 -24.37 -56.21
N ALA A 109 11.09 -24.96 -55.06
CA ALA A 109 10.89 -26.42 -54.93
C ALA A 109 9.50 -26.85 -55.47
N LEU A 110 8.53 -25.92 -55.52
CA LEU A 110 7.21 -26.18 -56.04
C LEU A 110 7.19 -26.26 -57.56
N ARG A 111 6.33 -27.14 -58.09
CA ARG A 111 5.95 -27.25 -59.49
C ARG A 111 4.44 -27.15 -59.50
N GLU A 112 3.89 -26.15 -60.18
CA GLU A 112 2.47 -25.95 -60.25
C GLU A 112 2.06 -25.59 -61.68
N GLY A 113 0.77 -25.74 -61.97
CA GLY A 113 0.22 -25.48 -63.29
C GLY A 113 -1.28 -25.56 -63.35
N TYR A 114 -1.85 -25.12 -64.46
CA TYR A 114 -3.27 -25.16 -64.74
C TYR A 114 -3.44 -26.02 -65.96
N LEU A 115 -4.26 -27.07 -65.85
CA LEU A 115 -4.38 -27.97 -66.98
C LEU A 115 -5.31 -27.42 -68.08
N ASN A 116 -5.73 -26.15 -67.98
CA ASN A 116 -6.54 -25.46 -69.01
C ASN A 116 -5.67 -24.38 -69.70
N ASP A 117 -4.33 -24.46 -69.53
CA ASP A 117 -3.39 -23.54 -70.15
C ASP A 117 -3.16 -23.90 -71.63
N SER A 118 -2.36 -23.09 -72.35
CA SER A 118 -2.05 -23.27 -73.78
C SER A 118 -1.15 -24.50 -74.05
N ALA A 119 -0.39 -24.93 -73.04
CA ALA A 119 0.56 -26.03 -73.14
C ALA A 119 -0.09 -27.41 -73.09
N TYR A 120 -1.32 -27.51 -72.52
CA TYR A 120 -1.99 -28.79 -72.29
C TYR A 120 -2.29 -29.57 -73.57
N ASP A 121 -2.86 -28.93 -74.60
CA ASP A 121 -3.30 -29.63 -75.81
C ASP A 121 -2.18 -30.32 -76.62
N GLU A 122 -0.94 -29.79 -76.60
CA GLU A 122 0.18 -30.38 -77.35
C GLU A 122 0.32 -31.90 -77.13
N ASN A 123 0.47 -32.36 -75.86
CA ASN A 123 0.64 -33.80 -75.59
C ASN A 123 -0.44 -34.34 -74.65
N GLN A 124 -1.53 -33.57 -74.46
CA GLN A 124 -2.67 -33.87 -73.59
C GLN A 124 -2.18 -34.12 -72.16
N GLY A 125 -1.49 -33.13 -71.60
CA GLY A 125 -0.97 -33.20 -70.24
C GLY A 125 0.25 -32.38 -70.00
N HIS A 126 0.64 -32.29 -68.71
CA HIS A 126 1.85 -31.65 -68.18
C HIS A 126 2.77 -32.80 -67.76
N TYR A 127 3.93 -32.87 -68.41
CA TYR A 127 4.91 -33.95 -68.31
C TYR A 127 6.15 -33.49 -67.58
N TYR A 128 6.44 -34.20 -66.48
CA TYR A 128 7.57 -33.96 -65.60
C TYR A 128 8.44 -35.17 -65.48
N GLN A 129 9.67 -34.96 -65.01
CA GLN A 129 10.61 -36.01 -64.69
C GLN A 129 10.94 -35.88 -63.22
N CYS A 130 11.05 -37.02 -62.55
CA CYS A 130 11.36 -37.09 -61.14
C CYS A 130 12.45 -38.10 -60.92
N VAL A 131 13.56 -37.68 -60.35
CA VAL A 131 14.70 -38.53 -60.08
C VAL A 131 14.78 -38.75 -58.51
N VAL A 132 14.86 -40.01 -58.05
CA VAL A 132 14.94 -40.38 -56.64
C VAL A 132 16.27 -41.13 -56.43
N SER A 133 17.18 -40.60 -55.57
CA SER A 133 18.47 -41.27 -55.38
C SER A 133 18.74 -41.66 -53.94
N ASP A 134 18.06 -41.00 -53.00
CA ASP A 134 18.21 -41.22 -51.56
C ASP A 134 16.85 -41.58 -50.94
N GLU A 135 16.82 -42.59 -50.05
CA GLU A 135 15.63 -42.98 -49.27
C GLU A 135 15.11 -41.83 -48.39
N ASP A 136 15.98 -40.86 -48.05
CA ASP A 136 15.59 -39.74 -47.19
C ASP A 136 15.07 -38.54 -47.98
N CYS A 137 15.18 -38.61 -49.30
CA CYS A 137 14.72 -37.57 -50.20
C CYS A 137 13.89 -38.23 -51.33
N ASN A 138 13.10 -39.27 -50.98
CA ASN A 138 12.29 -40.07 -51.90
C ASN A 138 10.81 -39.66 -51.91
N ASN A 139 10.48 -38.52 -51.34
CA ASN A 139 9.14 -38.03 -51.21
C ASN A 139 8.56 -37.31 -52.42
N ILE A 140 7.26 -37.51 -52.64
CA ILE A 140 6.49 -36.69 -53.56
C ILE A 140 5.21 -36.32 -52.82
N THR A 141 4.86 -35.02 -52.78
CA THR A 141 3.63 -34.56 -52.15
C THR A 141 2.85 -33.80 -53.20
N PHE A 142 1.65 -34.28 -53.51
CA PHE A 142 0.73 -33.74 -54.49
C PHE A 142 -0.42 -33.03 -53.84
N MSE A 143 -0.87 -31.92 -54.46
CA MSE A 143 -2.07 -31.14 -54.04
C MSE A 143 -2.90 -30.92 -55.30
O MSE A 143 -2.53 -30.13 -56.17
CB MSE A 143 -1.69 -29.83 -53.36
CG MSE A 143 -0.88 -30.01 -52.11
SE MSE A 143 1.01 -29.81 -52.42
CE MSE A 143 1.38 -29.20 -50.76
N LEU A 144 -3.94 -31.75 -55.46
CA LEU A 144 -4.76 -31.76 -56.67
C LEU A 144 -6.14 -31.17 -56.45
N GLU A 145 -6.56 -30.27 -57.33
CA GLU A 145 -7.90 -29.71 -57.32
C GLU A 145 -8.85 -30.76 -57.98
N SER A 146 -10.17 -30.50 -57.97
CA SER A 146 -11.22 -31.45 -58.39
C SER A 146 -11.10 -32.02 -59.83
N ASN A 147 -10.56 -31.27 -60.79
CA ASN A 147 -10.51 -31.79 -62.17
C ASN A 147 -9.11 -32.33 -62.56
N VAL A 148 -8.25 -32.64 -61.58
CA VAL A 148 -6.90 -33.10 -61.86
C VAL A 148 -6.65 -34.56 -61.43
N ASN A 149 -6.04 -35.33 -62.34
CA ASN A 149 -5.54 -36.69 -62.15
C ASN A 149 -4.01 -36.69 -62.33
N VAL A 150 -3.28 -37.50 -61.54
CA VAL A 150 -1.83 -37.59 -61.72
C VAL A 150 -1.48 -39.08 -61.96
N PHE A 151 -0.46 -39.30 -62.80
CA PHE A 151 0.04 -40.60 -63.20
C PHE A 151 1.52 -40.64 -63.02
N ILE A 152 2.05 -41.72 -62.45
CA ILE A 152 3.51 -41.87 -62.28
C ILE A 152 3.90 -43.11 -63.07
N PHE A 153 4.95 -42.94 -63.91
CA PHE A 153 5.52 -43.97 -64.76
C PHE A 153 6.93 -44.25 -64.31
N ASP A 154 7.38 -45.48 -64.48
CA ASP A 154 8.75 -45.85 -64.17
C ASP A 154 9.66 -45.54 -65.40
N ASN A 155 10.94 -45.92 -65.31
CA ASN A 155 11.96 -45.68 -66.32
C ASN A 155 11.65 -46.38 -67.65
N ASP A 156 10.83 -47.45 -67.63
CA ASP A 156 10.44 -48.14 -68.85
C ASP A 156 9.11 -47.59 -69.39
N ILE A 157 8.56 -46.52 -68.78
CA ILE A 157 7.31 -45.87 -69.20
C ILE A 157 6.12 -46.81 -68.93
N ASN A 158 6.17 -47.54 -67.81
CA ASN A 158 5.08 -48.40 -67.39
C ASN A 158 4.39 -47.75 -66.21
N LEU A 159 3.06 -47.71 -66.21
CA LEU A 159 2.29 -47.04 -65.18
C LEU A 159 2.46 -47.74 -63.84
N ILE A 160 2.89 -46.96 -62.81
CA ILE A 160 3.12 -47.47 -61.46
C ILE A 160 2.20 -46.80 -60.43
N TYR A 161 1.45 -45.74 -60.84
CA TYR A 161 0.53 -45.03 -59.95
C TYR A 161 -0.45 -44.14 -60.73
N ARG A 162 -1.72 -44.07 -60.26
CA ARG A 162 -2.78 -43.17 -60.72
C ARG A 162 -3.60 -42.69 -59.50
N SER A 163 -3.80 -41.36 -59.36
CA SER A 163 -4.52 -40.80 -58.21
C SER A 163 -6.03 -40.97 -58.28
N SER A 164 -6.61 -41.20 -59.50
CA SER A 164 -8.06 -41.34 -59.72
C SER A 164 -8.70 -42.29 -58.69
N ASP A 165 -8.11 -43.47 -58.48
CA ASP A 165 -8.60 -44.46 -57.51
C ASP A 165 -7.45 -44.90 -56.59
N GLU A 166 -6.28 -44.20 -56.68
CA GLU A 166 -5.09 -44.41 -55.86
C GLU A 166 -4.64 -45.86 -55.96
N ALA A 167 -4.36 -46.31 -57.17
CA ALA A 167 -3.89 -47.65 -57.49
C ALA A 167 -2.47 -47.57 -58.00
N GLY A 168 -1.68 -48.59 -57.70
CA GLY A 168 -0.30 -48.64 -58.15
C GLY A 168 0.40 -49.98 -58.01
N VAL A 169 1.67 -50.01 -58.47
CA VAL A 169 2.53 -51.20 -58.35
C VAL A 169 3.28 -51.02 -57.02
N THR A 170 2.88 -51.79 -56.00
CA THR A 170 3.37 -51.66 -54.62
C THR A 170 4.89 -51.84 -54.44
N SER A 171 5.56 -52.57 -55.32
CA SER A 171 7.00 -52.81 -55.21
C SER A 171 7.85 -51.52 -55.33
N TYR A 172 7.27 -50.45 -55.92
CA TYR A 172 7.89 -49.15 -56.11
C TYR A 172 7.68 -48.20 -54.93
N PHE A 173 6.81 -48.59 -53.99
CA PHE A 173 6.47 -47.75 -52.86
C PHE A 173 7.08 -48.23 -51.59
N ASP A 174 7.56 -47.25 -50.81
CA ASP A 174 8.10 -47.40 -49.45
C ASP A 174 7.03 -47.01 -48.47
N ARG A 175 6.15 -46.09 -48.89
CA ARG A 175 5.03 -45.56 -48.09
C ARG A 175 4.00 -44.87 -48.97
N TYR A 176 2.77 -44.75 -48.44
CA TYR A 176 1.63 -44.13 -49.11
C TYR A 176 0.68 -43.53 -48.10
N TYR A 177 0.28 -42.27 -48.33
CA TYR A 177 -0.65 -41.53 -47.50
C TYR A 177 -1.45 -40.56 -48.35
N SER A 178 -2.72 -40.43 -48.03
CA SER A 178 -3.67 -39.59 -48.75
C SER A 178 -4.66 -38.93 -47.78
N THR A 179 -5.03 -37.67 -48.02
CA THR A 179 -6.00 -36.92 -47.21
C THR A 179 -6.63 -35.79 -48.05
N THR A 180 -7.28 -34.84 -47.37
CA THR A 180 -7.90 -33.68 -47.96
C THR A 180 -7.51 -32.48 -47.11
N LYS A 181 -7.07 -31.38 -47.75
CA LYS A 181 -6.76 -30.15 -47.05
C LYS A 181 -7.37 -28.98 -47.82
N THR A 182 -7.68 -27.90 -47.10
CA THR A 182 -8.17 -26.68 -47.71
C THR A 182 -6.94 -25.82 -48.00
N ILE A 183 -6.61 -25.67 -49.28
CA ILE A 183 -5.48 -24.87 -49.73
C ILE A 183 -6.06 -23.72 -50.55
N ALA A 184 -5.72 -22.46 -50.20
CA ALA A 184 -6.21 -21.24 -50.87
C ALA A 184 -7.74 -21.29 -51.09
N GLY A 185 -8.48 -21.55 -50.00
CA GLY A 185 -9.94 -21.63 -49.95
C GLY A 185 -10.63 -22.73 -50.72
N THR A 186 -9.89 -23.71 -51.23
CA THR A 186 -10.42 -24.80 -52.04
C THR A 186 -9.94 -26.13 -51.46
N SER A 187 -10.83 -27.14 -51.49
CA SER A 187 -10.53 -28.50 -51.05
CA SER A 187 -10.47 -28.46 -51.00
C SER A 187 -9.58 -29.18 -52.03
N ASN A 188 -8.44 -29.70 -51.54
CA ASN A 188 -7.48 -30.39 -52.39
C ASN A 188 -7.28 -31.81 -51.93
N LYS A 189 -7.11 -32.75 -52.88
CA LYS A 189 -6.66 -34.11 -52.59
C LYS A 189 -5.16 -34.00 -52.29
N VAL A 190 -4.76 -34.31 -51.05
CA VAL A 190 -3.34 -34.21 -50.68
C VAL A 190 -2.79 -35.63 -50.53
N ILE A 191 -1.81 -35.97 -51.35
CA ILE A 191 -1.15 -37.28 -51.41
C ILE A 191 0.35 -37.11 -51.12
N SER A 192 0.91 -37.95 -50.24
CA SER A 192 2.33 -38.02 -49.89
C SER A 192 2.72 -39.47 -49.99
N LEU A 193 3.70 -39.74 -50.82
CA LEU A 193 4.19 -41.08 -51.06
C LEU A 193 5.72 -41.02 -51.09
N GLY A 194 6.34 -42.18 -50.95
CA GLY A 194 7.78 -42.38 -51.00
C GLY A 194 8.11 -43.49 -51.97
N LEU A 195 8.98 -43.21 -52.95
CA LEU A 195 9.36 -44.17 -53.97
C LEU A 195 10.73 -44.78 -53.74
N ILE A 196 10.96 -45.96 -54.30
CA ILE A 196 12.29 -46.61 -54.31
C ILE A 196 13.21 -45.80 -55.27
N ASP A 197 14.53 -45.95 -55.17
CA ASP A 197 15.44 -45.19 -56.02
C ASP A 197 15.21 -45.51 -57.49
N GLY A 198 15.22 -44.47 -58.32
CA GLY A 198 15.05 -44.61 -59.75
C GLY A 198 14.64 -43.33 -60.44
N ASN A 199 14.38 -43.46 -61.75
CA ASN A 199 13.93 -42.42 -62.65
C ASN A 199 12.41 -42.63 -62.94
N TYR A 200 11.67 -41.53 -62.83
CA TYR A 200 10.21 -41.54 -62.95
C TYR A 200 9.75 -40.39 -63.76
N TYR A 201 8.54 -40.56 -64.32
CA TYR A 201 7.84 -39.54 -65.08
C TYR A 201 6.51 -39.31 -64.41
N ILE A 202 6.14 -38.04 -64.29
CA ILE A 202 4.89 -37.59 -63.65
C ILE A 202 4.08 -36.86 -64.70
N VAL A 203 2.83 -37.35 -64.95
CA VAL A 203 1.96 -36.74 -65.92
C VAL A 203 0.67 -36.31 -65.23
N PHE A 204 0.25 -35.06 -65.46
CA PHE A 204 -1.00 -34.51 -64.95
C PHE A 204 -1.99 -34.37 -66.10
N LYS A 205 -3.17 -34.97 -65.95
CA LYS A 205 -4.24 -34.97 -66.96
C LYS A 205 -5.55 -34.56 -66.31
N VAL A 206 -6.48 -33.98 -67.11
CA VAL A 206 -7.82 -33.53 -66.68
C VAL A 206 -8.72 -34.73 -66.44
N LYS A 207 -9.67 -34.62 -65.48
CA LYS A 207 -10.68 -35.64 -65.23
C LYS A 207 -11.76 -35.50 -66.31
N ASP A 208 -12.37 -34.31 -66.39
CA ASP A 208 -13.43 -33.96 -67.33
C ASP A 208 -13.04 -32.69 -68.07
N ALA A 209 -12.79 -32.80 -69.39
CA ALA A 209 -12.40 -31.66 -70.24
C ALA A 209 -13.48 -30.54 -70.33
N THR A 210 -14.72 -30.83 -69.86
CA THR A 210 -15.83 -29.89 -69.88
C THR A 210 -16.07 -29.24 -68.50
N ALA A 211 -15.25 -29.56 -67.48
CA ALA A 211 -15.41 -28.98 -66.14
C ALA A 211 -15.10 -27.47 -66.15
N THR A 212 -15.81 -26.71 -65.32
CA THR A 212 -15.68 -25.25 -65.24
C THR A 212 -14.51 -24.84 -64.35
N THR A 213 -14.21 -25.62 -63.29
CA THR A 213 -13.14 -25.33 -62.33
C THR A 213 -12.32 -26.60 -61.98
N GLY A 214 -11.34 -26.40 -61.08
CA GLY A 214 -10.45 -27.43 -60.52
C GLY A 214 -9.30 -27.88 -61.38
N TYR A 215 -8.73 -26.98 -62.19
CA TYR A 215 -7.63 -27.28 -63.12
C TYR A 215 -6.20 -27.09 -62.55
N HIS A 216 -6.04 -26.64 -61.29
CA HIS A 216 -4.74 -26.47 -60.65
C HIS A 216 -4.23 -27.73 -59.95
N TYR A 217 -2.91 -27.90 -59.98
CA TYR A 217 -2.15 -28.92 -59.29
C TYR A 217 -0.88 -28.26 -58.76
N GLY A 218 -0.37 -28.78 -57.65
CA GLY A 218 0.89 -28.36 -57.08
C GLY A 218 1.60 -29.61 -56.62
N TYR A 219 2.93 -29.59 -56.57
CA TYR A 219 3.66 -30.73 -56.04
C TYR A 219 5.06 -30.38 -55.63
N TYR A 220 5.56 -31.13 -54.63
CA TYR A 220 6.90 -31.07 -54.07
C TYR A 220 7.58 -32.44 -54.09
N ALA A 221 8.84 -32.46 -54.47
CA ALA A 221 9.67 -33.66 -54.47
C ALA A 221 10.89 -33.40 -53.58
N GLY A 222 11.61 -34.48 -53.22
CA GLY A 222 12.77 -34.40 -52.35
C GLY A 222 12.39 -34.84 -50.97
N GLN A 223 12.58 -33.96 -49.98
CA GLN A 223 12.26 -34.29 -48.61
C GLN A 223 10.77 -34.15 -48.35
N PRO A 224 10.22 -34.87 -47.33
CA PRO A 224 8.86 -34.61 -46.90
C PRO A 224 8.72 -33.19 -46.33
N LEU A 225 7.50 -32.68 -46.26
CA LEU A 225 7.25 -31.33 -45.74
C LEU A 225 7.51 -31.27 -44.21
N PRO A 226 8.29 -30.26 -43.71
CA PRO A 226 8.46 -30.11 -42.26
C PRO A 226 7.21 -29.49 -41.61
N ILE A 227 6.56 -30.25 -40.67
CA ILE A 227 5.33 -29.81 -39.99
C ILE A 227 5.63 -29.47 -38.53
N ALA A 228 5.29 -28.26 -38.10
CA ALA A 228 5.55 -27.85 -36.71
C ALA A 228 4.59 -28.50 -35.77
N GLN A 229 5.15 -29.03 -34.68
CA GLN A 229 4.42 -29.71 -33.63
C GLN A 229 4.85 -29.15 -32.30
N THR A 230 3.99 -29.30 -31.28
CA THR A 230 4.26 -28.80 -29.94
C THR A 230 3.71 -29.82 -28.91
N THR A 231 4.44 -30.00 -27.82
CA THR A 231 4.10 -30.94 -26.75
C THR A 231 4.55 -30.36 -25.43
N THR A 232 3.63 -30.35 -24.46
CA THR A 232 3.81 -29.88 -23.09
C THR A 232 3.70 -31.06 -22.15
N PHE A 233 4.61 -31.16 -21.21
CA PHE A 233 4.64 -32.26 -20.26
C PHE A 233 4.09 -31.73 -18.92
N SER A 234 3.36 -32.57 -18.17
CA SER A 234 2.74 -32.20 -16.88
C SER A 234 3.74 -32.33 -15.69
N ASP A 235 4.80 -33.17 -15.85
CA ASP A 235 5.85 -33.36 -14.87
C ASP A 235 6.60 -32.05 -14.67
N LEU A 236 6.72 -31.61 -13.41
CA LEU A 236 7.38 -30.38 -13.02
C LEU A 236 8.92 -30.43 -13.16
N THR A 237 9.47 -29.43 -13.83
CA THR A 237 10.91 -29.23 -14.02
C THR A 237 11.27 -28.10 -13.06
N HIS A 238 12.58 -27.83 -12.83
CA HIS A 238 13.06 -26.74 -11.97
C HIS A 238 12.31 -26.64 -10.64
N TYR A 239 11.80 -27.78 -10.11
CA TYR A 239 10.98 -27.77 -8.91
C TYR A 239 11.81 -28.16 -7.68
N THR A 240 11.99 -27.20 -6.77
CA THR A 240 12.72 -27.36 -5.51
C THR A 240 12.39 -26.21 -4.58
N THR A 241 12.63 -26.41 -3.27
CA THR A 241 12.53 -25.37 -2.26
C THR A 241 13.97 -25.11 -1.80
N ILE A 242 14.50 -23.90 -2.09
CA ILE A 242 15.85 -23.51 -1.65
C ILE A 242 15.70 -22.62 -0.41
N LYS A 243 16.24 -23.07 0.73
CA LYS A 243 16.20 -22.31 1.97
C LYS A 243 17.52 -21.56 2.14
N TRP A 244 17.48 -20.27 2.49
CA TRP A 244 18.67 -19.44 2.71
C TRP A 244 19.58 -20.08 3.78
N ASN A 245 20.87 -20.30 3.45
CA ASN A 245 21.87 -20.95 4.31
C ASN A 245 22.46 -20.00 5.35
N ARG A 246 21.85 -18.79 5.49
CA ARG A 246 22.16 -17.72 6.46
C ARG A 246 23.55 -17.06 6.22
N SER A 247 24.26 -17.38 5.10
CA SER A 247 25.58 -16.79 4.85
C SER A 247 25.82 -16.38 3.38
N SER A 248 25.64 -17.30 2.41
CA SER A 248 25.91 -17.01 1.00
C SER A 248 24.84 -16.10 0.36
N SER A 249 25.26 -15.38 -0.70
CA SER A 249 24.48 -14.41 -1.48
C SER A 249 23.70 -15.10 -2.64
N SER A 250 24.14 -16.31 -3.00
CA SER A 250 23.54 -17.14 -4.03
C SER A 250 23.59 -18.61 -3.65
N GLN A 251 22.56 -19.36 -4.05
CA GLN A 251 22.43 -20.79 -3.81
C GLN A 251 21.86 -21.48 -5.03
N SER A 252 22.43 -22.63 -5.38
CA SER A 252 22.02 -23.42 -6.55
C SER A 252 21.51 -24.80 -6.15
N ALA A 253 20.72 -25.41 -7.05
CA ALA A 253 20.20 -26.76 -6.87
C ALA A 253 19.91 -27.40 -8.21
N SER A 254 20.40 -28.63 -8.40
CA SER A 254 20.12 -29.41 -9.59
C SER A 254 18.74 -30.01 -9.41
N THR A 255 17.85 -29.81 -10.41
CA THR A 255 16.45 -30.23 -10.31
C THR A 255 16.18 -31.41 -11.26
N GLN A 256 14.89 -31.69 -11.52
CA GLN A 256 14.39 -32.83 -12.31
C GLN A 256 14.94 -32.93 -13.70
N THR A 257 15.13 -34.20 -14.15
CA THR A 257 15.54 -34.55 -15.51
C THR A 257 14.39 -35.31 -16.12
N LEU A 258 13.91 -34.88 -17.29
CA LEU A 258 12.84 -35.56 -18.01
C LEU A 258 13.41 -36.37 -19.14
N THR A 259 12.96 -37.62 -19.31
CA THR A 259 13.34 -38.46 -20.43
C THR A 259 12.17 -38.46 -21.41
N ILE A 260 12.44 -37.93 -22.61
CA ILE A 260 11.44 -37.82 -23.68
C ILE A 260 11.71 -38.94 -24.67
N ASN A 261 10.69 -39.78 -24.91
CA ASN A 261 10.83 -40.93 -25.80
C ASN A 261 9.92 -40.86 -27.04
N CYS A 262 10.51 -41.23 -28.19
CA CYS A 262 9.86 -41.34 -29.49
C CYS A 262 9.59 -42.81 -29.77
N PRO A 263 8.50 -43.16 -30.50
CA PRO A 263 8.27 -44.58 -30.86
C PRO A 263 9.50 -45.16 -31.54
N SER A 264 9.91 -46.38 -31.12
CA SER A 264 11.14 -47.06 -31.58
C SER A 264 11.36 -46.95 -33.10
N GLY A 265 12.61 -46.64 -33.46
CA GLY A 265 13.06 -46.49 -34.85
C GLY A 265 12.62 -45.26 -35.63
N SER A 266 11.98 -44.28 -34.97
CA SER A 266 11.55 -43.05 -35.64
C SER A 266 12.15 -41.81 -34.95
N GLU A 267 13.18 -42.02 -34.10
CA GLU A 267 13.88 -40.97 -33.36
C GLU A 267 14.35 -39.86 -34.30
N ASP A 268 14.91 -40.24 -35.49
CA ASP A 268 15.46 -39.36 -36.54
C ASP A 268 14.39 -38.60 -37.36
N GLU A 269 13.10 -38.92 -37.17
CA GLU A 269 12.00 -38.24 -37.87
C GLU A 269 11.68 -36.93 -37.16
N TYR A 270 11.87 -36.89 -35.80
CA TYR A 270 11.63 -35.73 -34.92
C TYR A 270 12.84 -34.79 -34.91
N ALA A 271 12.58 -33.50 -35.13
CA ALA A 271 13.63 -32.48 -35.19
C ALA A 271 13.34 -31.31 -34.22
N LEU A 272 14.10 -31.23 -33.12
CA LEU A 272 13.97 -30.20 -32.08
C LEU A 272 14.33 -28.80 -32.62
N THR A 273 13.37 -27.86 -32.50
CA THR A 273 13.51 -26.47 -32.96
C THR A 273 13.41 -25.45 -31.82
N GLY A 274 12.73 -25.79 -30.73
CA GLY A 274 12.62 -24.87 -29.61
C GLY A 274 12.27 -25.51 -28.30
N VAL A 275 12.65 -24.83 -27.18
CA VAL A 275 12.33 -25.27 -25.82
C VAL A 275 11.74 -24.09 -25.03
N LYS A 276 10.56 -24.27 -24.45
CA LYS A 276 9.96 -23.24 -23.59
C LYS A 276 9.58 -23.84 -22.22
N PHE A 277 9.87 -23.10 -21.15
CA PHE A 277 9.49 -23.46 -19.78
C PHE A 277 8.52 -22.43 -19.26
N SER A 278 7.30 -22.87 -18.95
CA SER A 278 6.29 -21.98 -18.37
C SER A 278 6.48 -21.92 -16.86
N ASP A 279 6.73 -20.71 -16.29
CA ASP A 279 6.96 -20.52 -14.85
C ASP A 279 5.63 -20.65 -14.13
N LYS A 280 5.57 -21.56 -13.14
CA LYS A 280 4.31 -21.81 -12.39
C LYS A 280 4.42 -21.40 -10.92
N SER A 281 5.44 -20.60 -10.55
CA SER A 281 5.75 -20.27 -9.15
C SER A 281 5.30 -18.88 -8.67
N LYS A 282 4.47 -18.15 -9.45
CA LYS A 282 4.03 -16.80 -9.04
C LYS A 282 3.46 -16.79 -7.61
N ALA A 283 2.61 -17.78 -7.26
CA ALA A 283 1.94 -17.87 -5.95
C ALA A 283 2.90 -18.00 -4.78
N PHE A 284 4.20 -18.32 -5.01
CA PHE A 284 5.16 -18.47 -3.92
C PHE A 284 5.86 -17.16 -3.60
N ALA A 285 5.63 -16.11 -4.43
CA ALA A 285 6.16 -14.74 -4.30
C ALA A 285 7.66 -14.75 -3.89
N ASN A 286 8.48 -15.37 -4.74
CA ASN A 286 9.93 -15.51 -4.50
C ASN A 286 10.65 -14.15 -4.57
N ASN A 287 10.02 -13.12 -5.21
CA ASN A 287 10.54 -11.76 -5.38
C ASN A 287 10.77 -11.04 -4.05
N THR A 288 10.09 -11.52 -2.98
CA THR A 288 10.15 -10.95 -1.64
C THR A 288 11.51 -11.22 -0.97
N TYR A 289 12.21 -12.32 -1.32
CA TYR A 289 13.53 -12.62 -0.71
C TYR A 289 14.63 -12.84 -1.77
N ALA A 290 14.27 -12.86 -3.07
CA ALA A 290 15.23 -13.04 -4.16
C ALA A 290 15.22 -11.84 -5.10
N SER A 291 16.42 -11.38 -5.49
CA SER A 291 16.61 -10.27 -6.44
C SER A 291 16.28 -10.76 -7.85
N SER A 292 16.67 -12.03 -8.14
CA SER A 292 16.43 -12.77 -9.38
C SER A 292 16.64 -14.28 -9.14
N ILE A 293 16.17 -15.10 -10.09
CA ILE A 293 16.35 -16.56 -10.13
C ILE A 293 16.78 -16.89 -11.55
N ASP A 294 17.87 -17.66 -11.70
CA ASP A 294 18.39 -18.10 -13.01
C ASP A 294 17.97 -19.55 -13.25
N TYR A 295 17.51 -19.86 -14.46
CA TYR A 295 17.05 -21.20 -14.82
C TYR A 295 17.91 -21.77 -15.92
N TYR A 296 18.34 -23.02 -15.76
CA TYR A 296 19.21 -23.72 -16.69
C TYR A 296 18.61 -25.02 -17.11
N TYR A 297 19.06 -25.57 -18.24
CA TYR A 297 18.61 -26.86 -18.74
C TYR A 297 19.68 -27.47 -19.65
N THR A 298 19.66 -28.79 -19.81
CA THR A 298 20.56 -29.48 -20.74
C THR A 298 19.64 -30.15 -21.77
N PRO A 299 19.63 -29.69 -23.04
CA PRO A 299 18.74 -30.33 -24.03
C PRO A 299 19.18 -31.76 -24.34
N ALA A 300 18.27 -32.56 -24.88
CA ALA A 300 18.55 -33.93 -25.27
C ALA A 300 19.69 -34.00 -26.30
N THR A 301 19.79 -32.99 -27.18
CA THR A 301 20.72 -32.85 -28.31
C THR A 301 22.16 -32.36 -27.97
N ALA A 302 22.49 -32.25 -26.66
CA ALA A 302 23.80 -31.79 -26.17
C ALA A 302 24.08 -32.31 -24.74
N SER A 303 25.32 -32.16 -24.27
CA SER A 303 25.70 -32.61 -22.92
C SER A 303 25.98 -31.42 -21.99
N TYR A 304 25.88 -30.17 -22.51
CA TYR A 304 26.17 -28.98 -21.73
C TYR A 304 24.94 -28.17 -21.35
N SER A 305 25.00 -27.52 -20.16
CA SER A 305 23.94 -26.70 -19.61
C SER A 305 23.86 -25.35 -20.33
N LYS A 306 22.64 -24.80 -20.46
CA LYS A 306 22.37 -23.50 -21.09
C LYS A 306 21.48 -22.63 -20.19
N LYS A 307 21.80 -21.33 -20.03
CA LYS A 307 20.92 -20.46 -19.26
C LYS A 307 19.70 -20.15 -20.12
N LEU A 308 18.51 -20.34 -19.56
CA LEU A 308 17.25 -20.07 -20.27
C LEU A 308 17.02 -18.56 -20.26
N ALA A 309 16.60 -18.03 -21.39
CA ALA A 309 16.33 -16.61 -21.55
C ALA A 309 14.95 -16.24 -21.02
N GLN A 310 14.90 -15.22 -20.15
CA GLN A 310 13.67 -14.69 -19.59
C GLN A 310 13.04 -13.73 -20.60
N THR A 311 11.87 -14.09 -21.16
CA THR A 311 11.19 -13.27 -22.18
C THR A 311 10.74 -11.89 -21.65
N GLY A 312 10.47 -11.79 -20.36
CA GLY A 312 10.02 -10.55 -19.74
C GLY A 312 10.55 -10.42 -18.34
N GLY A 313 9.66 -10.03 -17.42
CA GLY A 313 10.00 -9.89 -16.01
C GLY A 313 9.79 -11.16 -15.21
N TRP A 314 9.49 -11.02 -13.91
CA TRP A 314 9.24 -12.16 -13.03
C TRP A 314 8.12 -13.02 -13.58
N TRP A 315 8.32 -14.34 -13.59
CA TRP A 315 7.36 -15.38 -13.99
C TRP A 315 7.05 -15.40 -15.50
N SER A 316 7.92 -14.80 -16.31
CA SER A 316 7.78 -14.85 -17.77
C SER A 316 8.38 -16.16 -18.26
N ASP A 317 8.08 -16.54 -19.53
CA ASP A 317 8.57 -17.78 -20.12
C ASP A 317 10.10 -17.78 -20.21
N LEU A 318 10.68 -18.98 -19.98
CA LEU A 318 12.13 -19.24 -19.99
C LEU A 318 12.38 -20.09 -21.22
N VAL A 319 13.06 -19.50 -22.22
CA VAL A 319 13.21 -20.12 -23.53
C VAL A 319 14.65 -20.37 -24.01
N ASP A 320 14.74 -21.35 -24.92
CA ASP A 320 15.87 -21.68 -25.78
C ASP A 320 15.28 -21.71 -27.16
N ASN A 321 15.46 -20.61 -27.89
CA ASN A 321 14.92 -20.45 -29.24
C ASN A 321 15.89 -21.01 -30.28
N ASN A 322 17.12 -21.36 -29.85
CA ASN A 322 18.11 -21.96 -30.75
C ASN A 322 18.78 -23.19 -30.07
N PRO A 323 18.02 -24.28 -29.78
CA PRO A 323 18.67 -25.45 -29.17
C PRO A 323 19.53 -26.20 -30.19
N PRO A 324 20.54 -27.00 -29.75
CA PRO A 324 21.32 -27.79 -30.71
C PRO A 324 20.40 -28.70 -31.49
N SER A 325 20.71 -28.92 -32.80
CA SER A 325 19.88 -29.74 -33.68
C SER A 325 19.99 -31.23 -33.32
N GLY A 326 18.94 -31.96 -33.70
CA GLY A 326 18.76 -33.39 -33.48
C GLY A 326 17.36 -33.79 -33.02
N SER A 327 17.23 -35.05 -32.57
CA SER A 327 15.98 -35.65 -32.11
C SER A 327 15.53 -35.07 -30.78
N ILE A 328 14.20 -35.06 -30.55
CA ILE A 328 13.62 -34.64 -29.28
C ILE A 328 13.88 -35.72 -28.22
N ASP A 329 14.11 -36.98 -28.67
CA ASP A 329 14.42 -38.13 -27.81
C ASP A 329 15.73 -37.91 -27.03
N GLY A 330 15.64 -38.13 -25.73
CA GLY A 330 16.75 -37.97 -24.80
C GLY A 330 16.34 -37.36 -23.48
N ASN A 331 17.36 -36.99 -22.68
CA ASN A 331 17.20 -36.44 -21.35
C ASN A 331 17.36 -34.95 -21.33
N TYR A 332 16.43 -34.28 -20.65
CA TYR A 332 16.44 -32.85 -20.43
C TYR A 332 16.65 -32.58 -18.93
N ALA A 333 17.90 -32.26 -18.56
CA ALA A 333 18.28 -31.94 -17.16
C ALA A 333 17.93 -30.51 -16.87
N THR A 334 17.70 -30.15 -15.60
CA THR A 334 17.35 -28.78 -15.24
C THR A 334 18.01 -28.45 -13.93
N SER A 335 18.28 -27.16 -13.68
CA SER A 335 18.89 -26.63 -12.45
C SER A 335 18.52 -25.16 -12.27
N VAL A 336 18.60 -24.66 -11.03
CA VAL A 336 18.23 -23.27 -10.71
C VAL A 336 19.28 -22.62 -9.81
N THR A 337 19.39 -21.27 -9.86
CA THR A 337 20.25 -20.46 -9.00
C THR A 337 19.45 -19.29 -8.46
N VAL A 338 19.29 -19.25 -7.13
CA VAL A 338 18.58 -18.19 -6.42
C VAL A 338 19.59 -17.12 -6.00
N HIS A 339 19.33 -15.84 -6.36
CA HIS A 339 20.15 -14.71 -5.95
C HIS A 339 19.37 -13.96 -4.88
N TRP A 340 19.82 -14.03 -3.63
CA TRP A 340 19.10 -13.40 -2.52
C TRP A 340 19.20 -11.88 -2.60
N VAL A 341 18.16 -11.22 -2.10
CA VAL A 341 18.04 -9.76 -2.06
C VAL A 341 19.20 -9.18 -1.26
N SER A 342 19.57 -7.94 -1.54
CA SER A 342 20.59 -7.25 -0.73
C SER A 342 19.86 -6.74 0.51
N GLY A 343 20.34 -7.17 1.67
CA GLY A 343 19.73 -6.83 2.94
C GLY A 343 18.95 -7.98 3.56
N ILE A 344 19.02 -9.18 2.94
CA ILE A 344 18.35 -10.41 3.42
C ILE A 344 18.73 -10.64 4.90
N SER A 345 17.72 -10.79 5.78
CA SER A 345 17.93 -10.97 7.22
C SER A 345 16.97 -11.99 7.88
N TYR A 346 15.89 -12.38 7.17
CA TYR A 346 14.92 -13.34 7.69
C TYR A 346 15.52 -14.75 7.62
N VAL A 347 15.47 -15.43 8.75
CA VAL A 347 16.04 -16.74 9.07
C VAL A 347 15.37 -17.88 8.25
N ASN A 348 14.03 -17.87 8.14
CA ASN A 348 13.29 -18.93 7.43
C ASN A 348 12.97 -18.57 5.95
N ALA A 349 13.74 -17.63 5.36
CA ALA A 349 13.59 -17.17 3.97
C ALA A 349 13.85 -18.31 2.98
N SER A 350 12.92 -18.54 2.03
CA SER A 350 13.07 -19.61 1.05
C SER A 350 12.48 -19.24 -0.31
N CYS A 351 12.80 -20.06 -1.33
CA CYS A 351 12.31 -19.94 -2.69
C CYS A 351 11.79 -21.27 -3.15
N THR A 352 10.58 -21.29 -3.69
CA THR A 352 10.03 -22.51 -4.26
C THR A 352 9.85 -22.22 -5.74
N THR A 353 10.59 -22.93 -6.56
CA THR A 353 10.57 -22.76 -8.01
C THR A 353 9.86 -23.96 -8.65
N MSE A 354 9.42 -23.83 -9.93
CA MSE A 354 8.72 -24.87 -10.72
C MSE A 354 8.28 -24.34 -12.05
O MSE A 354 7.65 -23.27 -12.16
CB MSE A 354 7.49 -25.43 -10.00
CG MSE A 354 6.53 -24.35 -9.48
SE MSE A 354 4.99 -24.97 -8.59
CE MSE A 354 5.78 -25.66 -6.97
N THR A 355 8.57 -25.13 -13.07
CA THR A 355 8.18 -24.87 -14.45
C THR A 355 7.61 -26.14 -15.06
N GLN A 356 6.89 -26.00 -16.18
CA GLN A 356 6.42 -27.09 -17.04
C GLN A 356 7.06 -26.90 -18.38
N MSE A 357 7.60 -27.98 -18.97
CA MSE A 357 8.29 -27.90 -20.25
C MSE A 357 7.38 -28.16 -21.50
O MSE A 357 6.49 -29.01 -21.51
CB MSE A 357 9.49 -28.89 -20.26
CG MSE A 357 10.55 -28.59 -21.38
SE MSE A 357 11.88 -30.04 -21.37
CE MSE A 357 13.24 -29.13 -21.73
N THR A 358 7.68 -27.40 -22.54
CA THR A 358 7.09 -27.45 -23.86
C THR A 358 8.22 -27.59 -24.86
N LEU A 359 8.05 -28.53 -25.81
CA LEU A 359 9.01 -28.68 -26.92
C LEU A 359 8.32 -28.35 -28.24
N ASP A 360 9.01 -27.53 -29.06
CA ASP A 360 8.64 -27.17 -30.44
C ASP A 360 9.54 -27.98 -31.33
N TYR A 361 8.94 -28.68 -32.29
CA TYR A 361 9.71 -29.53 -33.17
C TYR A 361 9.03 -29.74 -34.51
N LEU A 362 9.81 -30.06 -35.54
CA LEU A 362 9.32 -30.41 -36.88
C LEU A 362 9.28 -31.92 -37.04
N VAL A 363 8.22 -32.43 -37.67
CA VAL A 363 8.05 -33.85 -38.01
C VAL A 363 7.66 -33.94 -39.50
N PRO A 364 7.95 -35.07 -40.21
CA PRO A 364 7.60 -35.14 -41.64
C PRO A 364 6.13 -35.43 -41.92
N PHE A 365 5.56 -34.62 -42.85
CA PHE A 365 4.21 -34.84 -43.32
C PHE A 365 4.18 -36.12 -44.15
N GLY A 366 3.14 -36.94 -43.95
CA GLY A 366 2.97 -38.20 -44.66
C GLY A 366 3.70 -39.37 -44.02
N ILE A 367 4.46 -39.12 -42.95
CA ILE A 367 5.25 -40.13 -42.20
C ILE A 367 4.82 -40.17 -40.73
N ILE A 368 4.93 -39.02 -40.02
CA ILE A 368 4.59 -38.86 -38.59
C ILE A 368 3.18 -38.21 -38.44
N VAL A 369 2.84 -37.21 -39.27
CA VAL A 369 1.54 -36.52 -39.23
C VAL A 369 0.86 -36.49 -40.60
N GLY A 370 -0.45 -36.38 -40.61
CA GLY A 370 -1.21 -36.29 -41.84
C GLY A 370 -2.13 -35.08 -41.91
N HIS B 11 6.39 -7.20 60.55
CA HIS B 11 6.92 -6.12 59.73
C HIS B 11 7.63 -6.64 58.45
N PHE B 12 7.28 -6.03 57.30
CA PHE B 12 7.80 -6.29 55.95
C PHE B 12 8.98 -5.38 55.68
N ASN B 13 10.21 -5.89 55.85
CA ASN B 13 11.41 -5.07 55.69
C ASN B 13 11.94 -5.13 54.26
N THR B 14 11.60 -4.10 53.48
CA THR B 14 11.97 -3.94 52.08
C THR B 14 13.30 -3.19 51.96
N GLU B 15 13.42 -2.00 52.60
CA GLU B 15 14.58 -1.09 52.53
C GLU B 15 15.93 -1.77 52.89
N ASP B 16 15.97 -2.68 53.90
CA ASP B 16 17.25 -3.31 54.24
C ASP B 16 17.57 -4.48 53.32
N ASN B 17 18.82 -4.47 52.83
CA ASN B 17 19.44 -5.47 51.95
C ASN B 17 19.60 -6.82 52.66
N ASP B 18 19.61 -7.92 51.89
CA ASP B 18 19.84 -9.25 52.48
C ASP B 18 21.16 -9.82 51.98
N THR B 19 21.63 -10.87 52.65
CA THR B 19 22.85 -11.59 52.30
C THR B 19 22.52 -12.74 51.33
N ASP B 20 21.33 -13.33 51.50
CA ASP B 20 20.85 -14.45 50.67
C ASP B 20 20.40 -13.98 49.28
N LEU B 21 20.31 -12.62 49.06
CA LEU B 21 19.93 -12.07 47.75
C LEU B 21 21.08 -12.08 46.80
N THR B 22 20.84 -12.58 45.59
CA THR B 22 21.81 -12.60 44.50
C THR B 22 21.11 -11.99 43.29
N LEU B 23 21.90 -11.38 42.40
CA LEU B 23 21.37 -10.74 41.21
C LEU B 23 20.91 -11.83 40.27
N LEU B 24 19.67 -11.74 39.80
CA LEU B 24 19.05 -12.76 38.95
C LEU B 24 19.32 -12.49 37.51
N GLN B 25 19.42 -13.56 36.71
CA GLN B 25 19.64 -13.44 35.28
C GLN B 25 18.38 -13.81 34.52
N SER B 26 17.92 -12.89 33.66
CA SER B 26 16.77 -13.05 32.79
C SER B 26 17.10 -14.04 31.69
N LYS B 27 16.39 -15.17 31.62
CA LYS B 27 16.65 -16.19 30.63
C LYS B 27 15.34 -16.76 30.12
N ILE B 28 15.26 -16.91 28.80
CA ILE B 28 14.15 -17.50 28.08
C ILE B 28 14.74 -18.47 27.08
N ALA B 29 14.04 -19.58 26.81
CA ALA B 29 14.54 -20.59 25.90
C ALA B 29 14.38 -20.16 24.44
N THR B 30 15.45 -20.36 23.64
CA THR B 30 15.44 -20.08 22.19
C THR B 30 14.81 -21.33 21.58
N GLU B 31 13.55 -21.22 21.15
CA GLU B 31 12.75 -22.37 20.70
C GLU B 31 12.31 -22.28 19.24
N GLU B 32 12.73 -23.30 18.44
CA GLU B 32 12.41 -23.39 17.02
C GLU B 32 11.56 -24.64 16.73
N VAL B 33 10.48 -24.39 15.98
CA VAL B 33 9.49 -25.35 15.47
C VAL B 33 10.01 -25.79 14.08
N THR B 34 10.30 -27.10 13.94
CA THR B 34 10.85 -27.71 12.72
C THR B 34 9.78 -28.52 11.93
N CYS B 35 10.08 -28.83 10.67
CA CYS B 35 9.21 -29.56 9.77
C CYS B 35 9.96 -30.65 9.03
N ASP B 36 9.28 -31.80 8.75
CA ASP B 36 9.79 -32.96 8.03
C ASP B 36 8.69 -33.63 7.15
N PHE B 37 8.97 -33.84 5.84
CA PHE B 37 8.05 -34.46 4.86
C PHE B 37 8.14 -35.98 4.88
N ARG B 53 -3.75 -36.72 20.95
CA ARG B 53 -2.47 -37.33 21.22
C ARG B 53 -1.78 -36.60 22.37
N VAL B 54 -0.93 -35.59 22.06
CA VAL B 54 -0.21 -34.78 23.06
C VAL B 54 -1.05 -33.55 23.40
N SER B 55 -1.46 -33.43 24.68
CA SER B 55 -2.27 -32.31 25.16
C SER B 55 -1.41 -31.10 25.52
N ASN B 56 -2.07 -29.95 25.63
CA ASN B 56 -1.51 -28.68 26.11
C ASN B 56 -1.69 -28.66 27.64
N LYS B 57 -0.65 -28.26 28.42
CA LYS B 57 -0.72 -28.29 29.89
C LYS B 57 -1.57 -27.17 30.52
N TYR B 58 -1.94 -26.16 29.74
CA TYR B 58 -2.74 -25.03 30.21
C TYR B 58 -4.22 -25.09 29.81
N MSE B 59 -4.61 -26.11 29.03
CA MSE B 59 -5.96 -26.35 28.46
C MSE B 59 -6.27 -25.33 27.37
O MSE B 59 -7.44 -25.14 27.01
CB MSE B 59 -7.09 -26.36 29.51
CG MSE B 59 -6.92 -27.35 30.62
SE MSE B 59 -8.08 -27.03 32.19
CE MSE B 59 -7.30 -25.40 32.84
N TRP B 60 -5.26 -24.65 26.85
CA TRP B 60 -5.45 -23.65 25.82
C TRP B 60 -5.93 -24.32 24.52
N SER B 61 -6.78 -23.60 23.77
CA SER B 61 -7.42 -24.09 22.55
C SER B 61 -7.86 -22.93 21.71
N ALA B 62 -8.60 -23.22 20.63
CA ALA B 62 -9.12 -22.24 19.68
C ALA B 62 -10.05 -21.23 20.36
N SER B 63 -10.71 -21.64 21.45
CA SER B 63 -11.62 -20.79 22.22
C SER B 63 -10.87 -19.87 23.22
N THR B 64 -9.56 -20.11 23.46
CA THR B 64 -8.77 -19.29 24.37
C THR B 64 -8.45 -17.94 23.70
N MSE B 65 -8.49 -16.86 24.53
CA MSE B 65 -8.22 -15.47 24.16
C MSE B 65 -6.77 -15.18 24.44
O MSE B 65 -6.30 -15.33 25.58
CB MSE B 65 -9.12 -14.50 24.92
CG MSE B 65 -9.15 -13.09 24.31
SE MSE B 65 -9.90 -11.75 25.52
CE MSE B 65 -8.95 -10.24 25.04
N GLU B 66 -6.06 -14.78 23.39
CA GLU B 66 -4.65 -14.40 23.43
C GLU B 66 -4.47 -13.09 24.19
N TYR B 67 -3.25 -12.91 24.71
CA TYR B 67 -2.89 -11.71 25.41
C TYR B 67 -2.08 -10.79 24.48
N ASN B 68 -2.49 -9.50 24.37
CA ASN B 68 -1.80 -8.46 23.62
C ASN B 68 -1.48 -7.28 24.52
N PHE B 69 -0.17 -6.96 24.69
CA PHE B 69 0.28 -5.82 25.51
C PHE B 69 -0.25 -4.50 24.95
N SER B 70 -0.40 -4.44 23.62
CA SER B 70 -0.89 -3.28 22.87
C SER B 70 -2.39 -3.05 23.10
N ASP B 71 -3.12 -4.07 23.63
CA ASP B 71 -4.55 -3.98 23.92
C ASP B 71 -4.84 -3.74 25.40
N GLN B 72 -3.87 -4.06 26.28
CA GLN B 72 -4.01 -3.92 27.73
C GLN B 72 -4.30 -2.50 28.13
N LYS B 73 -5.46 -2.31 28.77
CA LYS B 73 -5.93 -1.04 29.27
C LYS B 73 -5.86 -1.05 30.79
N TRP B 74 -5.63 0.14 31.37
CA TRP B 74 -5.59 0.36 32.81
C TRP B 74 -6.81 1.18 33.23
N THR B 75 -7.43 0.85 34.40
CA THR B 75 -8.62 1.52 34.94
C THR B 75 -8.38 3.02 35.13
N SER B 76 -9.44 3.82 34.95
CA SER B 76 -9.38 5.26 35.15
C SER B 76 -9.49 5.59 36.65
N ASN B 77 -9.92 4.59 37.44
CA ASN B 77 -10.10 4.70 38.89
C ASN B 77 -8.76 4.64 39.65
N THR B 78 -8.33 5.80 40.19
CA THR B 78 -7.12 5.97 41.03
C THR B 78 -7.21 5.09 42.29
N GLU B 79 -8.44 4.97 42.81
CA GLU B 79 -8.76 4.25 44.05
C GLU B 79 -9.16 2.80 43.81
N ILE B 80 -8.76 2.23 42.67
CA ILE B 80 -9.06 0.84 42.29
C ILE B 80 -8.62 -0.15 43.39
N PHE B 81 -7.41 0.00 43.93
CA PHE B 81 -6.90 -0.92 44.96
C PHE B 81 -7.86 -1.07 46.18
N SER B 82 -8.54 0.03 46.58
CA SER B 82 -9.46 -0.01 47.71
C SER B 82 -10.78 -0.73 47.38
N THR B 83 -11.01 -1.08 46.09
CA THR B 83 -12.21 -1.81 45.71
C THR B 83 -12.00 -3.31 45.98
N TYR B 84 -10.76 -3.74 46.23
CA TYR B 84 -10.49 -5.14 46.46
C TYR B 84 -10.78 -5.55 47.90
N ALA B 85 -11.45 -6.71 48.05
CA ALA B 85 -11.75 -7.29 49.35
C ALA B 85 -10.45 -7.72 49.99
N LYS B 86 -10.36 -7.57 51.32
CA LYS B 86 -9.17 -7.96 52.08
C LYS B 86 -9.39 -9.29 52.76
N THR B 87 -8.31 -10.02 53.08
CA THR B 87 -8.38 -11.23 53.91
C THR B 87 -8.54 -10.75 55.36
N SER B 88 -8.81 -11.68 56.31
CA SER B 88 -8.91 -11.32 57.73
C SER B 88 -7.56 -10.77 58.24
N GLU B 89 -6.45 -11.06 57.50
CA GLU B 89 -5.10 -10.61 57.85
C GLU B 89 -4.74 -9.26 57.19
N GLY B 90 -5.60 -8.71 56.33
CA GLY B 90 -5.39 -7.42 55.69
C GLY B 90 -4.70 -7.40 54.34
N PHE B 91 -4.62 -8.55 53.67
CA PHE B 91 -4.00 -8.66 52.34
C PHE B 91 -5.04 -8.75 51.26
N VAL B 92 -4.69 -8.33 50.06
CA VAL B 92 -5.52 -8.54 48.90
C VAL B 92 -5.01 -9.85 48.24
N MSE B 93 -5.91 -10.81 48.03
CA MSE B 93 -5.58 -12.08 47.40
C MSE B 93 -5.35 -11.85 45.93
O MSE B 93 -6.03 -11.03 45.31
CB MSE B 93 -6.70 -13.09 47.61
CG MSE B 93 -6.60 -13.84 48.95
SE MSE B 93 -5.14 -15.15 49.15
CE MSE B 93 -5.15 -15.93 47.39
N SER B 94 -4.37 -12.57 45.36
CA SER B 94 -4.03 -12.46 43.94
C SER B 94 -5.13 -13.03 43.07
N GLY B 95 -5.11 -12.64 41.80
CA GLY B 95 -6.03 -13.17 40.81
C GLY B 95 -5.48 -14.52 40.41
N PHE B 96 -6.20 -15.23 39.55
CA PHE B 96 -5.73 -16.52 39.09
C PHE B 96 -6.06 -16.69 37.61
N LEU B 97 -5.08 -16.45 36.74
CA LEU B 97 -5.25 -16.59 35.31
C LEU B 97 -5.34 -18.07 34.93
N LEU B 98 -6.47 -18.44 34.38
CA LEU B 98 -6.70 -19.82 34.06
C LEU B 98 -7.55 -19.91 32.80
N ASN B 99 -6.87 -20.23 31.67
CA ASN B 99 -7.45 -20.42 30.36
C ASN B 99 -8.47 -19.29 30.05
N PRO B 100 -8.01 -18.03 29.84
CA PRO B 100 -8.98 -16.94 29.62
C PRO B 100 -9.66 -17.10 28.27
N LYS B 101 -10.98 -17.21 28.31
CA LYS B 101 -11.75 -17.39 27.09
C LYS B 101 -12.36 -16.05 26.63
N GLY B 102 -12.33 -15.04 27.50
CA GLY B 102 -12.85 -13.71 27.18
C GLY B 102 -12.28 -12.60 28.04
N GLN B 103 -12.63 -11.35 27.69
CA GLN B 103 -12.17 -10.15 28.41
C GLN B 103 -12.46 -10.21 29.91
N SER B 104 -13.65 -10.67 30.32
CA SER B 104 -14.07 -10.77 31.72
C SER B 104 -13.09 -11.62 32.56
N ASN B 105 -12.47 -12.65 31.95
CA ASN B 105 -11.50 -13.54 32.59
C ASN B 105 -10.21 -12.80 32.92
N TYR B 106 -9.78 -11.88 32.03
CA TYR B 106 -8.58 -11.05 32.21
C TYR B 106 -8.83 -9.95 33.23
N ASN B 107 -10.07 -9.41 33.23
CA ASN B 107 -10.52 -8.34 34.14
C ASN B 107 -10.49 -8.76 35.58
N SER B 108 -10.89 -10.03 35.84
CA SER B 108 -10.94 -10.55 37.20
C SER B 108 -9.58 -11.15 37.64
N ALA B 109 -8.72 -11.59 36.71
CA ALA B 109 -7.41 -12.16 37.04
C ALA B 109 -6.35 -11.06 37.34
N LEU B 110 -6.56 -9.82 36.84
CA LEU B 110 -5.66 -8.70 37.06
C LEU B 110 -5.84 -8.10 38.43
N ARG B 111 -4.70 -7.60 38.98
CA ARG B 111 -4.63 -6.80 40.20
C ARG B 111 -3.85 -5.58 39.80
N GLU B 112 -4.46 -4.40 39.92
CA GLU B 112 -3.81 -3.16 39.55
C GLU B 112 -4.08 -2.09 40.61
N GLY B 113 -3.29 -1.03 40.59
CA GLY B 113 -3.42 0.06 41.53
C GLY B 113 -2.50 1.22 41.22
N TYR B 114 -2.71 2.35 41.88
CA TYR B 114 -1.90 3.57 41.73
C TYR B 114 -1.30 3.86 43.10
N LEU B 115 0.04 3.81 43.24
CA LEU B 115 0.65 3.96 44.55
C LEU B 115 0.56 5.41 45.11
N ASN B 116 -0.21 6.29 44.45
CA ASN B 116 -0.48 7.66 44.90
C ASN B 116 -1.95 7.76 45.34
N ASP B 117 -2.62 6.61 45.57
CA ASP B 117 -4.01 6.57 46.04
C ASP B 117 -4.05 6.82 47.58
N SER B 118 -5.28 6.90 48.15
CA SER B 118 -5.50 7.16 49.58
C SER B 118 -5.07 5.98 50.48
N ALA B 119 -5.01 4.77 49.93
CA ALA B 119 -4.67 3.54 50.65
C ALA B 119 -3.19 3.38 50.94
N TYR B 120 -2.32 4.03 50.12
CA TYR B 120 -0.87 3.87 50.22
C TYR B 120 -0.26 4.24 51.57
N ASP B 121 -0.62 5.41 52.14
CA ASP B 121 0.01 5.92 53.36
C ASP B 121 -0.19 5.04 54.62
N GLU B 122 -1.32 4.31 54.73
CA GLU B 122 -1.60 3.45 55.90
C GLU B 122 -0.43 2.52 56.25
N ASN B 123 0.08 1.70 55.29
CA ASN B 123 1.17 0.78 55.60
C ASN B 123 2.37 0.99 54.68
N GLN B 124 2.40 2.15 53.98
CA GLN B 124 3.43 2.53 53.00
C GLN B 124 3.60 1.45 51.92
N GLY B 125 2.49 1.15 51.24
CA GLY B 125 2.46 0.17 50.18
C GLY B 125 1.12 -0.52 49.99
N HIS B 126 1.03 -1.29 48.89
CA HIS B 126 -0.09 -2.17 48.51
C HIS B 126 0.38 -3.60 48.76
N TYR B 127 -0.28 -4.28 49.69
CA TYR B 127 0.04 -5.59 50.20
C TYR B 127 -0.92 -6.65 49.70
N TYR B 128 -0.34 -7.67 49.05
CA TYR B 128 -1.05 -8.79 48.45
C TYR B 128 -0.56 -10.10 48.98
N GLN B 129 -1.35 -11.15 48.81
CA GLN B 129 -1.00 -12.52 49.12
C GLN B 129 -1.08 -13.31 47.81
N CYS B 130 -0.15 -14.23 47.60
CA CYS B 130 -0.09 -15.07 46.43
C CYS B 130 0.20 -16.49 46.86
N VAL B 131 -0.72 -17.38 46.56
CA VAL B 131 -0.62 -18.78 46.89
C VAL B 131 -0.24 -19.57 45.58
N VAL B 132 0.84 -20.39 45.61
CA VAL B 132 1.28 -21.19 44.46
C VAL B 132 1.17 -22.67 44.87
N SER B 133 0.35 -23.48 44.18
CA SER B 133 0.21 -24.89 44.54
C SER B 133 0.58 -25.85 43.39
N ASP B 134 0.51 -25.35 42.15
CA ASP B 134 0.76 -26.11 40.92
C ASP B 134 1.90 -25.50 40.10
N GLU B 135 2.90 -26.33 39.72
CA GLU B 135 4.06 -25.94 38.89
C GLU B 135 3.65 -25.38 37.52
N ASP B 136 2.46 -25.74 37.03
CA ASP B 136 1.89 -25.27 35.76
C ASP B 136 1.16 -23.92 35.92
N CYS B 137 0.88 -23.52 37.16
CA CYS B 137 0.17 -22.29 37.51
C CYS B 137 0.96 -21.52 38.58
N ASN B 138 2.30 -21.49 38.45
CA ASN B 138 3.25 -20.89 39.38
C ASN B 138 3.76 -19.54 38.87
N ASN B 139 3.11 -18.98 37.85
CA ASN B 139 3.54 -17.75 37.23
C ASN B 139 3.10 -16.47 37.91
N ILE B 140 3.97 -15.45 37.87
CA ILE B 140 3.60 -14.10 38.24
C ILE B 140 4.15 -13.23 37.13
N THR B 141 3.29 -12.36 36.54
CA THR B 141 3.70 -11.44 35.50
C THR B 141 3.38 -10.04 36.01
N PHE B 142 4.42 -9.20 36.14
CA PHE B 142 4.36 -7.83 36.62
C PHE B 142 4.51 -6.86 35.50
N MSE B 143 3.84 -5.72 35.60
CA MSE B 143 3.94 -4.60 34.63
C MSE B 143 4.06 -3.35 35.46
O MSE B 143 3.05 -2.91 36.03
CB MSE B 143 2.73 -4.55 33.68
CG MSE B 143 2.63 -5.72 32.75
SE MSE B 143 1.25 -6.92 33.30
CE MSE B 143 1.02 -7.70 31.68
N LEU B 144 5.27 -2.86 35.63
CA LEU B 144 5.56 -1.72 36.53
C LEU B 144 5.91 -0.44 35.78
N GLU B 145 5.25 0.66 36.16
CA GLU B 145 5.57 1.98 35.61
C GLU B 145 6.87 2.49 36.30
N SER B 146 7.42 3.62 35.83
CA SER B 146 8.71 4.15 36.28
C SER B 146 8.88 4.38 37.82
N ASN B 147 7.83 4.72 38.56
CA ASN B 147 8.01 4.98 39.98
C ASN B 147 7.59 3.79 40.89
N VAL B 148 7.49 2.57 40.34
CA VAL B 148 7.04 1.41 41.11
C VAL B 148 8.15 0.35 41.29
N ASN B 149 8.26 -0.15 42.53
CA ASN B 149 9.11 -1.26 42.97
C ASN B 149 8.22 -2.36 43.52
N VAL B 150 8.57 -3.63 43.30
CA VAL B 150 7.79 -4.74 43.85
C VAL B 150 8.76 -5.63 44.67
N PHE B 151 8.24 -6.19 45.74
CA PHE B 151 8.95 -7.03 46.68
C PHE B 151 8.15 -8.27 46.90
N ILE B 152 8.80 -9.43 46.90
CA ILE B 152 8.12 -10.71 47.18
C ILE B 152 8.76 -11.27 48.45
N PHE B 153 7.91 -11.66 49.41
CA PHE B 153 8.29 -12.25 50.69
C PHE B 153 7.79 -13.66 50.73
N ASP B 154 8.49 -14.54 51.46
CA ASP B 154 8.06 -15.91 51.62
C ASP B 154 7.09 -15.99 52.84
N ASN B 155 6.69 -17.23 53.22
CA ASN B 155 5.76 -17.51 54.29
C ASN B 155 6.26 -17.05 55.66
N ASP B 156 7.60 -16.91 55.84
CA ASP B 156 8.15 -16.42 57.09
C ASP B 156 8.38 -14.91 57.05
N ILE B 157 7.93 -14.23 55.97
CA ILE B 157 8.06 -12.76 55.80
C ILE B 157 9.54 -12.38 55.61
N ASN B 158 10.28 -13.21 54.87
CA ASN B 158 11.67 -12.92 54.52
C ASN B 158 11.71 -12.56 53.05
N LEU B 159 12.44 -11.50 52.70
CA LEU B 159 12.52 -11.01 51.34
C LEU B 159 13.19 -12.02 50.41
N ILE B 160 12.48 -12.41 49.32
CA ILE B 160 12.98 -13.39 48.34
C ILE B 160 13.10 -12.78 46.94
N TYR B 161 12.63 -11.51 46.74
CA TYR B 161 12.71 -10.83 45.44
C TYR B 161 12.44 -9.34 45.58
N ARG B 162 13.20 -8.51 44.81
CA ARG B 162 13.02 -7.06 44.67
C ARG B 162 13.28 -6.68 43.19
N SER B 163 12.36 -5.93 42.56
CA SER B 163 12.49 -5.56 41.15
C SER B 163 13.46 -4.45 40.89
N SER B 164 13.78 -3.61 41.92
CA SER B 164 14.70 -2.46 41.84
C SER B 164 16.00 -2.79 41.12
N ASP B 165 16.65 -3.91 41.49
CA ASP B 165 17.88 -4.38 40.83
C ASP B 165 17.71 -5.87 40.40
N GLU B 166 16.47 -6.40 40.51
CA GLU B 166 16.10 -7.77 40.14
C GLU B 166 17.01 -8.78 40.85
N ALA B 167 17.00 -8.72 42.17
CA ALA B 167 17.76 -9.59 43.07
C ALA B 167 16.79 -10.48 43.84
N GLY B 168 17.21 -11.71 44.13
CA GLY B 168 16.39 -12.65 44.87
C GLY B 168 17.07 -13.87 45.42
N VAL B 169 16.28 -14.70 46.15
CA VAL B 169 16.78 -15.97 46.70
C VAL B 169 16.43 -17.03 45.65
N THR B 170 17.46 -17.50 44.91
CA THR B 170 17.29 -18.37 43.74
C THR B 170 16.59 -19.70 44.01
N SER B 171 16.65 -20.23 45.25
CA SER B 171 16.04 -21.51 45.58
C SER B 171 14.49 -21.51 45.42
N TYR B 172 13.86 -20.31 45.43
CA TYR B 172 12.42 -20.08 45.29
C TYR B 172 11.99 -19.92 43.85
N PHE B 173 12.95 -19.84 42.93
CA PHE B 173 12.65 -19.63 41.53
C PHE B 173 12.90 -20.84 40.70
N ASP B 174 11.96 -21.06 39.76
CA ASP B 174 11.98 -22.10 38.73
C ASP B 174 12.46 -21.44 37.46
N ARG B 175 12.11 -20.14 37.29
CA ARG B 175 12.44 -19.36 36.12
C ARG B 175 12.31 -17.87 36.40
N TYR B 176 13.01 -17.05 35.58
CA TYR B 176 13.06 -15.60 35.67
C TYR B 176 13.27 -15.01 34.31
N TYR B 177 12.45 -14.01 33.96
CA TYR B 177 12.51 -13.29 32.69
C TYR B 177 12.07 -11.86 32.91
N SER B 178 12.75 -10.92 32.26
CA SER B 178 12.50 -9.50 32.38
C SER B 178 12.65 -8.81 31.02
N THR B 179 11.81 -7.81 30.73
CA THR B 179 11.88 -7.02 29.49
C THR B 179 11.19 -5.65 29.69
N THR B 180 10.89 -4.97 28.60
CA THR B 180 10.22 -3.68 28.57
C THR B 180 9.15 -3.75 27.49
N LYS B 181 7.94 -3.29 27.81
CA LYS B 181 6.86 -3.23 26.82
C LYS B 181 6.16 -1.90 26.95
N THR B 182 5.58 -1.42 25.85
CA THR B 182 4.79 -0.21 25.85
C THR B 182 3.35 -0.64 26.11
N ILE B 183 2.84 -0.30 27.31
CA ILE B 183 1.48 -0.63 27.72
C ILE B 183 0.77 0.70 27.93
N ALA B 184 -0.39 0.90 27.24
CA ALA B 184 -1.19 2.13 27.32
C ALA B 184 -0.32 3.39 27.17
N GLY B 185 0.46 3.42 26.08
CA GLY B 185 1.38 4.49 25.69
C GLY B 185 2.52 4.85 26.62
N THR B 186 2.83 3.98 27.60
CA THR B 186 3.90 4.19 28.58
C THR B 186 4.78 2.95 28.62
N SER B 187 6.10 3.16 28.77
CA SER B 187 7.10 2.09 28.90
CA SER B 187 7.03 2.04 28.87
C SER B 187 6.94 1.42 30.28
N ASN B 188 6.79 0.09 30.31
CA ASN B 188 6.66 -0.66 31.54
C ASN B 188 7.76 -1.69 31.67
N LYS B 189 8.28 -1.88 32.90
CA LYS B 189 9.18 -2.99 33.22
C LYS B 189 8.29 -4.24 33.28
N VAL B 190 8.50 -5.21 32.36
CA VAL B 190 7.66 -6.41 32.34
C VAL B 190 8.50 -7.57 32.82
N ILE B 191 8.08 -8.17 33.94
CA ILE B 191 8.75 -9.29 34.60
C ILE B 191 7.80 -10.48 34.64
N SER B 192 8.30 -11.68 34.27
CA SER B 192 7.62 -12.96 34.34
C SER B 192 8.55 -13.91 35.03
N LEU B 193 8.07 -14.48 36.13
CA LEU B 193 8.83 -15.38 36.96
C LEU B 193 7.91 -16.53 37.38
N GLY B 194 8.52 -17.64 37.82
CA GLY B 194 7.85 -18.83 38.27
C GLY B 194 8.40 -19.24 39.62
N LEU B 195 7.50 -19.39 40.60
CA LEU B 195 7.90 -19.72 41.96
C LEU B 195 7.67 -21.16 42.30
N ILE B 196 8.42 -21.68 43.27
CA ILE B 196 8.19 -23.02 43.83
C ILE B 196 6.85 -22.95 44.65
N ASP B 197 6.23 -24.11 44.92
CA ASP B 197 4.99 -24.13 45.68
C ASP B 197 5.17 -23.51 47.04
N GLY B 198 4.21 -22.70 47.46
CA GLY B 198 4.23 -22.04 48.74
C GLY B 198 3.31 -20.86 48.85
N ASN B 199 3.37 -20.20 50.01
CA ASN B 199 2.61 -19.00 50.33
C ASN B 199 3.60 -17.79 50.28
N TYR B 200 3.14 -16.71 49.62
CA TYR B 200 3.94 -15.54 49.37
C TYR B 200 3.15 -14.30 49.59
N TYR B 201 3.89 -13.21 49.87
CA TYR B 201 3.34 -11.88 50.01
C TYR B 201 4.02 -10.99 49.00
N ILE B 202 3.24 -10.11 48.36
CA ILE B 202 3.69 -9.20 47.30
C ILE B 202 3.40 -7.78 47.76
N VAL B 203 4.44 -6.95 47.82
CA VAL B 203 4.32 -5.57 48.27
C VAL B 203 4.80 -4.64 47.18
N PHE B 204 3.98 -3.62 46.85
CA PHE B 204 4.32 -2.59 45.86
C PHE B 204 4.61 -1.28 46.61
N LYS B 205 5.78 -0.69 46.35
CA LYS B 205 6.21 0.55 46.99
C LYS B 205 6.72 1.55 45.94
N VAL B 206 6.67 2.84 46.26
CA VAL B 206 7.14 3.89 45.35
C VAL B 206 8.65 3.93 45.33
N LYS B 207 9.24 4.33 44.20
CA LYS B 207 10.68 4.54 44.08
C LYS B 207 11.02 5.88 44.74
N ASP B 208 10.40 6.97 44.23
CA ASP B 208 10.58 8.34 44.68
C ASP B 208 9.20 8.93 44.98
N ALA B 209 8.94 9.24 46.25
CA ALA B 209 7.67 9.81 46.70
C ALA B 209 7.40 11.23 46.13
N THR B 210 8.43 11.87 45.52
CA THR B 210 8.31 13.19 44.91
C THR B 210 8.13 13.13 43.37
N ALA B 211 8.08 11.91 42.77
CA ALA B 211 7.90 11.77 41.33
C ALA B 211 6.51 12.25 40.89
N THR B 212 6.45 12.83 39.68
CA THR B 212 5.22 13.40 39.14
C THR B 212 4.34 12.31 38.50
N THR B 213 4.95 11.26 37.89
CA THR B 213 4.25 10.16 37.22
C THR B 213 4.87 8.79 37.56
N GLY B 214 4.30 7.76 36.93
CA GLY B 214 4.71 6.36 37.02
C GLY B 214 4.30 5.58 38.25
N TYR B 215 3.11 5.89 38.82
CA TYR B 215 2.60 5.27 40.05
C TYR B 215 1.75 3.99 39.84
N HIS B 216 1.54 3.56 38.59
CA HIS B 216 0.71 2.40 38.32
C HIS B 216 1.51 1.11 38.25
N TYR B 217 0.86 0.00 38.64
CA TYR B 217 1.36 -1.35 38.55
C TYR B 217 0.19 -2.25 38.16
N GLY B 218 0.50 -3.33 37.50
CA GLY B 218 -0.47 -4.36 37.12
C GLY B 218 0.19 -5.70 37.33
N TYR B 219 -0.57 -6.74 37.59
CA TYR B 219 0.01 -8.08 37.70
C TYR B 219 -1.01 -9.17 37.59
N TYR B 220 -0.54 -10.32 37.06
CA TYR B 220 -1.25 -11.57 36.87
C TYR B 220 -0.53 -12.74 37.54
N ALA B 221 -1.27 -13.56 38.29
CA ALA B 221 -0.76 -14.77 38.90
C ALA B 221 -1.54 -15.94 38.32
N GLY B 222 -1.00 -17.13 38.41
CA GLY B 222 -1.66 -18.33 37.89
C GLY B 222 -0.87 -18.83 36.72
N GLN B 223 -1.52 -19.01 35.59
CA GLN B 223 -0.93 -19.48 34.35
C GLN B 223 -0.16 -18.38 33.71
N PRO B 224 0.86 -18.68 32.84
CA PRO B 224 1.52 -17.61 32.09
C PRO B 224 0.56 -17.02 31.10
N LEU B 225 0.91 -15.88 30.55
CA LEU B 225 0.04 -15.26 29.55
C LEU B 225 0.06 -16.05 28.23
N PRO B 226 -1.12 -16.33 27.60
CA PRO B 226 -1.11 -17.03 26.30
C PRO B 226 -0.81 -16.05 25.14
N ILE B 227 0.34 -16.26 24.44
CA ILE B 227 0.78 -15.36 23.35
C ILE B 227 0.56 -16.02 21.97
N ALA B 228 -0.16 -15.34 21.07
CA ALA B 228 -0.42 -15.90 19.73
C ALA B 228 0.86 -15.92 18.88
N GLN B 229 1.09 -17.06 18.23
CA GLN B 229 2.23 -17.32 17.34
C GLN B 229 1.74 -17.93 16.07
N THR B 230 2.56 -17.80 15.04
CA THR B 230 2.21 -18.32 13.73
C THR B 230 3.49 -18.83 13.03
N THR B 231 3.37 -19.96 12.33
CA THR B 231 4.50 -20.57 11.63
C THR B 231 3.99 -21.17 10.36
N THR B 232 4.66 -20.85 9.25
CA THR B 232 4.37 -21.32 7.88
C THR B 232 5.53 -22.20 7.43
N PHE B 233 5.18 -23.37 6.86
CA PHE B 233 6.16 -24.37 6.42
C PHE B 233 6.27 -24.40 4.90
N SER B 234 7.50 -24.39 4.41
CA SER B 234 7.86 -24.32 3.00
C SER B 234 7.56 -25.61 2.22
N ASP B 235 7.53 -26.78 2.91
CA ASP B 235 7.20 -28.07 2.29
C ASP B 235 5.77 -28.09 1.79
N LEU B 236 5.58 -28.51 0.52
CA LEU B 236 4.27 -28.59 -0.13
C LEU B 236 3.38 -29.70 0.45
N THR B 237 2.13 -29.32 0.71
CA THR B 237 1.04 -30.21 1.14
C THR B 237 0.02 -30.24 0.01
N HIS B 238 -0.97 -31.16 0.06
CA HIS B 238 -2.01 -31.32 -1.00
C HIS B 238 -1.41 -31.29 -2.41
N TYR B 239 -0.14 -31.73 -2.58
CA TYR B 239 0.54 -31.62 -3.87
C TYR B 239 0.52 -32.94 -4.64
N THR B 240 -0.18 -32.95 -5.79
CA THR B 240 -0.32 -34.10 -6.69
C THR B 240 -0.88 -33.66 -8.02
N THR B 241 -0.69 -34.48 -9.08
CA THR B 241 -1.31 -34.29 -10.39
C THR B 241 -2.34 -35.42 -10.56
N ILE B 242 -3.64 -35.08 -10.61
CA ILE B 242 -4.71 -36.05 -10.80
C ILE B 242 -5.14 -35.97 -12.28
N LYS B 243 -4.97 -37.07 -13.01
CA LYS B 243 -5.37 -37.15 -14.41
C LYS B 243 -6.74 -37.83 -14.51
N TRP B 244 -7.68 -37.25 -15.30
CA TRP B 244 -9.03 -37.80 -15.49
C TRP B 244 -8.95 -39.25 -16.00
N ASN B 245 -9.63 -40.19 -15.30
CA ASN B 245 -9.64 -41.63 -15.60
C ASN B 245 -10.60 -41.99 -16.75
N ARG B 246 -11.12 -40.96 -17.45
CA ARG B 246 -12.02 -41.02 -18.61
C ARG B 246 -13.42 -41.63 -18.29
N SER B 247 -13.77 -41.84 -16.99
CA SER B 247 -15.07 -42.42 -16.65
C SER B 247 -15.75 -41.77 -15.41
N SER B 248 -15.06 -41.72 -14.25
CA SER B 248 -15.64 -41.18 -13.02
C SER B 248 -15.76 -39.65 -13.03
N SER B 249 -16.74 -39.13 -12.25
CA SER B 249 -17.10 -37.72 -12.07
C SER B 249 -16.24 -37.02 -10.99
N SER B 250 -15.63 -37.84 -10.11
CA SER B 250 -14.77 -37.40 -9.03
C SER B 250 -13.61 -38.39 -8.82
N GLN B 251 -12.45 -37.86 -8.46
CA GLN B 251 -11.21 -38.61 -8.20
C GLN B 251 -10.50 -38.02 -6.99
N SER B 252 -10.01 -38.91 -6.12
CA SER B 252 -9.32 -38.55 -4.89
C SER B 252 -7.89 -39.04 -4.87
N ALA B 253 -7.03 -38.38 -4.05
CA ALA B 253 -5.65 -38.76 -3.86
C ALA B 253 -5.15 -38.32 -2.48
N SER B 254 -4.53 -39.25 -1.74
CA SER B 254 -3.94 -38.94 -0.46
C SER B 254 -2.61 -38.30 -0.75
N THR B 255 -2.36 -37.14 -0.13
CA THR B 255 -1.17 -36.35 -0.39
C THR B 255 -0.24 -36.37 0.84
N GLN B 256 0.75 -35.46 0.86
CA GLN B 256 1.82 -35.35 1.85
C GLN B 256 1.38 -35.21 3.28
N THR B 257 2.18 -35.79 4.18
CA THR B 257 2.02 -35.70 5.63
C THR B 257 3.25 -34.97 6.17
N LEU B 258 3.00 -33.90 6.96
CA LEU B 258 4.08 -33.14 7.58
C LEU B 258 4.19 -33.51 9.01
N THR B 259 5.42 -33.67 9.48
CA THR B 259 5.71 -33.94 10.89
C THR B 259 6.27 -32.65 11.46
N ILE B 260 5.54 -32.09 12.44
CA ILE B 260 5.92 -30.83 13.08
C ILE B 260 6.55 -31.17 14.41
N ASN B 261 7.77 -30.64 14.63
CA ASN B 261 8.55 -30.93 15.83
C ASN B 261 8.82 -29.71 16.70
N CYS B 262 8.61 -29.91 17.99
CA CYS B 262 8.86 -28.90 19.02
C CYS B 262 10.10 -29.31 19.77
N PRO B 263 10.84 -28.33 20.37
CA PRO B 263 12.03 -28.70 21.16
C PRO B 263 11.65 -29.68 22.25
N SER B 264 12.47 -30.72 22.45
CA SER B 264 12.20 -31.77 23.44
C SER B 264 11.84 -31.18 24.83
N GLY B 265 10.75 -31.72 25.40
CA GLY B 265 10.25 -31.31 26.70
C GLY B 265 9.29 -30.13 26.70
N SER B 266 9.21 -29.40 25.59
CA SER B 266 8.34 -28.23 25.48
C SER B 266 7.08 -28.50 24.63
N GLU B 267 6.88 -29.74 24.15
CA GLU B 267 5.73 -30.09 23.31
C GLU B 267 4.41 -29.60 23.90
N ASP B 268 4.21 -29.80 25.23
CA ASP B 268 2.98 -29.43 25.94
C ASP B 268 2.81 -27.91 26.23
N GLU B 269 3.76 -27.07 25.81
CA GLU B 269 3.70 -25.61 26.01
C GLU B 269 3.10 -24.94 24.79
N TYR B 270 3.02 -25.69 23.67
CA TYR B 270 2.47 -25.29 22.35
C TYR B 270 1.03 -25.76 22.25
N ALA B 271 0.08 -24.83 22.05
CA ALA B 271 -1.35 -25.16 21.93
C ALA B 271 -1.90 -24.72 20.57
N LEU B 272 -2.29 -25.70 19.73
CA LEU B 272 -2.87 -25.48 18.40
C LEU B 272 -4.18 -24.71 18.50
N THR B 273 -4.33 -23.60 17.74
CA THR B 273 -5.57 -22.81 17.78
C THR B 273 -6.21 -22.67 16.37
N GLY B 274 -5.41 -22.91 15.35
CA GLY B 274 -5.89 -22.80 13.99
C GLY B 274 -4.92 -23.36 12.99
N VAL B 275 -5.49 -23.81 11.86
CA VAL B 275 -4.73 -24.35 10.75
C VAL B 275 -5.15 -23.63 9.46
N LYS B 276 -4.17 -23.13 8.70
CA LYS B 276 -4.45 -22.45 7.43
C LYS B 276 -3.58 -23.06 6.32
N PHE B 277 -4.20 -23.30 5.16
CA PHE B 277 -3.48 -23.77 3.96
C PHE B 277 -3.60 -22.75 2.89
N SER B 278 -2.47 -22.20 2.44
CA SER B 278 -2.45 -21.22 1.36
C SER B 278 -2.38 -21.98 0.04
N ASP B 279 -3.35 -21.77 -0.86
CA ASP B 279 -3.43 -22.43 -2.18
C ASP B 279 -2.39 -21.82 -3.11
N LYS B 280 -1.50 -22.66 -3.65
CA LYS B 280 -0.42 -22.19 -4.53
C LYS B 280 -0.58 -22.69 -5.98
N SER B 281 -1.79 -23.14 -6.38
CA SER B 281 -2.01 -23.75 -7.70
C SER B 281 -2.72 -22.89 -8.76
N LYS B 282 -2.86 -21.56 -8.55
CA LYS B 282 -3.56 -20.71 -9.53
C LYS B 282 -3.00 -20.88 -10.94
N ALA B 283 -1.65 -20.92 -11.10
CA ALA B 283 -0.99 -21.02 -12.42
C ALA B 283 -1.33 -22.31 -13.20
N PHE B 284 -1.92 -23.32 -12.53
CA PHE B 284 -2.26 -24.57 -13.21
C PHE B 284 -3.68 -24.53 -13.80
N ALA B 285 -4.46 -23.45 -13.50
CA ALA B 285 -5.82 -23.18 -13.98
C ALA B 285 -6.69 -24.45 -13.96
N ASN B 286 -6.84 -25.05 -12.78
CA ASN B 286 -7.61 -26.26 -12.57
C ASN B 286 -9.12 -26.05 -12.79
N ASN B 287 -9.59 -24.77 -12.77
CA ASN B 287 -10.99 -24.36 -12.96
C ASN B 287 -11.52 -24.72 -14.37
N THR B 288 -10.60 -24.92 -15.33
CA THR B 288 -10.90 -25.21 -16.71
C THR B 288 -11.45 -26.65 -16.86
N TYR B 289 -11.07 -27.60 -15.99
CA TYR B 289 -11.57 -28.98 -16.08
C TYR B 289 -12.23 -29.49 -14.78
N ALA B 290 -12.14 -28.69 -13.70
CA ALA B 290 -12.76 -29.03 -12.41
C ALA B 290 -13.80 -28.00 -12.01
N SER B 291 -14.95 -28.48 -11.52
CA SER B 291 -16.06 -27.64 -11.05
C SER B 291 -15.67 -27.08 -9.68
N SER B 292 -14.99 -27.91 -8.87
CA SER B 292 -14.45 -27.60 -7.55
C SER B 292 -13.38 -28.64 -7.16
N ILE B 293 -12.59 -28.33 -6.13
CA ILE B 293 -11.60 -29.21 -5.52
C ILE B 293 -11.81 -29.11 -4.01
N ASP B 294 -11.93 -30.27 -3.35
CA ASP B 294 -12.09 -30.34 -1.89
C ASP B 294 -10.75 -30.70 -1.27
N TYR B 295 -10.42 -30.02 -0.18
CA TYR B 295 -9.15 -30.22 0.52
C TYR B 295 -9.41 -30.71 1.93
N TYR B 296 -8.68 -31.75 2.34
CA TYR B 296 -8.82 -32.38 3.64
C TYR B 296 -7.49 -32.43 4.34
N TYR B 297 -7.52 -32.59 5.67
CA TYR B 297 -6.32 -32.73 6.48
C TYR B 297 -6.64 -33.48 7.79
N THR B 298 -5.64 -34.11 8.40
CA THR B 298 -5.79 -34.75 9.70
C THR B 298 -4.86 -33.99 10.65
N PRO B 299 -5.39 -33.22 11.62
CA PRO B 299 -4.50 -32.49 12.54
C PRO B 299 -3.70 -33.44 13.42
N ALA B 300 -2.55 -32.97 13.96
CA ALA B 300 -1.74 -33.74 14.90
C ALA B 300 -2.56 -34.17 16.15
N THR B 301 -3.58 -33.36 16.48
CA THR B 301 -4.44 -33.48 17.66
C THR B 301 -5.67 -34.42 17.46
N ALA B 302 -5.75 -35.14 16.33
CA ALA B 302 -6.84 -36.09 16.03
C ALA B 302 -6.40 -37.19 15.06
N SER B 303 -7.24 -38.23 14.91
CA SER B 303 -7.02 -39.36 14.00
C SER B 303 -7.98 -39.29 12.81
N TYR B 304 -8.93 -38.34 12.82
CA TYR B 304 -9.94 -38.21 11.77
C TYR B 304 -9.66 -37.05 10.79
N SER B 305 -9.99 -37.26 9.49
CA SER B 305 -9.87 -36.27 8.43
C SER B 305 -10.98 -35.22 8.57
N LYS B 306 -10.69 -33.97 8.18
CA LYS B 306 -11.61 -32.83 8.23
C LYS B 306 -11.58 -32.08 6.92
N LYS B 307 -12.76 -31.70 6.39
CA LYS B 307 -12.78 -30.88 5.18
C LYS B 307 -12.38 -29.46 5.55
N LEU B 308 -11.41 -28.90 4.83
CA LEU B 308 -10.97 -27.54 5.07
C LEU B 308 -11.97 -26.58 4.45
N ALA B 309 -12.32 -25.52 5.17
CA ALA B 309 -13.28 -24.51 4.73
C ALA B 309 -12.62 -23.50 3.78
N GLN B 310 -13.23 -23.28 2.61
CA GLN B 310 -12.79 -22.33 1.59
C GLN B 310 -13.26 -20.95 1.99
N THR B 311 -12.33 -20.03 2.33
CA THR B 311 -12.67 -18.68 2.79
C THR B 311 -13.36 -17.82 1.70
N GLY B 312 -13.09 -18.11 0.42
CA GLY B 312 -13.67 -17.38 -0.69
C GLY B 312 -13.88 -18.27 -1.88
N GLY B 313 -13.47 -17.77 -3.04
CA GLY B 313 -13.58 -18.48 -4.31
C GLY B 313 -12.38 -19.35 -4.61
N TRP B 314 -12.09 -19.56 -5.90
CA TRP B 314 -10.96 -20.35 -6.35
C TRP B 314 -9.67 -19.77 -5.80
N TRP B 315 -8.81 -20.63 -5.26
CA TRP B 315 -7.46 -20.33 -4.75
C TRP B 315 -7.47 -19.50 -3.45
N SER B 316 -8.60 -19.49 -2.72
CA SER B 316 -8.68 -18.82 -1.43
C SER B 316 -8.13 -19.75 -0.36
N ASP B 317 -7.85 -19.21 0.84
CA ASP B 317 -7.31 -19.98 1.96
C ASP B 317 -8.28 -21.08 2.42
N LEU B 318 -7.70 -22.22 2.81
CA LEU B 318 -8.40 -23.41 3.27
C LEU B 318 -8.08 -23.54 4.74
N VAL B 319 -9.11 -23.33 5.59
CA VAL B 319 -8.92 -23.22 7.04
C VAL B 319 -9.69 -24.22 7.92
N ASP B 320 -9.13 -24.46 9.10
CA ASP B 320 -9.70 -25.12 10.26
C ASP B 320 -9.49 -24.12 11.40
N ASN B 321 -10.55 -23.38 11.70
CA ASN B 321 -10.53 -22.35 12.73
C ASN B 321 -10.88 -22.96 14.10
N ASN B 322 -11.30 -24.24 14.12
CA ASN B 322 -11.60 -24.93 15.37
C ASN B 322 -10.96 -26.35 15.37
N PRO B 323 -9.60 -26.45 15.34
CA PRO B 323 -9.00 -27.80 15.38
C PRO B 323 -9.10 -28.42 16.76
N PRO B 324 -9.00 -29.76 16.88
CA PRO B 324 -8.99 -30.37 18.23
C PRO B 324 -7.84 -29.79 19.08
N SER B 325 -8.09 -29.60 20.40
CA SER B 325 -7.12 -29.01 21.32
C SER B 325 -5.95 -29.97 21.61
N GLY B 326 -4.82 -29.38 22.01
CA GLY B 326 -3.61 -30.12 22.29
C GLY B 326 -2.39 -29.47 21.66
N SER B 327 -1.29 -30.22 21.57
CA SER B 327 -0.01 -29.74 21.05
C SER B 327 0.07 -29.74 19.54
N ILE B 328 0.85 -28.76 19.02
CA ILE B 328 1.12 -28.57 17.60
C ILE B 328 2.06 -29.68 17.08
N ASP B 329 2.80 -30.34 17.98
CA ASP B 329 3.76 -31.38 17.67
C ASP B 329 3.04 -32.61 17.17
N GLY B 330 3.47 -33.08 16.00
CA GLY B 330 2.89 -34.29 15.42
C GLY B 330 2.75 -34.26 13.91
N ASN B 331 1.93 -35.18 13.41
CA ASN B 331 1.67 -35.46 12.01
C ASN B 331 0.39 -34.81 11.50
N TYR B 332 0.50 -34.14 10.35
CA TYR B 332 -0.60 -33.50 9.64
C TYR B 332 -0.72 -34.13 8.26
N ALA B 333 -1.67 -35.07 8.11
CA ALA B 333 -1.94 -35.75 6.84
C ALA B 333 -2.80 -34.86 5.97
N THR B 334 -2.75 -35.02 4.65
CA THR B 334 -3.54 -34.21 3.73
C THR B 334 -4.03 -35.09 2.59
N SER B 335 -5.16 -34.71 1.96
CA SER B 335 -5.75 -35.41 0.81
C SER B 335 -6.63 -34.44 0.02
N VAL B 336 -6.90 -34.77 -1.25
CA VAL B 336 -7.69 -33.90 -2.13
C VAL B 336 -8.72 -34.73 -2.93
N THR B 337 -9.82 -34.07 -3.33
CA THR B 337 -10.86 -34.65 -4.17
C THR B 337 -11.19 -33.66 -5.28
N VAL B 338 -10.94 -34.08 -6.53
CA VAL B 338 -11.21 -33.29 -7.74
C VAL B 338 -12.61 -33.64 -8.25
N HIS B 339 -13.47 -32.64 -8.44
CA HIS B 339 -14.81 -32.82 -9.03
C HIS B 339 -14.74 -32.28 -10.44
N TRP B 340 -14.79 -33.17 -11.43
CA TRP B 340 -14.68 -32.77 -12.83
C TRP B 340 -15.93 -32.04 -13.28
N VAL B 341 -15.76 -31.13 -14.26
CA VAL B 341 -16.85 -30.33 -14.82
C VAL B 341 -17.84 -31.24 -15.53
N SER B 342 -19.13 -30.84 -15.54
CA SER B 342 -20.18 -31.59 -16.23
C SER B 342 -19.88 -31.58 -17.71
N GLY B 343 -19.86 -32.78 -18.30
CA GLY B 343 -19.61 -32.98 -19.73
C GLY B 343 -18.16 -33.07 -20.19
N ILE B 344 -17.20 -33.17 -19.25
CA ILE B 344 -15.76 -33.27 -19.49
C ILE B 344 -15.49 -34.34 -20.58
N SER B 345 -14.77 -33.93 -21.64
CA SER B 345 -14.50 -34.78 -22.79
C SER B 345 -13.02 -34.78 -23.18
N TYR B 346 -12.17 -33.93 -22.53
CA TYR B 346 -10.75 -33.88 -22.87
C TYR B 346 -10.02 -35.07 -22.25
N VAL B 347 -9.30 -35.80 -23.11
CA VAL B 347 -8.58 -37.04 -22.82
C VAL B 347 -7.41 -36.82 -21.84
N ASN B 348 -6.58 -35.77 -22.05
CA ASN B 348 -5.41 -35.49 -21.22
C ASN B 348 -5.70 -34.45 -20.09
N ALA B 349 -6.98 -34.26 -19.71
CA ALA B 349 -7.42 -33.32 -18.67
C ALA B 349 -6.86 -33.71 -17.31
N SER B 350 -6.26 -32.75 -16.60
CA SER B 350 -5.66 -33.01 -15.28
C SER B 350 -5.76 -31.81 -14.33
N CYS B 351 -5.47 -32.07 -13.04
CA CYS B 351 -5.44 -31.09 -11.96
C CYS B 351 -4.16 -31.21 -11.20
N THR B 352 -3.45 -30.11 -11.01
CA THR B 352 -2.24 -30.10 -10.21
C THR B 352 -2.55 -29.19 -9.03
N THR B 353 -2.62 -29.78 -7.85
CA THR B 353 -2.94 -29.08 -6.60
C THR B 353 -1.64 -28.94 -5.78
N MSE B 354 -1.62 -27.99 -4.82
CA MSE B 354 -0.48 -27.69 -3.94
C MSE B 354 -0.82 -26.58 -2.98
O MSE B 354 -1.36 -25.55 -3.37
CB MSE B 354 0.78 -27.29 -4.72
CG MSE B 354 0.48 -26.35 -5.90
SE MSE B 354 2.01 -25.73 -6.81
CE MSE B 354 2.58 -27.43 -7.51
N THR B 355 -0.47 -26.78 -1.71
CA THR B 355 -0.68 -25.78 -0.66
C THR B 355 0.56 -25.70 0.22
N GLN B 356 0.62 -24.65 1.08
CA GLN B 356 1.63 -24.46 2.14
C GLN B 356 0.88 -24.26 3.43
N MSE B 357 1.26 -25.00 4.45
CA MSE B 357 0.56 -24.93 5.72
C MSE B 357 1.14 -23.93 6.72
O MSE B 357 2.36 -23.81 6.90
CB MSE B 357 0.59 -26.31 6.35
CG MSE B 357 -0.27 -26.44 7.57
SE MSE B 357 -0.08 -28.24 8.22
CE MSE B 357 -1.02 -28.03 9.55
N THR B 358 0.22 -23.24 7.41
CA THR B 358 0.46 -22.31 8.51
C THR B 358 -0.27 -22.83 9.73
N LEU B 359 0.43 -22.89 10.87
CA LEU B 359 -0.15 -23.27 12.17
C LEU B 359 -0.27 -22.04 13.03
N ASP B 360 -1.43 -21.87 13.65
CA ASP B 360 -1.69 -20.78 14.62
C ASP B 360 -1.73 -21.42 15.97
N TYR B 361 -1.02 -20.82 16.94
CA TYR B 361 -0.93 -21.42 18.26
C TYR B 361 -0.55 -20.41 19.33
N LEU B 362 -0.85 -20.78 20.60
CA LEU B 362 -0.56 -20.00 21.79
C LEU B 362 0.61 -20.64 22.52
N VAL B 363 1.55 -19.81 22.96
CA VAL B 363 2.72 -20.21 23.72
C VAL B 363 2.81 -19.33 25.01
N PRO B 364 3.32 -19.88 26.15
CA PRO B 364 3.43 -19.08 27.38
C PRO B 364 4.47 -17.94 27.35
N PHE B 365 4.04 -16.71 27.69
CA PHE B 365 4.97 -15.57 27.80
C PHE B 365 5.90 -15.82 28.99
N GLY B 366 7.18 -15.49 28.82
CA GLY B 366 8.18 -15.68 29.86
C GLY B 366 8.80 -17.08 29.89
N ILE B 367 8.31 -18.01 29.05
CA ILE B 367 8.79 -19.40 28.93
C ILE B 367 9.26 -19.66 27.47
N ILE B 368 8.34 -19.51 26.47
CA ILE B 368 8.64 -19.72 25.04
C ILE B 368 8.96 -18.37 24.33
N VAL B 369 8.23 -17.27 24.65
CA VAL B 369 8.45 -15.94 24.04
C VAL B 369 8.62 -14.85 25.09
N GLY B 370 9.32 -13.78 24.71
CA GLY B 370 9.52 -12.63 25.59
C GLY B 370 9.04 -11.30 25.02
N HIS C 11 -6.12 6.37 -25.87
CA HIS C 11 -4.71 6.05 -26.09
C HIS C 11 -3.77 7.23 -25.77
N PHE C 12 -2.75 6.92 -24.94
CA PHE C 12 -1.72 7.85 -24.47
C PHE C 12 -0.52 7.86 -25.43
N ASN C 13 -0.41 8.92 -26.23
CA ASN C 13 0.67 9.03 -27.20
C ASN C 13 1.85 9.86 -26.67
N THR C 14 2.88 9.13 -26.20
CA THR C 14 4.10 9.69 -25.64
C THR C 14 5.14 9.92 -26.73
N GLU C 15 5.30 8.87 -27.57
CA GLU C 15 6.22 8.67 -28.70
C GLU C 15 6.26 9.86 -29.65
N ASP C 16 5.08 10.39 -30.05
CA ASP C 16 5.03 11.51 -31.00
C ASP C 16 5.15 12.86 -30.31
N ASN C 17 6.05 13.69 -30.89
CA ASN C 17 6.38 15.07 -30.51
C ASN C 17 5.17 15.97 -30.74
N ASP C 18 5.07 17.03 -29.94
CA ASP C 18 3.97 17.99 -30.08
C ASP C 18 4.51 19.37 -30.48
N THR C 19 3.63 20.19 -31.05
CA THR C 19 3.93 21.55 -31.53
C THR C 19 3.78 22.55 -30.39
N ASP C 20 2.81 22.29 -29.47
CA ASP C 20 2.52 23.15 -28.32
C ASP C 20 3.60 23.00 -27.21
N LEU C 21 4.51 22.00 -27.35
CA LEU C 21 5.59 21.78 -26.39
C LEU C 21 6.71 22.76 -26.58
N THR C 22 7.13 23.39 -25.48
CA THR C 22 8.26 24.31 -25.43
C THR C 22 9.19 23.85 -24.34
N LEU C 23 10.47 24.11 -24.50
CA LEU C 23 11.46 23.71 -23.51
C LEU C 23 11.29 24.56 -22.25
N LEU C 24 11.18 23.90 -21.11
CA LEU C 24 10.93 24.57 -19.84
C LEU C 24 12.20 24.96 -19.16
N GLN C 25 12.18 26.08 -18.44
CA GLN C 25 13.36 26.55 -17.72
C GLN C 25 13.16 26.39 -16.22
N SER C 26 14.13 25.71 -15.59
CA SER C 26 14.17 25.42 -14.17
C SER C 26 14.51 26.71 -13.43
N LYS C 27 13.59 27.16 -12.57
CA LYS C 27 13.78 28.40 -11.84
C LYS C 27 13.27 28.26 -10.44
N ILE C 28 14.07 28.72 -9.50
CA ILE C 28 13.79 28.76 -8.08
C ILE C 28 14.16 30.15 -7.60
N ALA C 29 13.44 30.66 -6.61
CA ALA C 29 13.73 32.00 -6.06
C ALA C 29 14.99 31.98 -5.19
N THR C 30 15.87 32.95 -5.41
CA THR C 30 17.10 33.13 -4.62
C THR C 30 16.63 33.94 -3.41
N GLU C 31 16.48 33.25 -2.26
CA GLU C 31 15.89 33.89 -1.10
C GLU C 31 16.87 34.00 0.05
N GLU C 32 16.88 35.19 0.67
CA GLU C 32 17.73 35.51 1.80
C GLU C 32 16.89 36.01 3.00
N VAL C 33 17.17 35.39 4.17
CA VAL C 33 16.59 35.72 5.47
C VAL C 33 17.52 36.76 6.12
N THR C 34 16.98 37.98 6.37
CA THR C 34 17.73 39.11 6.94
C THR C 34 17.37 39.36 8.43
N CYS C 35 18.23 40.13 9.11
CA CYS C 35 18.07 40.50 10.52
C CYS C 35 18.31 41.99 10.72
N ASP C 36 17.54 42.59 11.66
CA ASP C 36 17.58 44.01 12.03
C ASP C 36 17.35 44.18 13.56
N PHE C 37 18.26 44.90 14.28
CA PHE C 37 18.17 45.18 15.71
C PHE C 37 17.32 46.43 15.98
N ARG C 52 1.24 40.92 10.91
CA ARG C 52 1.96 40.51 12.11
C ARG C 52 1.76 39.01 12.41
N ARG C 53 0.48 38.54 12.44
CA ARG C 53 0.10 37.15 12.70
C ARG C 53 0.03 36.38 11.35
N VAL C 54 1.21 36.22 10.70
CA VAL C 54 1.39 35.53 9.42
C VAL C 54 1.49 34.02 9.67
N SER C 55 0.43 33.27 9.35
CA SER C 55 0.30 31.82 9.50
C SER C 55 0.93 31.06 8.31
N ASN C 56 1.34 29.80 8.54
CA ASN C 56 1.97 29.03 7.47
C ASN C 56 0.91 28.29 6.59
N LYS C 57 1.03 28.52 5.27
CA LYS C 57 0.30 28.02 4.11
C LYS C 57 -0.04 26.51 4.16
N TYR C 58 0.91 25.70 4.65
CA TYR C 58 0.89 24.24 4.63
C TYR C 58 0.53 23.58 5.93
N MSE C 59 0.27 24.38 6.99
CA MSE C 59 -0.01 23.95 8.36
C MSE C 59 1.25 23.35 9.02
O MSE C 59 1.15 22.67 10.04
CB MSE C 59 -1.18 22.95 8.44
CG MSE C 59 -2.47 23.48 7.87
SE MSE C 59 -3.90 22.16 7.65
CE MSE C 59 -3.10 21.21 6.11
N TRP C 60 2.43 23.61 8.46
CA TRP C 60 3.68 23.09 9.00
C TRP C 60 3.97 23.75 10.36
N SER C 61 4.55 22.97 11.27
CA SER C 61 4.88 23.41 12.60
C SER C 61 5.94 22.49 13.21
N ALA C 62 6.24 22.68 14.52
CA ALA C 62 7.21 21.91 15.31
C ALA C 62 6.98 20.39 15.19
N SER C 63 5.75 19.97 14.89
CA SER C 63 5.36 18.55 14.83
C SER C 63 5.53 17.91 13.42
N THR C 64 5.76 18.73 12.39
CA THR C 64 5.94 18.23 11.03
C THR C 64 7.30 17.55 10.91
N MSE C 65 7.33 16.48 10.12
CA MSE C 65 8.53 15.71 9.82
C MSE C 65 9.16 16.18 8.50
O MSE C 65 8.56 16.07 7.42
CB MSE C 65 8.26 14.21 9.76
CG MSE C 65 9.56 13.41 9.78
SE MSE C 65 9.29 11.57 9.38
CE MSE C 65 10.87 11.18 8.43
N GLU C 66 10.39 16.67 8.62
CA GLU C 66 11.21 17.15 7.51
C GLU C 66 11.54 16.03 6.53
N TYR C 67 11.80 16.43 5.29
CA TYR C 67 12.17 15.50 4.26
C TYR C 67 13.69 15.55 4.03
N ASN C 68 14.36 14.38 4.05
CA ASN C 68 15.78 14.24 3.78
C ASN C 68 16.00 13.24 2.66
N PHE C 69 16.60 13.68 1.54
CA PHE C 69 16.91 12.83 0.38
C PHE C 69 17.88 11.70 0.77
N SER C 70 18.75 11.97 1.76
CA SER C 70 19.76 11.07 2.28
C SER C 70 19.13 9.97 3.13
N ASP C 71 17.85 10.16 3.56
CA ASP C 71 17.12 9.18 4.37
C ASP C 71 16.14 8.37 3.52
N GLN C 72 15.72 8.89 2.36
CA GLN C 72 14.77 8.25 1.46
C GLN C 72 15.26 6.89 1.01
N LYS C 73 14.48 5.86 1.34
CA LYS C 73 14.71 4.46 0.98
C LYS C 73 13.70 4.04 -0.05
N TRP C 74 14.11 3.11 -0.94
CA TRP C 74 13.25 2.50 -1.96
C TRP C 74 13.00 1.04 -1.60
N THR C 75 11.77 0.55 -1.82
CA THR C 75 11.36 -0.82 -1.52
C THR C 75 12.23 -1.83 -2.27
N SER C 76 12.48 -2.97 -1.62
CA SER C 76 13.23 -4.09 -2.22
C SER C 76 12.31 -4.90 -3.17
N ASN C 77 10.99 -4.68 -3.04
CA ASN C 77 9.95 -5.35 -3.82
C ASN C 77 9.85 -4.77 -5.25
N THR C 78 10.34 -5.53 -6.25
CA THR C 78 10.30 -5.21 -7.69
C THR C 78 8.86 -4.99 -8.19
N GLU C 79 7.93 -5.76 -7.60
CA GLU C 79 6.50 -5.81 -7.93
C GLU C 79 5.65 -4.86 -7.09
N ILE C 80 6.27 -3.86 -6.47
CA ILE C 80 5.62 -2.86 -5.63
C ILE C 80 4.43 -2.20 -6.36
N PHE C 81 4.56 -1.81 -7.64
CA PHE C 81 3.50 -1.15 -8.40
C PHE C 81 2.20 -1.96 -8.44
N SER C 82 2.31 -3.31 -8.53
CA SER C 82 1.11 -4.18 -8.58
C SER C 82 0.39 -4.30 -7.23
N THR C 83 1.00 -3.79 -6.15
CA THR C 83 0.37 -3.80 -4.83
C THR C 83 -0.65 -2.64 -4.74
N TYR C 84 -0.60 -1.67 -5.66
CA TYR C 84 -1.51 -0.54 -5.63
C TYR C 84 -2.84 -0.86 -6.24
N ALA C 85 -3.91 -0.47 -5.54
CA ALA C 85 -5.28 -0.63 -6.01
C ALA C 85 -5.48 0.26 -7.25
N LYS C 86 -6.33 -0.18 -8.17
CA LYS C 86 -6.56 0.59 -9.37
C LYS C 86 -7.95 1.18 -9.36
N THR C 87 -8.15 2.30 -10.07
CA THR C 87 -9.46 2.91 -10.22
C THR C 87 -10.28 2.02 -11.17
N SER C 88 -11.59 2.30 -11.30
CA SER C 88 -12.45 1.54 -12.23
C SER C 88 -11.96 1.71 -13.68
N GLU C 89 -11.18 2.77 -13.95
CA GLU C 89 -10.62 3.09 -15.27
C GLU C 89 -9.21 2.49 -15.50
N GLY C 90 -8.61 1.86 -14.47
CA GLY C 90 -7.31 1.20 -14.59
C GLY C 90 -6.09 2.01 -14.24
N PHE C 91 -6.26 3.14 -13.54
CA PHE C 91 -5.16 4.01 -13.11
C PHE C 91 -4.86 3.80 -11.64
N VAL C 92 -3.65 4.09 -11.22
CA VAL C 92 -3.28 4.13 -9.83
C VAL C 92 -3.40 5.60 -9.43
N MSE C 93 -4.19 5.87 -8.40
CA MSE C 93 -4.37 7.23 -7.88
C MSE C 93 -3.12 7.68 -7.16
O MSE C 93 -2.48 6.87 -6.48
CB MSE C 93 -5.58 7.28 -6.95
CG MSE C 93 -6.91 7.51 -7.68
SE MSE C 93 -7.16 9.32 -8.44
CE MSE C 93 -6.48 10.40 -7.13
N SER C 94 -2.75 8.97 -7.32
CA SER C 94 -1.57 9.53 -6.68
C SER C 94 -1.75 9.57 -5.16
N GLY C 95 -0.63 9.66 -4.46
CA GLY C 95 -0.59 9.84 -3.03
C GLY C 95 -0.87 11.31 -2.78
N PHE C 96 -1.03 11.69 -1.51
CA PHE C 96 -1.30 13.06 -1.20
C PHE C 96 -0.56 13.44 0.08
N LEU C 97 0.54 14.19 -0.07
CA LEU C 97 1.33 14.65 1.05
C LEU C 97 0.63 15.85 1.70
N LEU C 98 0.20 15.66 2.95
CA LEU C 98 -0.51 16.69 3.69
C LEU C 98 0.10 16.77 5.09
N ASN C 99 0.97 17.76 5.33
CA ASN C 99 1.64 17.99 6.61
C ASN C 99 2.10 16.65 7.25
N PRO C 100 3.13 15.99 6.69
CA PRO C 100 3.53 14.69 7.21
C PRO C 100 4.10 14.82 8.62
N LYS C 101 3.52 14.11 9.59
CA LYS C 101 3.98 14.20 10.99
C LYS C 101 4.84 12.98 11.37
N GLY C 102 4.93 11.98 10.49
CA GLY C 102 5.75 10.81 10.74
C GLY C 102 6.07 10.00 9.50
N GLN C 103 6.97 9.00 9.63
CA GLN C 103 7.37 8.13 8.53
C GLN C 103 6.18 7.50 7.79
N SER C 104 5.16 7.03 8.51
CA SER C 104 3.97 6.37 7.93
C SER C 104 3.27 7.27 6.91
N ASN C 105 3.28 8.60 7.15
CA ASN C 105 2.68 9.62 6.26
C ASN C 105 3.40 9.71 4.93
N TYR C 106 4.74 9.58 4.94
CA TYR C 106 5.59 9.58 3.74
C TYR C 106 5.47 8.28 2.97
N ASN C 107 5.32 7.15 3.71
CA ASN C 107 5.19 5.81 3.16
C ASN C 107 3.95 5.65 2.32
N SER C 108 2.85 6.29 2.77
CA SER C 108 1.58 6.18 2.08
C SER C 108 1.42 7.26 0.98
N ALA C 109 2.16 8.40 1.09
CA ALA C 109 2.08 9.48 0.09
C ALA C 109 2.95 9.20 -1.14
N LEU C 110 3.95 8.29 -1.01
CA LEU C 110 4.82 7.90 -2.12
C LEU C 110 4.15 6.95 -3.05
N ARG C 111 4.49 7.07 -4.34
CA ARG C 111 4.17 6.10 -5.40
C ARG C 111 5.50 5.74 -6.04
N GLU C 112 5.86 4.46 -6.01
CA GLU C 112 7.12 4.02 -6.57
C GLU C 112 6.91 2.72 -7.34
N GLY C 113 7.87 2.40 -8.19
CA GLY C 113 7.83 1.20 -9.02
C GLY C 113 9.11 0.97 -9.78
N TYR C 114 9.23 -0.23 -10.36
CA TYR C 114 10.37 -0.61 -11.17
C TYR C 114 9.80 -0.90 -12.55
N LEU C 115 10.27 -0.20 -13.60
CA LEU C 115 9.66 -0.38 -14.92
C LEU C 115 10.10 -1.69 -15.61
N ASN C 116 10.77 -2.58 -14.88
CA ASN C 116 11.16 -3.91 -15.39
C ASN C 116 10.34 -5.00 -14.64
N ASP C 117 9.23 -4.59 -13.99
CA ASP C 117 8.34 -5.51 -13.27
C ASP C 117 7.39 -6.21 -14.28
N SER C 118 6.55 -7.15 -13.77
CA SER C 118 5.62 -7.93 -14.58
C SER C 118 4.46 -7.09 -15.15
N ALA C 119 4.14 -5.97 -14.51
CA ALA C 119 3.04 -5.08 -14.89
C ALA C 119 3.34 -4.19 -16.10
N TYR C 120 4.64 -3.93 -16.39
CA TYR C 120 5.05 -3.00 -17.43
C TYR C 120 4.57 -3.37 -18.84
N ASP C 121 4.72 -4.64 -19.25
CA ASP C 121 4.42 -5.05 -20.63
C ASP C 121 2.95 -4.90 -21.05
N GLU C 122 1.98 -5.02 -20.11
CA GLU C 122 0.54 -4.91 -20.42
C GLU C 122 0.21 -3.66 -21.28
N ASN C 123 0.58 -2.44 -20.82
CA ASN C 123 0.28 -1.21 -21.57
C ASN C 123 1.51 -0.40 -21.88
N GLN C 124 2.70 -1.03 -21.72
CA GLN C 124 4.03 -0.42 -21.95
C GLN C 124 4.21 0.83 -21.08
N GLY C 125 4.07 0.64 -19.76
CA GLY C 125 4.20 1.71 -18.79
C GLY C 125 3.38 1.52 -17.53
N HIS C 126 3.64 2.41 -16.55
CA HIS C 126 2.95 2.55 -15.27
C HIS C 126 2.09 3.81 -15.38
N TYR C 127 0.77 3.63 -15.28
CA TYR C 127 -0.25 4.65 -15.49
C TYR C 127 -0.91 5.06 -14.17
N TYR C 128 -0.82 6.38 -13.89
CA TYR C 128 -1.35 7.01 -12.70
C TYR C 128 -2.31 8.13 -13.05
N GLN C 129 -3.14 8.52 -12.08
CA GLN C 129 -4.02 9.66 -12.15
C GLN C 129 -3.62 10.62 -11.03
N CYS C 130 -3.66 11.93 -11.32
CA CYS C 130 -3.30 12.98 -10.39
C CYS C 130 -4.30 14.09 -10.50
N VAL C 131 -5.00 14.32 -9.40
CA VAL C 131 -6.02 15.37 -9.30
CA VAL C 131 -6.01 15.36 -9.30
C VAL C 131 -5.44 16.54 -8.49
N VAL C 132 -5.57 17.77 -9.03
CA VAL C 132 -5.05 19.00 -8.40
C VAL C 132 -6.26 19.92 -8.16
N SER C 133 -6.59 20.27 -6.90
CA SER C 133 -7.76 21.11 -6.65
C SER C 133 -7.44 22.45 -5.98
N ASP C 134 -6.29 22.53 -5.34
CA ASP C 134 -5.85 23.74 -4.68
C ASP C 134 -4.43 24.08 -5.04
N GLU C 135 -4.19 25.38 -5.25
CA GLU C 135 -2.87 25.97 -5.53
C GLU C 135 -1.80 25.67 -4.48
N ASP C 136 -2.17 25.38 -3.21
CA ASP C 136 -1.19 25.06 -2.15
C ASP C 136 -0.86 23.57 -2.09
N CYS C 137 -1.57 22.74 -2.85
CA CYS C 137 -1.36 21.30 -2.90
C CYS C 137 -1.33 20.84 -4.38
N ASN C 138 -0.68 21.68 -5.21
CA ASN C 138 -0.54 21.50 -6.65
C ASN C 138 0.84 20.94 -7.05
N ASN C 139 1.61 20.45 -6.09
CA ASN C 139 2.95 19.95 -6.34
C ASN C 139 3.05 18.52 -6.83
N ILE C 140 4.02 18.27 -7.72
CA ILE C 140 4.43 16.91 -8.06
C ILE C 140 5.95 16.93 -7.95
N THR C 141 6.53 15.96 -7.21
CA THR C 141 7.98 15.85 -7.08
C THR C 141 8.34 14.46 -7.54
N PHE C 142 9.17 14.37 -8.59
CA PHE C 142 9.62 13.16 -9.23
C PHE C 142 11.06 12.88 -8.90
N MSE C 143 11.41 11.59 -8.76
CA MSE C 143 12.79 11.12 -8.52
C MSE C 143 13.02 9.98 -9.44
O MSE C 143 12.48 8.89 -9.20
CB MSE C 143 13.01 10.71 -7.06
CG MSE C 143 12.88 11.82 -6.08
SE MSE C 143 11.22 11.79 -5.10
CE MSE C 143 11.82 12.73 -3.71
N LEU C 144 13.68 10.25 -10.59
CA LEU C 144 13.83 9.27 -11.67
C LEU C 144 15.24 8.74 -11.79
N GLU C 145 15.40 7.41 -11.87
CA GLU C 145 16.70 6.79 -12.11
C GLU C 145 17.00 6.94 -13.63
N SER C 146 18.22 6.54 -14.06
CA SER C 146 18.72 6.76 -15.43
C SER C 146 17.85 6.23 -16.58
N ASN C 147 17.12 5.12 -16.41
CA ASN C 147 16.36 4.56 -17.53
C ASN C 147 14.86 4.93 -17.49
N VAL C 148 14.49 5.97 -16.71
CA VAL C 148 13.09 6.35 -16.57
C VAL C 148 12.76 7.71 -17.18
N ASN C 149 11.66 7.76 -17.94
CA ASN C 149 11.03 8.95 -18.53
C ASN C 149 9.62 9.07 -17.93
N VAL C 150 9.15 10.31 -17.69
CA VAL C 150 7.80 10.50 -17.21
C VAL C 150 7.08 11.46 -18.18
N PHE C 151 5.77 11.26 -18.31
CA PHE C 151 4.89 12.02 -19.19
C PHE C 151 3.70 12.43 -18.41
N ILE C 152 3.26 13.69 -18.57
CA ILE C 152 2.03 14.17 -17.92
C ILE C 152 1.07 14.58 -19.02
N PHE C 153 -0.18 14.08 -18.94
CA PHE C 153 -1.26 14.35 -19.87
C PHE C 153 -2.34 15.12 -19.15
N ASP C 154 -3.08 15.96 -19.87
CA ASP C 154 -4.19 16.69 -19.29
C ASP C 154 -5.48 15.81 -19.38
N ASN C 155 -6.63 16.40 -19.00
CA ASN C 155 -7.91 15.73 -18.94
C ASN C 155 -8.39 15.25 -20.32
N ASP C 156 -7.89 15.87 -21.39
CA ASP C 156 -8.26 15.46 -22.75
C ASP C 156 -7.25 14.47 -23.31
N ILE C 157 -6.28 14.00 -22.50
CA ILE C 157 -5.23 13.03 -22.89
C ILE C 157 -4.27 13.66 -23.91
N ASN C 158 -4.02 14.98 -23.78
CA ASN C 158 -2.99 15.63 -24.62
C ASN C 158 -1.74 15.80 -23.75
N LEU C 159 -0.55 15.57 -24.35
CA LEU C 159 0.71 15.64 -23.64
C LEU C 159 1.02 17.10 -23.24
N ILE C 160 1.27 17.32 -21.93
CA ILE C 160 1.58 18.65 -21.38
C ILE C 160 2.98 18.69 -20.74
N TYR C 161 3.67 17.54 -20.63
CA TYR C 161 5.01 17.45 -20.05
C TYR C 161 5.69 16.11 -20.37
N ARG C 162 7.01 16.16 -20.65
CA ARG C 162 7.90 15.00 -20.82
C ARG C 162 9.26 15.32 -20.17
N SER C 163 9.79 14.42 -19.31
CA SER C 163 11.05 14.68 -18.59
C SER C 163 12.29 14.49 -19.43
N SER C 164 12.19 13.73 -20.55
CA SER C 164 13.31 13.42 -21.46
C SER C 164 14.14 14.66 -21.81
N ASP C 165 13.47 15.76 -22.21
CA ASP C 165 14.14 17.03 -22.52
C ASP C 165 13.48 18.17 -21.74
N GLU C 166 12.59 17.82 -20.77
CA GLU C 166 11.87 18.75 -19.88
C GLU C 166 11.13 19.80 -20.71
N ALA C 167 10.23 19.34 -21.57
CA ALA C 167 9.41 20.17 -22.46
C ALA C 167 7.96 20.04 -22.04
N GLY C 168 7.20 21.11 -22.17
CA GLY C 168 5.79 21.11 -21.83
C GLY C 168 4.96 22.26 -22.33
N VAL C 169 3.65 22.22 -22.04
CA VAL C 169 2.70 23.29 -22.37
C VAL C 169 2.70 24.22 -21.12
N THR C 170 3.33 25.39 -21.25
CA THR C 170 3.57 26.31 -20.12
C THR C 170 2.29 26.84 -19.43
N SER C 171 1.15 26.87 -20.12
CA SER C 171 -0.09 27.39 -19.54
C SER C 171 -0.61 26.54 -18.35
N TYR C 172 -0.14 25.29 -18.25
CA TYR C 172 -0.49 24.33 -17.20
C TYR C 172 0.44 24.43 -16.00
N PHE C 173 1.51 25.19 -16.10
CA PHE C 173 2.48 25.30 -15.04
C PHE C 173 2.42 26.61 -14.32
N ASP C 174 2.56 26.53 -13.00
CA ASP C 174 2.66 27.65 -12.04
C ASP C 174 4.12 27.85 -11.72
N ARG C 175 4.90 26.74 -11.75
CA ARG C 175 6.33 26.70 -11.45
C ARG C 175 6.97 25.42 -11.96
N TYR C 176 8.31 25.48 -12.17
CA TYR C 176 9.11 24.36 -12.65
C TYR C 176 10.51 24.46 -12.10
N TYR C 177 11.02 23.32 -11.58
CA TYR C 177 12.36 23.20 -11.03
C TYR C 177 12.87 21.80 -11.24
N SER C 178 14.15 21.68 -11.56
CA SER C 178 14.81 20.42 -11.85
C SER C 178 16.25 20.42 -11.29
N THR C 179 16.72 19.27 -10.79
CA THR C 179 18.08 19.12 -10.25
C THR C 179 18.48 17.64 -10.27
N THR C 180 19.54 17.30 -9.53
CA THR C 180 20.05 15.96 -9.37
C THR C 180 20.34 15.75 -7.89
N LYS C 181 19.90 14.63 -7.32
CA LYS C 181 20.18 14.28 -5.93
C LYS C 181 20.63 12.82 -5.88
N THR C 182 21.43 12.49 -4.88
CA THR C 182 21.84 11.12 -4.63
C THR C 182 20.81 10.54 -3.65
N ILE C 183 19.99 9.61 -4.15
CA ILE C 183 18.97 8.94 -3.35
C ILE C 183 19.34 7.47 -3.34
N ALA C 184 19.46 6.86 -2.12
CA ALA C 184 19.82 5.45 -1.93
C ALA C 184 21.04 5.05 -2.81
N GLY C 185 22.13 5.84 -2.66
CA GLY C 185 23.41 5.67 -3.35
C GLY C 185 23.44 5.79 -4.86
N THR C 186 22.37 6.28 -5.48
CA THR C 186 22.26 6.43 -6.93
C THR C 186 21.82 7.86 -7.26
N SER C 187 22.36 8.40 -8.34
CA SER C 187 22.01 9.73 -8.82
C SER C 187 20.60 9.70 -9.46
N ASN C 188 19.73 10.60 -9.00
CA ASN C 188 18.38 10.69 -9.52
C ASN C 188 18.11 12.06 -10.13
N LYS C 189 17.35 12.10 -11.25
CA LYS C 189 16.82 13.35 -11.81
C LYS C 189 15.67 13.76 -10.88
N VAL C 190 15.81 14.89 -10.18
CA VAL C 190 14.77 15.34 -9.24
C VAL C 190 14.07 16.55 -9.83
N ILE C 191 12.77 16.41 -10.09
CA ILE C 191 11.89 17.43 -10.68
C ILE C 191 10.77 17.77 -9.71
N SER C 192 10.52 19.07 -9.50
CA SER C 192 9.43 19.62 -8.69
C SER C 192 8.75 20.66 -9.52
N LEU C 193 7.46 20.47 -9.74
CA LEU C 193 6.65 21.33 -10.56
C LEU C 193 5.33 21.53 -9.86
N GLY C 194 4.61 22.59 -10.26
CA GLY C 194 3.31 22.96 -9.75
C GLY C 194 2.34 23.15 -10.89
N LEU C 195 1.21 22.44 -10.86
CA LEU C 195 0.22 22.50 -11.94
C LEU C 195 -0.97 23.34 -11.59
N ILE C 196 -1.66 23.86 -12.61
CA ILE C 196 -2.94 24.56 -12.43
C ILE C 196 -4.02 23.47 -12.01
N ASP C 197 -5.15 23.88 -11.44
CA ASP C 197 -6.18 22.93 -11.03
C ASP C 197 -6.67 22.14 -12.21
N GLY C 198 -6.86 20.85 -12.00
CA GLY C 198 -7.37 19.96 -13.04
C GLY C 198 -7.10 18.52 -12.75
N ASN C 199 -7.45 17.68 -13.71
CA ASN C 199 -7.27 16.24 -13.74
C ASN C 199 -6.13 15.91 -14.74
N TYR C 200 -5.22 15.07 -14.29
CA TYR C 200 -4.02 14.72 -15.03
C TYR C 200 -3.75 13.24 -14.97
N TYR C 201 -3.00 12.76 -15.96
CA TYR C 201 -2.54 11.39 -16.02
C TYR C 201 -1.03 11.43 -16.11
N ILE C 202 -0.38 10.54 -15.34
CA ILE C 202 1.08 10.42 -15.23
C ILE C 202 1.48 9.04 -15.73
N VAL C 203 2.34 8.98 -16.75
CA VAL C 203 2.81 7.73 -17.32
C VAL C 203 4.32 7.65 -17.22
N PHE C 204 4.84 6.53 -16.69
CA PHE C 204 6.28 6.25 -16.62
C PHE C 204 6.65 5.20 -17.65
N LYS C 205 7.65 5.51 -18.47
CA LYS C 205 8.13 4.63 -19.52
C LYS C 205 9.67 4.50 -19.47
N VAL C 206 10.20 3.40 -20.02
CA VAL C 206 11.64 3.18 -20.06
C VAL C 206 12.27 4.04 -21.15
N LYS C 207 13.54 4.44 -20.96
CA LYS C 207 14.31 5.15 -21.97
C LYS C 207 14.78 4.14 -23.01
N ASP C 208 15.53 3.12 -22.54
CA ASP C 208 16.11 2.04 -23.35
C ASP C 208 15.71 0.71 -22.73
N ALA C 209 14.89 -0.08 -23.45
CA ALA C 209 14.42 -1.38 -23.00
C ALA C 209 15.57 -2.42 -22.82
N THR C 210 16.78 -2.12 -23.32
CA THR C 210 17.95 -2.99 -23.23
C THR C 210 18.92 -2.56 -22.10
N ALA C 211 18.59 -1.50 -21.33
CA ALA C 211 19.44 -1.02 -20.23
C ALA C 211 19.49 -2.04 -19.10
N THR C 212 20.63 -2.13 -18.44
CA THR C 212 20.88 -3.09 -17.36
C THR C 212 20.33 -2.57 -16.03
N THR C 213 20.37 -1.24 -15.79
CA THR C 213 19.91 -0.62 -14.54
C THR C 213 19.08 0.65 -14.79
N GLY C 214 18.67 1.30 -13.69
CA GLY C 214 17.95 2.56 -13.64
C GLY C 214 16.46 2.51 -13.92
N TYR C 215 15.79 1.42 -13.54
CA TYR C 215 14.36 1.21 -13.79
C TYR C 215 13.42 1.75 -12.68
N HIS C 216 13.95 2.36 -11.62
CA HIS C 216 13.12 2.85 -10.52
C HIS C 216 12.72 4.32 -10.67
N TYR C 217 11.52 4.62 -10.16
CA TYR C 217 10.96 5.97 -10.10
C TYR C 217 10.23 6.08 -8.77
N GLY C 218 10.20 7.28 -8.22
CA GLY C 218 9.44 7.62 -7.04
C GLY C 218 8.76 8.95 -7.30
N TYR C 219 7.63 9.21 -6.63
CA TYR C 219 7.01 10.51 -6.76
C TYR C 219 6.03 10.79 -5.65
N TYR C 220 5.89 12.10 -5.36
CA TYR C 220 4.99 12.67 -4.36
C TYR C 220 4.08 13.75 -5.01
N ALA C 221 2.78 13.69 -4.73
CA ALA C 221 1.83 14.73 -5.14
C ALA C 221 1.23 15.34 -3.85
N GLY C 222 0.59 16.50 -3.97
CA GLY C 222 -0.01 17.23 -2.86
C GLY C 222 0.85 18.44 -2.57
N GLN C 223 1.29 18.59 -1.33
CA GLN C 223 2.14 19.69 -0.89
C GLN C 223 3.56 19.51 -1.35
N PRO C 224 4.35 20.60 -1.51
CA PRO C 224 5.79 20.45 -1.69
C PRO C 224 6.43 19.83 -0.44
N LEU C 225 7.65 19.26 -0.60
CA LEU C 225 8.38 18.61 0.49
C LEU C 225 8.88 19.64 1.53
N PRO C 226 8.70 19.42 2.88
CA PRO C 226 9.21 20.40 3.84
C PRO C 226 10.69 20.09 4.10
N ILE C 227 11.54 21.10 3.81
CA ILE C 227 12.99 20.99 3.95
C ILE C 227 13.43 21.80 5.19
N ALA C 228 14.14 21.13 6.12
CA ALA C 228 14.64 21.78 7.34
C ALA C 228 15.74 22.78 7.02
N GLN C 229 15.60 23.98 7.59
CA GLN C 229 16.53 25.10 7.47
C GLN C 229 16.84 25.70 8.83
N THR C 230 18.04 26.21 8.97
CA THR C 230 18.49 26.80 10.22
C THR C 230 19.22 28.13 9.96
N THR C 231 18.99 29.14 10.79
CA THR C 231 19.65 30.42 10.61
C THR C 231 19.98 31.01 11.95
N THR C 232 21.27 31.30 12.16
CA THR C 232 21.80 31.91 13.37
C THR C 232 22.09 33.38 13.06
N PHE C 233 21.71 34.31 13.95
CA PHE C 233 21.94 35.75 13.73
C PHE C 233 23.03 36.24 14.66
N SER C 234 23.98 37.03 14.13
CA SER C 234 25.15 37.55 14.86
C SER C 234 24.80 38.64 15.89
N ASP C 235 23.66 39.36 15.72
CA ASP C 235 23.20 40.37 16.66
C ASP C 235 22.88 39.73 18.00
N LEU C 236 23.49 40.23 19.07
CA LEU C 236 23.27 39.71 20.42
C LEU C 236 21.89 40.05 20.96
N THR C 237 21.28 39.04 21.59
CA THR C 237 19.98 39.10 22.27
C THR C 237 20.26 38.91 23.77
N HIS C 238 19.23 39.11 24.64
CA HIS C 238 19.38 39.00 26.10
C HIS C 238 20.67 39.68 26.62
N TYR C 239 21.15 40.73 25.94
CA TYR C 239 22.43 41.35 26.28
C TYR C 239 22.22 42.64 27.09
N THR C 240 22.67 42.59 28.35
CA THR C 240 22.60 43.70 29.32
C THR C 240 23.53 43.42 30.50
N THR C 241 23.90 44.48 31.24
CA THR C 241 24.61 44.37 32.51
C THR C 241 23.60 44.80 33.58
N ILE C 242 23.22 43.87 34.47
CA ILE C 242 22.30 44.17 35.58
C ILE C 242 23.15 44.31 36.85
N LYS C 243 23.11 45.49 37.47
CA LYS C 243 23.84 45.76 38.71
C LYS C 243 22.89 45.62 39.91
N TRP C 244 23.30 44.88 40.96
CA TRP C 244 22.49 44.68 42.18
C TRP C 244 22.10 46.04 42.79
N ASN C 245 20.78 46.25 43.01
CA ASN C 245 20.20 47.50 43.53
C ASN C 245 20.33 47.63 45.07
N ARG C 246 21.12 46.72 45.69
CA ARG C 246 21.46 46.64 47.11
C ARG C 246 20.24 46.32 48.02
N SER C 247 19.06 45.94 47.45
CA SER C 247 17.89 45.65 48.28
C SER C 247 17.07 44.42 47.79
N SER C 248 16.63 44.42 46.52
CA SER C 248 15.79 43.33 45.98
C SER C 248 16.58 42.03 45.74
N SER C 249 15.85 40.90 45.79
CA SER C 249 16.33 39.52 45.63
C SER C 249 16.37 39.10 44.13
N SER C 250 15.62 39.83 43.29
CA SER C 250 15.52 39.61 41.85
C SER C 250 15.40 40.94 41.12
N GLN C 251 16.01 41.01 39.92
CA GLN C 251 16.02 42.17 39.04
C GLN C 251 15.85 41.71 37.59
N SER C 252 15.00 42.42 36.86
CA SER C 252 14.69 42.13 35.46
C SER C 252 15.10 43.25 34.53
N ALA C 253 15.26 42.92 33.24
CA ALA C 253 15.56 43.91 32.21
C ALA C 253 15.06 43.42 30.85
N SER C 254 14.31 44.28 30.13
CA SER C 254 13.87 43.96 28.79
C SER C 254 15.06 44.23 27.88
N THR C 255 15.40 43.24 27.02
CA THR C 255 16.59 43.32 26.19
C THR C 255 16.19 43.47 24.71
N GLN C 256 17.13 43.22 23.78
CA GLN C 256 17.03 43.40 22.34
C GLN C 256 15.89 42.66 21.68
N THR C 257 15.33 43.28 20.64
CA THR C 257 14.29 42.70 19.79
C THR C 257 14.89 42.58 18.39
N LEU C 258 14.83 41.39 17.80
CA LEU C 258 15.32 41.17 16.44
C LEU C 258 14.16 41.10 15.49
N THR C 259 14.31 41.76 14.33
CA THR C 259 13.29 41.69 13.30
C THR C 259 13.83 40.81 12.17
N ILE C 260 13.14 39.71 11.95
CA ILE C 260 13.53 38.74 10.93
C ILE C 260 12.64 38.98 9.73
N ASN C 261 13.29 39.24 8.60
CA ASN C 261 12.60 39.52 7.35
C ASN C 261 12.83 38.45 6.30
N CYS C 262 11.73 38.02 5.65
CA CYS C 262 11.65 37.11 4.52
C CYS C 262 11.40 37.95 3.27
N PRO C 263 11.88 37.49 2.08
CA PRO C 263 11.58 38.24 0.84
C PRO C 263 10.07 38.42 0.70
N SER C 264 9.60 39.65 0.38
CA SER C 264 8.17 39.98 0.29
C SER C 264 7.40 39.02 -0.64
N GLY C 265 6.24 38.57 -0.17
CA GLY C 265 5.37 37.62 -0.87
C GLY C 265 5.51 36.20 -0.37
N SER C 266 6.75 35.78 -0.09
CA SER C 266 7.09 34.43 0.38
C SER C 266 6.91 34.22 1.89
N GLU C 267 6.56 35.25 2.68
CA GLU C 267 6.45 35.13 4.15
C GLU C 267 5.74 33.83 4.58
N ASP C 268 4.64 33.45 3.89
CA ASP C 268 3.81 32.27 4.21
C ASP C 268 4.46 30.91 3.83
N GLU C 269 5.65 30.92 3.18
CA GLU C 269 6.36 29.70 2.75
C GLU C 269 7.22 29.16 3.86
N TYR C 270 7.78 30.08 4.68
CA TYR C 270 8.62 29.82 5.86
C TYR C 270 7.78 29.45 7.05
N ALA C 271 8.11 28.33 7.70
CA ALA C 271 7.36 27.79 8.85
C ALA C 271 8.28 27.58 10.07
N LEU C 272 8.04 28.34 11.16
CA LEU C 272 8.82 28.27 12.39
C LEU C 272 8.59 26.92 13.07
N THR C 273 9.69 26.20 13.42
CA THR C 273 9.57 24.89 14.08
C THR C 273 10.31 24.85 15.45
N GLY C 274 11.27 25.73 15.64
CA GLY C 274 12.00 25.78 16.91
C GLY C 274 12.87 27.01 17.02
N VAL C 275 13.13 27.41 18.27
CA VAL C 275 13.94 28.57 18.60
C VAL C 275 15.03 28.16 19.60
N LYS C 276 16.26 28.52 19.31
CA LYS C 276 17.41 28.21 20.17
C LYS C 276 18.22 29.47 20.45
N PHE C 277 18.58 29.67 21.74
CA PHE C 277 19.47 30.76 22.14
C PHE C 277 20.72 30.17 22.70
N SER C 278 21.84 30.44 22.05
CA SER C 278 23.15 29.98 22.53
C SER C 278 23.67 31.00 23.55
N ASP C 279 23.98 30.56 24.79
CA ASP C 279 24.49 31.42 25.88
C ASP C 279 25.94 31.75 25.63
N LYS C 280 26.24 33.05 25.54
CA LYS C 280 27.60 33.51 25.24
C LYS C 280 28.27 34.23 26.43
N SER C 281 27.76 34.05 27.66
CA SER C 281 28.22 34.79 28.86
C SER C 281 29.07 33.99 29.86
N LYS C 282 29.58 32.79 29.53
CA LYS C 282 30.36 31.99 30.48
C LYS C 282 31.51 32.78 31.08
N ALA C 283 32.25 33.55 30.24
CA ALA C 283 33.42 34.34 30.70
C ALA C 283 33.08 35.41 31.74
N PHE C 284 31.79 35.75 31.94
CA PHE C 284 31.42 36.77 32.93
C PHE C 284 31.17 36.18 34.31
N ALA C 285 31.17 34.82 34.42
CA ALA C 285 30.99 34.06 35.67
C ALA C 285 29.86 34.64 36.55
N ASN C 286 28.65 34.72 36.00
CA ASN C 286 27.49 35.27 36.68
C ASN C 286 27.04 34.40 37.87
N ASN C 287 27.49 33.12 37.92
CA ASN C 287 27.18 32.13 38.96
C ASN C 287 27.70 32.54 40.33
N THR C 288 28.69 33.44 40.35
CA THR C 288 29.33 33.92 41.56
C THR C 288 28.39 34.84 42.36
N TYR C 289 27.44 35.55 41.73
CA TYR C 289 26.52 36.43 42.47
C TYR C 289 25.05 36.15 42.19
N ALA C 290 24.76 35.25 41.23
CA ALA C 290 23.40 34.84 40.89
C ALA C 290 23.19 33.36 41.15
N SER C 291 22.04 33.02 41.76
CA SER C 291 21.66 31.64 42.03
C SER C 291 21.21 31.00 40.71
N SER C 292 20.53 31.80 39.88
CA SER C 292 20.04 31.44 38.54
C SER C 292 19.70 32.71 37.74
N ILE C 293 19.53 32.57 36.42
CA ILE C 293 19.11 33.62 35.49
C ILE C 293 18.02 32.99 34.61
N ASP C 294 16.87 33.68 34.49
CA ASP C 294 15.75 33.23 33.65
C ASP C 294 15.75 34.04 32.36
N TYR C 295 15.55 33.36 31.24
CA TYR C 295 15.55 33.98 29.92
C TYR C 295 14.19 33.83 29.26
N TYR C 296 13.68 34.93 28.71
CA TYR C 296 12.37 34.99 28.08
C TYR C 296 12.48 35.51 26.67
N TYR C 297 11.46 35.24 25.85
CA TYR C 297 11.39 35.74 24.48
C TYR C 297 9.94 35.76 24.00
N THR C 298 9.66 36.61 23.01
CA THR C 298 8.33 36.66 22.38
C THR C 298 8.55 36.26 20.92
N PRO C 299 8.06 35.08 20.48
CA PRO C 299 8.26 34.69 19.07
C PRO C 299 7.51 35.62 18.13
N ALA C 300 7.92 35.69 16.85
CA ALA C 300 7.23 36.49 15.85
C ALA C 300 5.76 36.07 15.68
N THR C 301 5.45 34.78 15.99
CA THR C 301 4.17 34.06 15.79
C THR C 301 3.12 34.25 16.92
N ALA C 302 3.47 34.95 18.01
CA ALA C 302 2.57 35.25 19.14
C ALA C 302 2.97 36.58 19.79
N SER C 303 2.07 37.17 20.63
CA SER C 303 2.27 38.45 21.31
C SER C 303 2.65 38.25 22.79
N TYR C 304 2.76 36.99 23.24
CA TYR C 304 3.06 36.69 24.63
C TYR C 304 4.47 36.16 24.86
N SER C 305 5.03 36.50 26.01
CA SER C 305 6.37 36.10 26.43
C SER C 305 6.36 34.62 26.89
N LYS C 306 7.47 33.92 26.68
CA LYS C 306 7.64 32.51 27.05
C LYS C 306 8.98 32.33 27.76
N LYS C 307 9.02 31.58 28.87
CA LYS C 307 10.29 31.29 29.53
C LYS C 307 11.01 30.23 28.71
N LEU C 308 12.27 30.49 28.35
CA LEU C 308 13.08 29.56 27.57
C LEU C 308 13.56 28.45 28.50
N ALA C 309 13.50 27.22 28.01
CA ALA C 309 13.92 26.03 28.75
C ALA C 309 15.42 25.83 28.69
N GLN C 310 16.05 25.63 29.84
CA GLN C 310 17.48 25.35 29.90
C GLN C 310 17.70 23.88 29.63
N THR C 311 18.49 23.56 28.62
CA THR C 311 18.77 22.17 28.28
C THR C 311 19.66 21.47 29.34
N GLY C 312 20.47 22.22 30.06
CA GLY C 312 21.34 21.68 31.10
C GLY C 312 21.50 22.66 32.23
N GLY C 313 22.74 22.82 32.65
CA GLY C 313 23.09 23.73 33.73
C GLY C 313 23.43 25.12 33.24
N TRP C 314 24.35 25.78 33.93
CA TRP C 314 24.80 27.12 33.58
C TRP C 314 25.39 27.11 32.18
N TRP C 315 24.97 28.10 31.37
CA TRP C 315 25.45 28.39 30.01
C TRP C 315 25.03 27.34 28.97
N SER C 316 24.00 26.55 29.28
CA SER C 316 23.43 25.60 28.33
C SER C 316 22.47 26.34 27.40
N ASP C 317 22.07 25.70 26.30
CA ASP C 317 21.15 26.28 25.34
C ASP C 317 19.76 26.53 25.97
N LEU C 318 19.14 27.64 25.57
CA LEU C 318 17.83 28.11 26.02
C LEU C 318 16.89 27.95 24.85
N VAL C 319 15.96 26.99 24.96
CA VAL C 319 15.13 26.59 23.84
C VAL C 319 13.61 26.74 24.00
N ASP C 320 12.95 26.86 22.85
CA ASP C 320 11.53 26.74 22.63
C ASP C 320 11.39 25.70 21.53
N ASN C 321 11.10 24.48 21.93
CA ASN C 321 10.98 23.34 21.02
C ASN C 321 9.55 23.22 20.46
N ASN C 322 8.62 24.02 20.99
CA ASN C 322 7.26 24.05 20.46
C ASN C 322 6.77 25.51 20.35
N PRO C 323 7.37 26.35 19.47
CA PRO C 323 6.88 27.72 19.35
C PRO C 323 5.54 27.77 18.61
N PRO C 324 4.72 28.84 18.80
CA PRO C 324 3.47 28.94 18.02
C PRO C 324 3.78 28.88 16.52
N SER C 325 2.90 28.19 15.75
CA SER C 325 3.07 28.00 14.32
C SER C 325 2.89 29.34 13.57
N GLY C 326 3.50 29.40 12.39
CA GLY C 326 3.47 30.61 11.60
C GLY C 326 4.78 30.84 10.88
N SER C 327 4.88 32.01 10.25
CA SER C 327 6.05 32.47 9.52
C SER C 327 7.17 32.83 10.49
N ILE C 328 8.42 32.71 10.02
CA ILE C 328 9.57 33.08 10.83
C ILE C 328 9.71 34.63 10.87
N ASP C 329 9.09 35.30 9.88
CA ASP C 329 9.06 36.74 9.67
C ASP C 329 8.35 37.45 10.80
N GLY C 330 9.02 38.44 11.39
CA GLY C 330 8.47 39.23 12.49
C GLY C 330 9.50 39.61 13.54
N ASN C 331 9.01 40.08 14.70
CA ASN C 331 9.84 40.53 15.82
C ASN C 331 9.93 39.51 16.91
N TYR C 332 11.17 39.28 17.36
CA TYR C 332 11.51 38.41 18.47
C TYR C 332 12.05 39.27 19.61
N ALA C 333 11.19 39.56 20.60
CA ALA C 333 11.56 40.33 21.80
C ALA C 333 12.25 39.42 22.79
N THR C 334 13.10 39.96 23.68
CA THR C 334 13.80 39.16 24.67
C THR C 334 13.88 39.95 25.97
N SER C 335 13.98 39.24 27.10
CA SER C 335 14.10 39.81 28.45
C SER C 335 14.76 38.80 29.38
N VAL C 336 15.35 39.29 30.49
CA VAL C 336 16.05 38.44 31.45
C VAL C 336 15.65 38.79 32.89
N THR C 337 15.77 37.81 33.81
CA THR C 337 15.55 37.99 35.24
C THR C 337 16.70 37.35 36.00
N VAL C 338 17.45 38.17 36.74
CA VAL C 338 18.58 37.73 37.57
C VAL C 338 18.06 37.44 38.98
N HIS C 339 18.35 36.24 39.52
CA HIS C 339 18.01 35.87 40.91
C HIS C 339 19.32 35.88 41.68
N TRP C 340 19.47 36.85 42.58
CA TRP C 340 20.72 36.99 43.36
C TRP C 340 20.83 35.88 44.39
N VAL C 341 22.08 35.54 44.73
CA VAL C 341 22.40 34.48 45.70
C VAL C 341 21.93 34.92 47.08
N SER C 342 21.57 33.94 47.92
CA SER C 342 21.19 34.20 49.30
C SER C 342 22.40 34.74 50.03
N GLY C 343 22.19 35.88 50.69
CA GLY C 343 23.22 36.53 51.50
C GLY C 343 24.18 37.46 50.79
N ILE C 344 23.86 37.80 49.53
CA ILE C 344 24.63 38.73 48.66
C ILE C 344 24.91 40.01 49.48
N SER C 345 26.18 40.38 49.55
CA SER C 345 26.61 41.53 50.32
C SER C 345 27.56 42.42 49.53
N TYR C 346 28.00 41.99 48.31
CA TYR C 346 28.92 42.77 47.51
C TYR C 346 28.18 43.92 46.82
N VAL C 347 28.70 45.13 47.04
CA VAL C 347 28.16 46.41 46.60
C VAL C 347 28.17 46.55 45.07
N ASN C 348 29.28 46.19 44.40
CA ASN C 348 29.42 46.33 42.95
C ASN C 348 29.08 45.03 42.17
N ALA C 349 28.31 44.09 42.80
CA ALA C 349 27.88 42.82 42.21
C ALA C 349 27.01 43.04 40.98
N SER C 350 27.34 42.38 39.85
CA SER C 350 26.58 42.52 38.61
C SER C 350 26.53 41.23 37.80
N CYS C 351 25.67 41.23 36.78
CA CYS C 351 25.48 40.12 35.82
C CYS C 351 25.51 40.67 34.42
N THR C 352 26.31 40.07 33.54
CA THR C 352 26.34 40.46 32.14
C THR C 352 25.87 39.24 31.38
N THR C 353 24.68 39.35 30.79
CA THR C 353 24.06 38.27 30.03
C THR C 353 24.16 38.58 28.53
N MSE C 354 23.96 37.55 27.67
CA MSE C 354 24.04 37.65 26.22
C MSE C 354 23.84 36.30 25.58
O MSE C 354 24.41 35.31 26.05
CB MSE C 354 25.40 38.25 25.75
CG MSE C 354 26.67 37.60 26.41
SE MSE C 354 28.36 38.17 25.66
CE MSE C 354 28.33 39.91 26.40
N THR C 355 23.06 36.28 24.50
CA THR C 355 22.78 35.10 23.68
C THR C 355 22.90 35.46 22.21
N GLN C 356 22.88 34.45 21.33
CA GLN C 356 22.73 34.53 19.88
C GLN C 356 21.59 33.61 19.53
N MSE C 357 20.63 34.11 18.74
CA MSE C 357 19.46 33.34 18.34
C MSE C 357 19.70 32.52 17.07
O MSE C 357 20.37 32.96 16.15
CB MSE C 357 18.26 34.28 18.12
CG MSE C 357 16.87 33.57 18.06
SE MSE C 357 15.44 34.95 17.87
CE MSE C 357 15.66 35.29 16.01
N THR C 358 19.09 31.32 17.04
CA THR C 358 18.99 30.37 15.93
C THR C 358 17.54 30.06 15.76
N LEU C 359 17.04 30.14 14.52
CA LEU C 359 15.66 29.77 14.19
C LEU C 359 15.68 28.52 13.36
N ASP C 360 14.91 27.52 13.78
CA ASP C 360 14.76 26.31 12.98
C ASP C 360 13.44 26.42 12.24
N TYR C 361 13.43 26.05 10.96
CA TYR C 361 12.21 26.16 10.19
C TYR C 361 12.20 25.24 8.97
N LEU C 362 10.99 25.03 8.41
CA LEU C 362 10.76 24.24 7.20
C LEU C 362 10.41 25.14 6.04
N VAL C 363 11.04 24.88 4.91
CA VAL C 363 10.74 25.65 3.67
C VAL C 363 10.34 24.63 2.55
N PRO C 364 9.46 25.01 1.58
CA PRO C 364 9.09 24.06 0.48
C PRO C 364 10.20 23.82 -0.57
N PHE C 365 10.50 22.54 -0.83
CA PHE C 365 11.44 22.15 -1.87
C PHE C 365 10.81 22.50 -3.22
N GLY C 366 11.64 23.01 -4.14
CA GLY C 366 11.19 23.40 -5.47
C GLY C 366 10.61 24.80 -5.55
N ILE C 367 10.48 25.51 -4.40
CA ILE C 367 9.93 26.87 -4.29
C ILE C 367 10.98 27.80 -3.66
N ILE C 368 11.43 27.47 -2.42
CA ILE C 368 12.41 28.26 -1.64
C ILE C 368 13.83 27.63 -1.75
N VAL C 369 13.95 26.29 -1.74
CA VAL C 369 15.25 25.60 -1.85
C VAL C 369 15.23 24.54 -2.94
N GLY C 370 16.40 24.23 -3.47
CA GLY C 370 16.54 23.21 -4.50
C GLY C 370 17.54 22.10 -4.16
N HIS D 11 -21.52 12.86 -24.29
CA HIS D 11 -22.90 13.17 -23.90
C HIS D 11 -23.20 12.76 -22.43
N PHE D 12 -23.76 13.72 -21.67
CA PHE D 12 -24.16 13.61 -20.27
C PHE D 12 -25.63 13.18 -20.17
N ASN D 13 -25.86 11.89 -19.92
CA ASN D 13 -27.21 11.31 -19.86
C ASN D 13 -27.79 11.34 -18.44
N THR D 14 -28.64 12.36 -18.20
CA THR D 14 -29.31 12.61 -16.93
C THR D 14 -30.65 11.90 -16.89
N GLU D 15 -31.41 12.06 -18.00
CA GLU D 15 -32.76 11.57 -18.30
C GLU D 15 -32.96 10.09 -18.00
N ASP D 16 -32.02 9.22 -18.43
CA ASP D 16 -32.15 7.79 -18.22
C ASP D 16 -31.65 7.35 -16.83
N ASN D 17 -32.50 6.53 -16.18
CA ASN D 17 -32.29 5.91 -14.87
C ASN D 17 -31.15 4.88 -14.95
N ASP D 18 -30.44 4.70 -13.84
CA ASP D 18 -29.35 3.73 -13.78
C ASP D 18 -29.69 2.60 -12.79
N THR D 19 -29.02 1.46 -12.96
CA THR D 19 -29.20 0.25 -12.15
C THR D 19 -28.29 0.34 -10.93
N ASP D 20 -27.15 1.03 -11.12
CA ASP D 20 -26.10 1.26 -10.13
C ASP D 20 -26.56 2.22 -9.02
N LEU D 21 -27.65 3.01 -9.30
CA LEU D 21 -28.18 4.02 -8.39
C LEU D 21 -29.02 3.42 -7.30
N THR D 22 -28.74 3.83 -6.05
CA THR D 22 -29.49 3.42 -4.87
C THR D 22 -29.87 4.69 -4.15
N LEU D 23 -31.00 4.65 -3.45
CA LEU D 23 -31.49 5.79 -2.70
C LEU D 23 -30.57 6.01 -1.50
N LEU D 24 -30.09 7.24 -1.36
CA LEU D 24 -29.13 7.58 -0.33
C LEU D 24 -29.83 7.99 0.93
N GLN D 25 -29.19 7.71 2.08
CA GLN D 25 -29.74 8.09 3.36
C GLN D 25 -28.95 9.24 3.95
N SER D 26 -29.67 10.32 4.32
CA SER D 26 -29.12 11.52 4.93
C SER D 26 -28.77 11.20 6.38
N LYS D 27 -27.50 11.31 6.74
CA LYS D 27 -27.06 10.99 8.09
C LYS D 27 -25.99 11.96 8.51
N ILE D 28 -26.12 12.45 9.73
CA ILE D 28 -25.20 13.35 10.39
C ILE D 28 -24.92 12.76 11.77
N ALA D 29 -23.70 12.94 12.28
CA ALA D 29 -23.34 12.42 13.59
C ALA D 29 -23.97 13.22 14.73
N THR D 30 -24.56 12.49 15.70
CA THR D 30 -25.16 13.03 16.92
C THR D 30 -23.98 13.23 17.86
N GLU D 31 -23.50 14.47 17.98
CA GLU D 31 -22.27 14.72 18.74
C GLU D 31 -22.51 15.61 19.95
N GLU D 32 -21.91 15.26 21.08
CA GLU D 32 -21.96 16.05 22.32
C GLU D 32 -20.55 16.23 22.90
N VAL D 33 -20.28 17.48 23.30
CA VAL D 33 -19.06 17.95 23.96
C VAL D 33 -19.28 17.79 25.48
N THR D 34 -18.39 17.06 26.19
CA THR D 34 -18.51 16.81 27.65
C THR D 34 -17.50 17.66 28.49
N CYS D 35 -17.69 17.64 29.83
CA CYS D 35 -16.94 18.42 30.80
C CYS D 35 -16.41 17.56 31.96
N ASP D 36 -15.15 17.78 32.42
CA ASP D 36 -14.54 17.05 33.55
C ASP D 36 -13.62 17.96 34.40
N PHE D 37 -13.87 18.05 35.73
CA PHE D 37 -13.08 18.87 36.68
C PHE D 37 -11.85 18.13 37.18
N ARG D 53 -0.21 21.03 20.83
CA ARG D 53 -1.43 20.32 21.26
C ARG D 53 -2.26 19.90 20.00
N VAL D 54 -3.63 19.98 20.04
CA VAL D 54 -4.48 19.49 18.95
C VAL D 54 -4.88 20.62 17.97
N SER D 55 -4.46 20.49 16.70
CA SER D 55 -4.77 21.46 15.64
C SER D 55 -6.15 21.18 15.04
N ASN D 56 -6.67 22.19 14.34
CA ASN D 56 -7.92 22.04 13.64
C ASN D 56 -7.57 21.65 12.17
N LYS D 57 -8.22 20.61 11.61
CA LYS D 57 -7.87 20.10 10.26
C LYS D 57 -8.27 21.04 9.08
N TYR D 58 -8.98 22.13 9.38
CA TYR D 58 -9.44 23.11 8.41
C TYR D 58 -8.70 24.44 8.47
N MSE D 59 -7.79 24.63 9.44
CA MSE D 59 -7.06 25.89 9.70
C MSE D 59 -8.01 26.98 10.24
O MSE D 59 -7.67 28.17 10.20
CB MSE D 59 -6.35 26.40 8.43
CG MSE D 59 -5.17 25.58 7.98
SE MSE D 59 -4.50 26.14 6.21
CE MSE D 59 -5.95 25.33 5.15
N TRP D 60 -9.20 26.60 10.75
CA TRP D 60 -10.17 27.56 11.27
C TRP D 60 -9.65 28.18 12.58
N SER D 61 -10.00 29.47 12.75
CA SER D 61 -9.55 30.25 13.89
C SER D 61 -10.53 31.39 14.18
N ALA D 62 -10.18 32.23 15.16
CA ALA D 62 -10.91 33.42 15.54
C ALA D 62 -11.07 34.41 14.33
N SER D 63 -10.18 34.33 13.31
CA SER D 63 -10.17 35.20 12.13
C SER D 63 -11.05 34.65 10.99
N THR D 64 -11.49 33.38 11.09
CA THR D 64 -12.39 32.75 10.11
C THR D 64 -13.79 33.33 10.24
N MSE D 65 -14.42 33.60 9.07
CA MSE D 65 -15.78 34.10 8.97
C MSE D 65 -16.74 32.91 8.93
O MSE D 65 -16.63 32.06 8.04
CB MSE D 65 -15.92 34.96 7.69
CG MSE D 65 -17.12 35.90 7.74
SE MSE D 65 -17.63 36.73 6.06
CE MSE D 65 -19.38 36.04 5.99
N GLU D 66 -17.65 32.85 9.90
CA GLU D 66 -18.70 31.82 10.01
C GLU D 66 -19.70 31.95 8.85
N TYR D 67 -20.36 30.85 8.54
CA TYR D 67 -21.37 30.82 7.50
C TYR D 67 -22.78 30.87 8.12
N ASN D 68 -23.60 31.82 7.66
CA ASN D 68 -24.99 32.01 8.05
C ASN D 68 -25.89 31.98 6.83
N PHE D 69 -26.81 31.00 6.77
CA PHE D 69 -27.79 30.87 5.68
C PHE D 69 -28.69 32.11 5.59
N SER D 70 -28.95 32.75 6.74
CA SER D 70 -29.78 33.95 6.85
C SER D 70 -29.07 35.19 6.29
N ASP D 71 -27.73 35.12 6.07
CA ASP D 71 -26.92 36.20 5.52
C ASP D 71 -26.60 35.99 4.05
N GLN D 72 -26.72 34.75 3.56
CA GLN D 72 -26.43 34.39 2.16
C GLN D 72 -27.34 35.14 1.20
N LYS D 73 -26.72 35.93 0.33
CA LYS D 73 -27.38 36.70 -0.70
C LYS D 73 -27.06 36.10 -2.06
N TRP D 74 -28.00 36.23 -3.01
CA TRP D 74 -27.85 35.78 -4.39
C TRP D 74 -27.76 36.99 -5.31
N THR D 75 -26.94 36.91 -6.38
CA THR D 75 -26.71 38.02 -7.32
C THR D 75 -28.00 38.43 -8.02
N SER D 76 -28.11 39.72 -8.32
CA SER D 76 -29.25 40.29 -9.06
C SER D 76 -29.10 39.99 -10.59
N ASN D 77 -27.89 39.60 -10.99
CA ASN D 77 -27.53 39.31 -12.37
C ASN D 77 -27.99 37.90 -12.79
N THR D 78 -29.05 37.84 -13.63
CA THR D 78 -29.62 36.63 -14.26
C THR D 78 -28.57 35.87 -15.07
N GLU D 79 -27.69 36.65 -15.73
CA GLU D 79 -26.63 36.17 -16.62
C GLU D 79 -25.28 35.93 -15.93
N ILE D 80 -25.27 35.77 -14.59
CA ILE D 80 -24.09 35.52 -13.76
C ILE D 80 -23.28 34.30 -14.26
N PHE D 81 -23.95 33.19 -14.63
CA PHE D 81 -23.25 31.99 -15.10
C PHE D 81 -22.31 32.27 -16.31
N SER D 82 -22.73 33.16 -17.23
CA SER D 82 -21.94 33.50 -18.41
C SER D 82 -20.72 34.38 -18.07
N THR D 83 -20.62 34.88 -16.81
CA THR D 83 -19.47 35.68 -16.39
C THR D 83 -18.31 34.75 -16.02
N TYR D 84 -18.57 33.46 -15.84
CA TYR D 84 -17.52 32.52 -15.47
C TYR D 84 -16.72 32.07 -16.66
N ALA D 85 -15.39 32.07 -16.51
CA ALA D 85 -14.47 31.60 -17.54
C ALA D 85 -14.65 30.10 -17.72
N LYS D 86 -14.44 29.61 -18.95
CA LYS D 86 -14.62 28.20 -19.23
C LYS D 86 -13.27 27.53 -19.50
N THR D 87 -13.18 26.21 -19.24
CA THR D 87 -11.98 25.41 -19.52
C THR D 87 -11.92 25.22 -21.04
N SER D 88 -10.80 24.67 -21.55
CA SER D 88 -10.65 24.37 -22.97
C SER D 88 -11.70 23.32 -23.42
N GLU D 89 -12.27 22.58 -22.44
CA GLU D 89 -13.29 21.55 -22.68
C GLU D 89 -14.73 22.10 -22.57
N GLY D 90 -14.90 23.38 -22.17
CA GLY D 90 -16.21 24.02 -22.05
C GLY D 90 -16.92 23.93 -20.70
N PHE D 91 -16.20 23.59 -19.62
CA PHE D 91 -16.77 23.51 -18.28
C PHE D 91 -16.40 24.71 -17.47
N VAL D 92 -17.21 25.04 -16.48
CA VAL D 92 -16.88 26.05 -15.50
C VAL D 92 -16.26 25.28 -14.32
N MSE D 93 -15.04 25.66 -13.91
CA MSE D 93 -14.36 25.03 -12.79
C MSE D 93 -15.02 25.47 -11.49
O MSE D 93 -15.43 26.62 -11.35
CB MSE D 93 -12.88 25.40 -12.79
CG MSE D 93 -12.02 24.49 -13.69
SE MSE D 93 -11.75 22.63 -13.06
CE MSE D 93 -11.48 22.98 -11.20
N SER D 94 -15.10 24.56 -10.52
CA SER D 94 -15.70 24.84 -9.23
C SER D 94 -14.86 25.81 -8.44
N GLY D 95 -15.48 26.43 -7.44
CA GLY D 95 -14.81 27.29 -6.49
C GLY D 95 -14.10 26.39 -5.49
N PHE D 96 -13.33 26.97 -4.59
CA PHE D 96 -12.66 26.18 -3.58
C PHE D 96 -12.71 26.91 -2.23
N LEU D 97 -13.61 26.50 -1.36
CA LEU D 97 -13.74 27.13 -0.06
C LEU D 97 -12.56 26.75 0.86
N LEU D 98 -11.76 27.74 1.24
CA LEU D 98 -10.61 27.42 2.06
C LEU D 98 -10.37 28.50 3.10
N ASN D 99 -10.80 28.19 4.37
CA ASN D 99 -10.67 29.02 5.54
C ASN D 99 -11.17 30.45 5.22
N PRO D 100 -12.47 30.63 4.93
CA PRO D 100 -12.93 31.99 4.55
C PRO D 100 -12.71 32.99 5.68
N LYS D 101 -11.96 34.08 5.40
CA LYS D 101 -11.68 35.08 6.42
C LYS D 101 -12.54 36.35 6.25
N GLY D 102 -13.18 36.48 5.09
CA GLY D 102 -14.06 37.61 4.81
C GLY D 102 -15.05 37.31 3.70
N GLN D 103 -15.98 38.25 3.45
CA GLN D 103 -17.02 38.12 2.43
C GLN D 103 -16.45 37.80 1.05
N SER D 104 -15.36 38.47 0.64
CA SER D 104 -14.70 38.27 -0.66
C SER D 104 -14.31 36.81 -0.91
N ASN D 105 -13.93 36.08 0.14
CA ASN D 105 -13.56 34.66 0.10
C ASN D 105 -14.75 33.78 -0.24
N TYR D 106 -15.95 34.11 0.29
CA TYR D 106 -17.19 33.41 0.02
C TYR D 106 -17.71 33.72 -1.39
N ASN D 107 -17.53 34.97 -1.83
CA ASN D 107 -17.94 35.47 -3.14
C ASN D 107 -17.24 34.77 -4.25
N SER D 108 -15.94 34.47 -4.07
CA SER D 108 -15.16 33.80 -5.11
C SER D 108 -15.28 32.25 -5.05
N ALA D 109 -15.60 31.68 -3.88
CA ALA D 109 -15.76 30.23 -3.71
C ALA D 109 -17.15 29.74 -4.21
N LEU D 110 -18.15 30.64 -4.26
CA LEU D 110 -19.49 30.31 -4.74
C LEU D 110 -19.56 30.23 -6.26
N ARG D 111 -20.43 29.34 -6.75
CA ARG D 111 -20.83 29.20 -8.15
C ARG D 111 -22.35 29.24 -8.10
N GLU D 112 -22.94 30.21 -8.78
CA GLU D 112 -24.38 30.37 -8.80
C GLU D 112 -24.85 30.70 -10.22
N GLY D 113 -26.13 30.52 -10.45
CA GLY D 113 -26.73 30.78 -11.76
C GLY D 113 -28.22 30.64 -11.74
N TYR D 114 -28.87 31.08 -12.81
CA TYR D 114 -30.31 31.01 -13.01
C TYR D 114 -30.51 30.17 -14.24
N LEU D 115 -31.22 29.02 -14.12
CA LEU D 115 -31.37 28.11 -15.25
C LEU D 115 -32.35 28.63 -16.33
N ASN D 116 -32.79 29.89 -16.21
CA ASN D 116 -33.65 30.55 -17.20
C ASN D 116 -32.84 31.66 -17.92
N ASP D 117 -31.49 31.62 -17.80
CA ASP D 117 -30.60 32.57 -18.46
C ASP D 117 -30.41 32.18 -19.95
N SER D 118 -29.67 33.01 -20.70
CA SER D 118 -29.41 32.81 -22.13
C SER D 118 -28.49 31.62 -22.42
N ALA D 119 -27.68 31.22 -21.44
CA ALA D 119 -26.71 30.14 -21.56
C ALA D 119 -27.32 28.74 -21.46
N TYR D 120 -28.51 28.61 -20.84
CA TYR D 120 -29.12 27.31 -20.59
C TYR D 120 -29.43 26.49 -21.86
N ASP D 121 -30.06 27.10 -22.88
CA ASP D 121 -30.50 26.37 -24.06
C ASP D 121 -29.37 25.71 -24.89
N GLU D 122 -28.14 26.30 -24.90
CA GLU D 122 -26.98 25.77 -25.64
C GLU D 122 -26.78 24.25 -25.43
N ASN D 123 -26.64 23.79 -24.16
CA ASN D 123 -26.42 22.36 -23.90
C ASN D 123 -27.47 21.77 -22.95
N GLN D 124 -28.58 22.52 -22.74
CA GLN D 124 -29.70 22.19 -21.83
C GLN D 124 -29.18 21.95 -20.40
N GLY D 125 -28.50 22.98 -19.87
CA GLY D 125 -27.94 22.92 -18.54
C GLY D 125 -26.71 23.77 -18.34
N HIS D 126 -26.29 23.89 -17.06
CA HIS D 126 -25.09 24.57 -16.59
C HIS D 126 -24.11 23.45 -16.19
N TYR D 127 -22.98 23.39 -16.90
CA TYR D 127 -21.96 22.35 -16.80
C TYR D 127 -20.71 22.84 -16.12
N TYR D 128 -20.36 22.14 -15.03
CA TYR D 128 -19.21 22.43 -14.19
C TYR D 128 -18.30 21.24 -14.09
N GLN D 129 -17.06 21.48 -13.67
CA GLN D 129 -16.08 20.46 -13.34
C GLN D 129 -15.73 20.62 -11.86
N CYS D 130 -15.56 19.48 -11.17
CA CYS D 130 -15.18 19.47 -9.75
C CYS D 130 -14.08 18.46 -9.47
N VAL D 131 -12.91 18.95 -9.10
CA VAL D 131 -11.76 18.10 -8.80
CA VAL D 131 -11.75 18.10 -8.80
C VAL D 131 -11.62 17.94 -7.27
N VAL D 132 -11.51 16.67 -6.82
CA VAL D 132 -11.38 16.34 -5.39
C VAL D 132 -10.03 15.63 -5.22
N SER D 133 -9.11 16.19 -4.42
CA SER D 133 -7.79 15.57 -4.22
C SER D 133 -7.52 15.26 -2.75
N ASP D 134 -8.22 15.97 -1.83
CA ASP D 134 -8.00 15.83 -0.40
C ASP D 134 -9.29 15.42 0.27
N GLU D 135 -9.22 14.41 1.17
CA GLU D 135 -10.34 13.95 1.96
C GLU D 135 -10.90 15.04 2.88
N ASP D 136 -10.08 16.03 3.23
CA ASP D 136 -10.54 17.10 4.12
C ASP D 136 -11.24 18.24 3.33
N CYS D 137 -11.03 18.30 2.01
CA CYS D 137 -11.59 19.31 1.12
C CYS D 137 -12.38 18.62 -0.03
N ASN D 138 -13.11 17.55 0.32
CA ASN D 138 -13.91 16.71 -0.54
C ASN D 138 -15.41 17.07 -0.50
N ASN D 139 -15.74 18.21 0.09
CA ASN D 139 -17.12 18.65 0.26
C ASN D 139 -17.74 19.33 -0.94
N ILE D 140 -19.04 19.08 -1.14
CA ILE D 140 -19.86 19.86 -2.06
C ILE D 140 -21.12 20.22 -1.28
N THR D 141 -21.49 21.51 -1.24
CA THR D 141 -22.70 21.95 -0.58
C THR D 141 -23.53 22.67 -1.63
N PHE D 142 -24.75 22.14 -1.89
CA PHE D 142 -25.70 22.63 -2.86
C PHE D 142 -26.83 23.34 -2.18
N MSE D 143 -27.39 24.35 -2.86
CA MSE D 143 -28.54 25.14 -2.40
C MSE D 143 -29.43 25.33 -3.61
O MSE D 143 -29.15 26.17 -4.45
CB MSE D 143 -28.13 26.48 -1.78
CG MSE D 143 -27.38 26.33 -0.52
SE MSE D 143 -25.58 26.92 -0.71
CE MSE D 143 -25.27 27.31 1.06
N LEU D 144 -30.44 24.47 -3.72
CA LEU D 144 -31.31 24.42 -4.90
C LEU D 144 -32.70 24.99 -4.64
N GLU D 145 -33.15 25.87 -5.54
CA GLU D 145 -34.51 26.39 -5.48
C GLU D 145 -35.46 25.30 -6.08
N SER D 146 -36.79 25.53 -6.02
CA SER D 146 -37.82 24.54 -6.38
C SER D 146 -37.73 23.95 -7.80
N ASN D 147 -37.25 24.69 -8.81
CA ASN D 147 -37.23 24.15 -10.17
C ASN D 147 -35.84 23.64 -10.60
N VAL D 148 -34.93 23.38 -9.63
CA VAL D 148 -33.57 22.96 -9.97
C VAL D 148 -33.27 21.52 -9.52
N ASN D 149 -32.66 20.75 -10.44
CA ASN D 149 -32.12 19.40 -10.24
C ASN D 149 -30.59 19.46 -10.48
N VAL D 150 -29.80 18.68 -9.73
CA VAL D 150 -28.37 18.62 -9.95
C VAL D 150 -27.99 17.15 -10.18
N PHE D 151 -26.98 16.94 -11.02
CA PHE D 151 -26.47 15.65 -11.42
C PHE D 151 -24.98 15.66 -11.29
N ILE D 152 -24.40 14.58 -10.73
CA ILE D 152 -22.95 14.47 -10.62
C ILE D 152 -22.52 13.26 -11.39
N PHE D 153 -21.53 13.44 -12.27
CA PHE D 153 -20.96 12.41 -13.12
C PHE D 153 -19.53 12.15 -12.73
N ASP D 154 -19.06 10.92 -12.91
CA ASP D 154 -17.68 10.60 -12.62
C ASP D 154 -16.81 10.90 -13.87
N ASN D 155 -15.52 10.54 -13.80
CA ASN D 155 -14.52 10.81 -14.83
C ASN D 155 -14.86 10.11 -16.16
N ASP D 156 -15.65 9.02 -16.12
CA ASP D 156 -16.07 8.34 -17.35
C ASP D 156 -17.42 8.82 -17.85
N ILE D 157 -17.99 9.88 -17.23
CA ILE D 157 -19.27 10.52 -17.59
C ILE D 157 -20.43 9.56 -17.30
N ASN D 158 -20.33 8.82 -16.20
CA ASN D 158 -21.39 7.94 -15.72
C ASN D 158 -22.04 8.59 -14.50
N LEU D 159 -23.38 8.59 -14.44
CA LEU D 159 -24.12 9.25 -13.39
C LEU D 159 -23.87 8.58 -12.06
N ILE D 160 -23.45 9.38 -11.05
CA ILE D 160 -23.16 8.89 -9.70
C ILE D 160 -24.05 9.57 -8.65
N TYR D 161 -24.85 10.60 -9.05
CA TYR D 161 -25.74 11.31 -8.14
C TYR D 161 -26.77 12.15 -8.89
N ARG D 162 -28.03 12.18 -8.36
CA ARG D 162 -29.14 13.02 -8.83
C ARG D 162 -29.93 13.51 -7.60
N SER D 163 -30.18 14.83 -7.49
CA SER D 163 -30.88 15.38 -6.32
C SER D 163 -32.37 15.17 -6.34
N SER D 164 -32.99 14.91 -7.53
CA SER D 164 -34.45 14.72 -7.70
C SER D 164 -35.03 13.77 -6.65
N ASP D 165 -34.41 12.60 -6.45
CA ASP D 165 -34.83 11.62 -5.44
C ASP D 165 -33.65 11.24 -4.54
N GLU D 166 -32.51 11.98 -4.67
CA GLU D 166 -31.27 11.81 -3.88
C GLU D 166 -30.78 10.36 -3.96
N ALA D 167 -30.53 9.92 -5.18
CA ALA D 167 -30.03 8.58 -5.51
C ALA D 167 -28.61 8.70 -6.06
N GLY D 168 -27.78 7.72 -5.75
CA GLY D 168 -26.41 7.70 -6.24
C GLY D 168 -25.68 6.38 -6.12
N VAL D 169 -24.42 6.36 -6.63
CA VAL D 169 -23.53 5.21 -6.53
C VAL D 169 -22.73 5.41 -5.22
N THR D 170 -23.08 4.63 -4.19
CA THR D 170 -22.56 4.80 -2.83
C THR D 170 -21.03 4.66 -2.69
N SER D 171 -20.37 3.94 -3.59
CA SER D 171 -18.92 3.74 -3.51
C SER D 171 -18.11 5.07 -3.66
N TYR D 172 -18.72 6.10 -4.24
CA TYR D 172 -18.16 7.43 -4.47
C TYR D 172 -18.40 8.38 -3.29
N PHE D 173 -19.20 7.96 -2.31
CA PHE D 173 -19.53 8.81 -1.18
C PHE D 173 -18.86 8.36 0.08
N ASP D 174 -18.38 9.36 0.83
CA ASP D 174 -17.80 9.26 2.16
C ASP D 174 -18.89 9.63 3.17
N ARG D 175 -19.82 10.51 2.76
CA ARG D 175 -20.90 11.03 3.58
C ARG D 175 -21.97 11.72 2.70
N TYR D 176 -23.19 11.83 3.27
CA TYR D 176 -24.35 12.41 2.63
C TYR D 176 -25.27 12.98 3.69
N TYR D 177 -25.71 14.22 3.45
CA TYR D 177 -26.64 14.94 4.32
C TYR D 177 -27.50 15.88 3.48
N SER D 178 -28.76 15.95 3.83
CA SER D 178 -29.74 16.75 3.12
C SER D 178 -30.71 17.42 4.11
N THR D 179 -31.12 18.66 3.85
CA THR D 179 -32.09 19.40 4.67
C THR D 179 -32.76 20.49 3.83
N THR D 180 -33.42 21.43 4.51
CA THR D 180 -34.11 22.56 3.91
C THR D 180 -33.76 23.80 4.73
N LYS D 181 -33.39 24.88 4.04
CA LYS D 181 -33.10 26.14 4.71
C LYS D 181 -33.79 27.28 3.95
N THR D 182 -34.13 28.35 4.65
CA THR D 182 -34.67 29.55 4.03
C THR D 182 -33.47 30.44 3.71
N ILE D 183 -33.19 30.60 2.42
CA ILE D 183 -32.09 31.43 1.92
C ILE D 183 -32.74 32.54 1.09
N ALA D 184 -32.42 33.82 1.39
CA ALA D 184 -32.97 35.00 0.69
C ALA D 184 -34.52 34.88 0.50
N GLY D 185 -35.21 34.64 1.62
CA GLY D 185 -36.66 34.52 1.72
C GLY D 185 -37.34 33.38 0.99
N THR D 186 -36.57 32.39 0.48
CA THR D 186 -37.09 31.26 -0.27
C THR D 186 -36.54 29.97 0.32
N SER D 187 -37.39 28.92 0.35
CA SER D 187 -37.01 27.59 0.82
C SER D 187 -36.08 26.91 -0.20
N ASN D 188 -34.92 26.45 0.27
CA ASN D 188 -33.94 25.78 -0.57
C ASN D 188 -33.65 24.38 -0.10
N LYS D 189 -33.48 23.44 -1.05
CA LYS D 189 -33.00 22.09 -0.75
C LYS D 189 -31.50 22.24 -0.49
N VAL D 190 -31.05 21.98 0.75
CA VAL D 190 -29.62 22.13 1.08
C VAL D 190 -29.03 20.73 1.23
N ILE D 191 -28.08 20.41 0.38
CA ILE D 191 -27.38 19.12 0.34
C ILE D 191 -25.88 19.33 0.59
N SER D 192 -25.29 18.52 1.46
CA SER D 192 -23.86 18.49 1.77
C SER D 192 -23.42 17.05 1.69
N LEU D 193 -22.45 16.80 0.83
CA LEU D 193 -21.94 15.47 0.57
C LEU D 193 -20.42 15.55 0.48
N GLY D 194 -19.76 14.41 0.63
CA GLY D 194 -18.32 14.26 0.55
C GLY D 194 -17.98 13.14 -0.41
N LEU D 195 -17.14 13.44 -1.41
CA LEU D 195 -16.78 12.47 -2.42
C LEU D 195 -15.42 11.91 -2.21
N ILE D 196 -15.16 10.71 -2.74
CA ILE D 196 -13.81 10.12 -2.77
C ILE D 196 -12.95 10.95 -3.79
N ASP D 197 -11.62 10.83 -3.75
CA ASP D 197 -10.76 11.59 -4.66
C ASP D 197 -11.06 11.20 -6.08
N GLY D 198 -11.06 12.20 -6.96
CA GLY D 198 -11.32 12.00 -8.37
C GLY D 198 -11.75 13.26 -9.09
N ASN D 199 -12.07 13.08 -10.37
CA ASN D 199 -12.56 14.12 -11.27
C ASN D 199 -14.06 13.89 -11.50
N TYR D 200 -14.83 14.98 -11.39
CA TYR D 200 -16.28 14.95 -11.47
C TYR D 200 -16.80 16.08 -12.30
N TYR D 201 -17.99 15.87 -12.83
CA TYR D 201 -18.75 16.87 -13.58
C TYR D 201 -20.07 17.07 -12.87
N ILE D 202 -20.48 18.34 -12.75
CA ILE D 202 -21.71 18.77 -12.09
C ILE D 202 -22.59 19.47 -13.12
N VAL D 203 -23.81 18.96 -13.30
CA VAL D 203 -24.76 19.52 -14.26
C VAL D 203 -26.03 19.93 -13.54
N PHE D 204 -26.48 21.16 -13.78
CA PHE D 204 -27.74 21.69 -13.24
C PHE D 204 -28.78 21.77 -14.35
N LYS D 205 -29.94 21.16 -14.13
CA LYS D 205 -31.03 21.13 -15.11
C LYS D 205 -32.36 21.55 -14.43
N VAL D 206 -33.30 22.04 -15.23
CA VAL D 206 -34.62 22.45 -14.74
C VAL D 206 -35.49 21.21 -14.48
N LYS D 207 -36.40 21.31 -13.49
CA LYS D 207 -37.36 20.27 -13.20
C LYS D 207 -38.48 20.34 -14.25
N ASP D 208 -39.14 21.51 -14.32
CA ASP D 208 -40.23 21.81 -15.23
C ASP D 208 -39.91 23.09 -15.99
N ALA D 209 -39.71 22.97 -17.32
CA ALA D 209 -39.36 24.10 -18.18
C ALA D 209 -40.49 25.17 -18.26
N THR D 210 -41.69 24.85 -17.75
CA THR D 210 -42.84 25.75 -17.75
C THR D 210 -43.06 26.42 -16.36
N ALA D 211 -42.19 26.15 -15.38
CA ALA D 211 -42.33 26.76 -14.04
C ALA D 211 -42.08 28.26 -14.08
N THR D 212 -42.78 29.01 -13.23
CA THR D 212 -42.69 30.48 -13.20
C THR D 212 -41.49 30.94 -12.36
N THR D 213 -41.14 30.19 -11.28
CA THR D 213 -40.03 30.54 -10.39
C THR D 213 -39.16 29.31 -10.04
N GLY D 214 -38.17 29.54 -9.17
CA GLY D 214 -37.24 28.54 -8.62
C GLY D 214 -36.10 28.09 -9.50
N TYR D 215 -35.57 28.99 -10.35
CA TYR D 215 -34.51 28.69 -11.32
C TYR D 215 -33.08 28.91 -10.79
N HIS D 216 -32.91 29.30 -9.53
CA HIS D 216 -31.59 29.57 -8.98
C HIS D 216 -30.98 28.37 -8.25
N TYR D 217 -29.65 28.27 -8.34
CA TYR D 217 -28.85 27.27 -7.64
C TYR D 217 -27.58 27.96 -7.15
N GLY D 218 -27.04 27.47 -6.07
CA GLY D 218 -25.79 27.94 -5.51
C GLY D 218 -25.00 26.73 -5.06
N TYR D 219 -23.68 26.81 -5.05
CA TYR D 219 -22.90 25.69 -4.52
C TYR D 219 -21.47 26.08 -4.19
N TYR D 220 -20.93 25.37 -3.19
CA TYR D 220 -19.58 25.48 -2.68
C TYR D 220 -18.86 24.11 -2.72
N ALA D 221 -17.63 24.10 -3.20
CA ALA D 221 -16.78 22.91 -3.18
C ALA D 221 -15.54 23.24 -2.34
N GLY D 222 -14.85 22.21 -1.86
CA GLY D 222 -13.66 22.40 -1.03
C GLY D 222 -13.95 22.04 0.40
N GLN D 223 -13.62 22.91 1.33
CA GLN D 223 -13.92 22.64 2.74
C GLN D 223 -15.43 22.72 2.98
N PRO D 224 -15.98 21.99 3.99
CA PRO D 224 -17.37 22.22 4.39
C PRO D 224 -17.54 23.64 4.96
N LEU D 225 -18.78 24.06 5.12
CA LEU D 225 -19.05 25.41 5.65
C LEU D 225 -18.76 25.49 7.15
N PRO D 226 -18.03 26.55 7.63
CA PRO D 226 -17.81 26.69 9.07
C PRO D 226 -19.05 27.27 9.77
N ILE D 227 -19.66 26.49 10.70
CA ILE D 227 -20.85 26.91 11.44
C ILE D 227 -20.49 27.25 12.92
N ALA D 228 -20.85 28.46 13.36
CA ALA D 228 -20.59 28.89 14.74
C ALA D 228 -21.46 28.13 15.73
N GLN D 229 -20.81 27.69 16.81
CA GLN D 229 -21.43 26.94 17.91
C GLN D 229 -20.97 27.51 19.24
N THR D 230 -21.75 27.28 20.27
CA THR D 230 -21.38 27.76 21.58
C THR D 230 -21.81 26.71 22.60
N THR D 231 -20.99 26.50 23.62
CA THR D 231 -21.25 25.54 24.69
C THR D 231 -20.80 26.16 25.99
N THR D 232 -21.69 26.16 27.00
CA THR D 232 -21.47 26.64 28.39
C THR D 232 -21.51 25.46 29.34
N PHE D 233 -20.48 25.33 30.17
CA PHE D 233 -20.29 24.23 31.13
C PHE D 233 -20.75 24.65 32.54
N SER D 234 -21.21 23.71 33.35
CA SER D 234 -21.80 24.00 34.68
C SER D 234 -20.77 24.01 35.83
N ASP D 235 -19.64 23.30 35.64
CA ASP D 235 -18.52 23.25 36.60
C ASP D 235 -17.90 24.62 36.76
N LEU D 236 -17.73 25.01 38.01
CA LEU D 236 -17.20 26.30 38.36
C LEU D 236 -15.71 26.38 38.11
N THR D 237 -15.28 27.53 37.61
CA THR D 237 -13.90 27.90 37.29
C THR D 237 -13.61 29.12 38.12
N HIS D 238 -12.32 29.52 38.27
CA HIS D 238 -11.89 30.68 39.09
C HIS D 238 -12.54 30.69 40.49
N TYR D 239 -12.89 29.50 41.05
CA TYR D 239 -13.60 29.42 42.31
C TYR D 239 -12.65 29.14 43.49
N THR D 240 -12.54 30.11 44.40
CA THR D 240 -11.72 30.07 45.60
C THR D 240 -12.11 31.19 46.54
N THR D 241 -11.75 31.05 47.85
CA THR D 241 -11.88 32.10 48.85
C THR D 241 -10.45 32.55 49.19
N ILE D 242 -10.09 33.80 48.88
CA ILE D 242 -8.78 34.37 49.20
C ILE D 242 -8.96 35.26 50.44
N LYS D 243 -8.30 34.91 51.53
CA LYS D 243 -8.33 35.70 52.76
C LYS D 243 -7.11 36.60 52.82
N TRP D 244 -7.29 37.89 53.16
CA TRP D 244 -6.19 38.86 53.29
C TRP D 244 -5.13 38.37 54.30
N ASN D 245 -3.85 38.30 53.85
CA ASN D 245 -2.71 37.80 54.63
C ASN D 245 -2.17 38.84 55.63
N ARG D 246 -2.91 39.97 55.80
CA ARG D 246 -2.66 41.09 56.72
C ARG D 246 -1.38 41.90 56.37
N SER D 247 -0.75 41.65 55.19
CA SER D 247 0.48 42.39 54.84
C SER D 247 0.55 42.81 53.35
N SER D 248 0.42 41.85 52.40
CA SER D 248 0.54 42.16 50.97
C SER D 248 -0.69 42.91 50.43
N SER D 249 -0.45 43.68 49.34
CA SER D 249 -1.41 44.52 48.61
C SER D 249 -2.17 43.72 47.54
N SER D 250 -1.61 42.57 47.14
CA SER D 250 -2.18 41.65 46.17
C SER D 250 -1.89 40.20 46.56
N GLN D 251 -2.85 39.31 46.27
CA GLN D 251 -2.78 37.87 46.52
C GLN D 251 -3.35 37.09 45.35
N SER D 252 -2.67 36.01 44.97
CA SER D 252 -3.04 35.15 43.87
C SER D 252 -3.35 33.72 44.31
N ALA D 253 -4.10 32.99 43.46
CA ALA D 253 -4.46 31.59 43.69
C ALA D 253 -4.78 30.89 42.38
N SER D 254 -4.17 29.72 42.17
CA SER D 254 -4.46 28.90 41.02
C SER D 254 -5.75 28.17 41.30
N THR D 255 -6.70 28.23 40.34
CA THR D 255 -8.01 27.64 40.53
C THR D 255 -8.19 26.42 39.60
N GLN D 256 -9.45 25.97 39.41
CA GLN D 256 -9.86 24.78 38.67
C GLN D 256 -9.40 24.73 37.22
N THR D 257 -9.13 23.50 36.75
CA THR D 257 -8.79 23.19 35.37
C THR D 257 -9.88 22.27 34.82
N LEU D 258 -10.47 22.66 33.69
CA LEU D 258 -11.50 21.87 33.03
C LEU D 258 -10.93 21.13 31.86
N THR D 259 -11.35 19.86 31.68
CA THR D 259 -10.96 19.06 30.53
C THR D 259 -12.19 18.95 29.63
N ILE D 260 -12.08 19.49 28.40
CA ILE D 260 -13.19 19.48 27.45
C ILE D 260 -12.94 18.33 26.48
N ASN D 261 -13.94 17.45 26.32
CA ASN D 261 -13.81 16.28 25.46
C ASN D 261 -14.86 16.24 24.33
N CYS D 262 -14.40 15.89 23.11
CA CYS D 262 -15.18 15.74 21.87
C CYS D 262 -15.36 14.25 21.57
N PRO D 263 -16.40 13.82 20.80
CA PRO D 263 -16.51 12.39 20.44
C PRO D 263 -15.27 11.93 19.69
N SER D 264 -14.72 10.75 20.04
CA SER D 264 -13.48 10.19 19.49
C SER D 264 -13.41 10.28 17.96
N GLY D 265 -12.24 10.72 17.48
CA GLY D 265 -11.90 10.89 16.06
C GLY D 265 -12.33 12.21 15.44
N SER D 266 -13.25 12.95 16.11
CA SER D 266 -13.76 14.20 15.61
C SER D 266 -13.12 15.43 16.25
N GLU D 267 -12.16 15.25 17.20
CA GLU D 267 -11.47 16.38 17.85
C GLU D 267 -11.03 17.47 16.85
N ASP D 268 -10.49 17.07 15.64
CA ASP D 268 -9.97 17.99 14.61
C ASP D 268 -11.07 18.76 13.80
N GLU D 269 -12.35 18.39 13.97
CA GLU D 269 -13.53 19.02 13.33
C GLU D 269 -14.03 20.22 14.16
N TYR D 270 -13.61 20.34 15.44
CA TYR D 270 -14.01 21.42 16.37
C TYR D 270 -12.92 22.48 16.43
N ALA D 271 -13.21 23.73 16.04
CA ALA D 271 -12.20 24.79 16.05
C ALA D 271 -12.52 25.97 17.03
N LEU D 272 -11.64 26.20 18.03
CA LEU D 272 -11.75 27.24 19.03
C LEU D 272 -11.63 28.62 18.42
N THR D 273 -12.66 29.49 18.65
CA THR D 273 -12.67 30.88 18.14
C THR D 273 -12.78 31.95 19.28
N GLY D 274 -13.23 31.53 20.44
CA GLY D 274 -13.39 32.44 21.57
C GLY D 274 -13.78 31.76 22.85
N VAL D 275 -13.34 32.38 23.95
CA VAL D 275 -13.57 31.91 25.31
C VAL D 275 -14.22 33.03 26.13
N LYS D 276 -15.32 32.71 26.79
CA LYS D 276 -16.02 33.66 27.66
C LYS D 276 -16.23 33.05 29.05
N PHE D 277 -15.97 33.85 30.09
CA PHE D 277 -16.24 33.46 31.47
C PHE D 277 -17.27 34.37 32.02
N SER D 278 -18.42 33.80 32.42
CA SER D 278 -19.50 34.56 33.06
C SER D 278 -19.22 34.63 34.56
N ASP D 279 -19.10 35.86 35.13
CA ASP D 279 -18.82 36.08 36.56
C ASP D 279 -20.05 35.78 37.39
N LYS D 280 -19.93 34.85 38.35
CA LYS D 280 -21.06 34.44 39.19
C LYS D 280 -20.86 34.83 40.66
N SER D 281 -19.98 35.81 40.96
CA SER D 281 -19.65 36.18 42.34
C SER D 281 -20.26 37.51 42.86
N LYS D 282 -21.24 38.12 42.15
CA LYS D 282 -21.83 39.38 42.59
C LYS D 282 -22.31 39.32 44.03
N ALA D 283 -22.98 38.22 44.44
CA ALA D 283 -23.54 38.04 45.79
C ALA D 283 -22.50 38.06 46.92
N PHE D 284 -21.19 37.92 46.58
CA PHE D 284 -20.13 37.93 47.59
C PHE D 284 -19.57 39.32 47.85
N ALA D 285 -20.02 40.33 47.04
CA ALA D 285 -19.66 41.75 47.16
C ALA D 285 -18.16 41.95 47.44
N ASN D 286 -17.31 41.44 46.55
CA ASN D 286 -15.85 41.51 46.68
C ASN D 286 -15.32 42.94 46.52
N ASN D 287 -16.13 43.87 45.94
CA ASN D 287 -15.81 45.29 45.71
C ASN D 287 -15.59 46.04 47.02
N THR D 288 -16.12 45.51 48.14
CA THR D 288 -16.04 46.10 49.45
C THR D 288 -14.61 46.01 50.03
N TYR D 289 -13.80 45.00 49.63
CA TYR D 289 -12.42 44.88 50.15
C TYR D 289 -11.36 44.80 49.03
N ALA D 290 -11.81 44.70 47.76
CA ALA D 290 -10.92 44.65 46.61
C ALA D 290 -11.15 45.83 45.67
N SER D 291 -10.05 46.43 45.18
CA SER D 291 -10.08 47.54 44.21
C SER D 291 -10.43 46.96 42.83
N SER D 292 -9.90 45.77 42.53
CA SER D 292 -10.13 44.98 41.33
C SER D 292 -9.72 43.52 41.55
N ILE D 293 -10.14 42.62 40.65
CA ILE D 293 -9.77 41.21 40.61
C ILE D 293 -9.39 40.91 39.16
N ASP D 294 -8.22 40.28 38.95
CA ASP D 294 -7.74 39.90 37.63
C ASP D 294 -7.97 38.41 37.44
N TYR D 295 -8.46 38.01 36.26
CA TYR D 295 -8.78 36.63 35.95
C TYR D 295 -7.92 36.16 34.80
N TYR D 296 -7.33 34.97 34.95
CA TYR D 296 -6.44 34.37 33.96
C TYR D 296 -6.91 32.99 33.59
N TYR D 297 -6.45 32.49 32.43
CA TYR D 297 -6.76 31.15 31.97
C TYR D 297 -5.69 30.67 31.00
N THR D 298 -5.54 29.33 30.85
CA THR D 298 -4.62 28.74 29.87
C THR D 298 -5.51 27.96 28.89
N PRO D 299 -5.65 28.40 27.62
CA PRO D 299 -6.50 27.65 26.68
C PRO D 299 -5.91 26.27 26.36
N ALA D 300 -6.74 25.35 25.88
CA ALA D 300 -6.32 24.00 25.48
C ALA D 300 -5.29 24.04 24.35
N THR D 301 -5.32 25.12 23.54
CA THR D 301 -4.48 25.36 22.35
C THR D 301 -3.20 26.18 22.65
N ALA D 302 -2.78 26.27 23.93
CA ALA D 302 -1.52 26.93 24.35
C ALA D 302 -1.09 26.40 25.70
N SER D 303 0.17 26.70 26.09
CA SER D 303 0.73 26.35 27.40
C SER D 303 0.95 27.60 28.27
N TYR D 304 0.64 28.80 27.75
CA TYR D 304 0.82 30.05 28.48
C TYR D 304 -0.50 30.65 29.00
N SER D 305 -0.45 31.26 30.19
CA SER D 305 -1.58 31.95 30.82
C SER D 305 -1.84 33.29 30.11
N LYS D 306 -3.11 33.70 30.03
CA LYS D 306 -3.57 34.94 29.40
C LYS D 306 -4.51 35.69 30.34
N LYS D 307 -4.36 37.01 30.47
CA LYS D 307 -5.29 37.79 31.28
C LYS D 307 -6.58 37.95 30.50
N LEU D 308 -7.70 37.62 31.14
CA LEU D 308 -9.00 37.74 30.50
C LEU D 308 -9.43 39.20 30.54
N ALA D 309 -9.96 39.71 29.44
CA ALA D 309 -10.41 41.09 29.31
C ALA D 309 -11.80 41.28 29.90
N GLN D 310 -11.94 42.27 30.78
CA GLN D 310 -13.20 42.66 31.41
C GLN D 310 -14.00 43.52 30.44
N THR D 311 -15.15 43.02 29.95
CA THR D 311 -15.99 43.73 28.98
C THR D 311 -16.60 45.04 29.55
N GLY D 312 -16.80 45.11 30.85
CA GLY D 312 -17.37 46.29 31.49
C GLY D 312 -16.80 46.50 32.87
N GLY D 313 -17.68 46.76 33.82
CA GLY D 313 -17.30 46.97 35.21
C GLY D 313 -17.31 45.70 36.02
N TRP D 314 -17.57 45.81 37.32
CA TRP D 314 -17.63 44.67 38.23
C TRP D 314 -18.66 43.68 37.76
N TRP D 315 -18.27 42.39 37.74
CA TRP D 315 -19.08 41.23 37.41
C TRP D 315 -19.47 41.14 35.91
N SER D 316 -18.71 41.83 35.05
CA SER D 316 -18.91 41.75 33.60
C SER D 316 -18.18 40.53 33.08
N ASP D 317 -18.47 40.12 31.82
CA ASP D 317 -17.85 38.97 31.21
C ASP D 317 -16.35 39.16 31.03
N LEU D 318 -15.61 38.05 31.22
CA LEU D 318 -14.16 37.96 31.11
C LEU D 318 -13.86 37.14 29.87
N VAL D 319 -13.31 37.79 28.83
CA VAL D 319 -13.16 37.18 27.50
C VAL D 319 -11.74 37.10 26.93
N ASP D 320 -11.57 36.12 26.04
CA ASP D 320 -10.46 35.92 25.12
C ASP D 320 -11.13 35.77 23.76
N ASN D 321 -11.13 36.88 23.00
CA ASN D 321 -11.77 36.94 21.69
C ASN D 321 -10.80 36.48 20.58
N ASN D 322 -9.52 36.27 20.93
CA ASN D 322 -8.53 35.79 19.98
C ASN D 322 -7.68 34.68 20.63
N PRO D 323 -8.28 33.50 20.98
CA PRO D 323 -7.47 32.43 21.54
C PRO D 323 -6.60 31.76 20.48
N PRO D 324 -5.52 31.07 20.86
CA PRO D 324 -4.72 30.36 19.84
C PRO D 324 -5.58 29.34 19.11
N SER D 325 -5.35 29.16 17.78
CA SER D 325 -6.11 28.22 16.93
C SER D 325 -5.85 26.76 17.30
N GLY D 326 -6.83 25.88 17.02
CA GLY D 326 -6.76 24.45 17.30
C GLY D 326 -8.09 23.88 17.77
N SER D 327 -8.09 22.63 18.24
CA SER D 327 -9.29 21.99 18.76
C SER D 327 -9.71 22.55 20.13
N ILE D 328 -11.02 22.43 20.46
CA ILE D 328 -11.55 22.86 21.73
C ILE D 328 -11.20 21.81 22.79
N ASP D 329 -11.01 20.55 22.34
CA ASP D 329 -10.65 19.42 23.19
C ASP D 329 -9.32 19.72 23.84
N GLY D 330 -9.32 19.67 25.18
CA GLY D 330 -8.12 19.91 25.97
C GLY D 330 -8.35 20.40 27.38
N ASN D 331 -7.28 20.95 27.99
CA ASN D 331 -7.24 21.43 29.37
C ASN D 331 -7.23 22.95 29.46
N TYR D 332 -8.20 23.49 30.20
CA TYR D 332 -8.32 24.92 30.42
C TYR D 332 -8.06 25.24 31.89
N ALA D 333 -6.84 25.69 32.20
CA ALA D 333 -6.44 26.07 33.56
C ALA D 333 -6.95 27.48 33.86
N THR D 334 -7.15 27.81 35.14
CA THR D 334 -7.62 29.13 35.53
C THR D 334 -6.90 29.55 36.81
N SER D 335 -6.79 30.87 37.03
CA SER D 335 -6.17 31.48 38.21
C SER D 335 -6.69 32.90 38.41
N VAL D 336 -6.56 33.43 39.64
CA VAL D 336 -7.08 34.77 39.98
C VAL D 336 -6.07 35.56 40.80
N THR D 337 -6.14 36.91 40.72
CA THR D 337 -5.32 37.83 41.51
C THR D 337 -6.24 38.91 42.10
N VAL D 338 -6.30 38.97 43.44
CA VAL D 338 -7.09 39.93 44.19
C VAL D 338 -6.21 41.14 44.52
N HIS D 339 -6.66 42.35 44.15
CA HIS D 339 -5.97 43.60 44.50
C HIS D 339 -6.76 44.25 45.60
N TRP D 340 -6.22 44.27 46.83
CA TRP D 340 -6.93 44.83 47.97
C TRP D 340 -7.01 46.34 47.88
N VAL D 341 -8.04 46.93 48.54
CA VAL D 341 -8.28 48.38 48.60
C VAL D 341 -7.13 49.06 49.36
N SER D 342 -6.70 50.25 48.89
CA SER D 342 -5.58 51.02 49.45
C SER D 342 -5.53 51.03 51.01
N GLY D 343 -6.64 51.32 51.68
CA GLY D 343 -6.65 51.39 53.14
C GLY D 343 -7.19 50.17 53.86
N ILE D 344 -7.04 48.96 53.28
CA ILE D 344 -7.51 47.69 53.88
C ILE D 344 -6.99 47.57 55.34
N SER D 345 -7.92 47.38 56.27
CA SER D 345 -7.62 47.26 57.68
C SER D 345 -8.43 46.14 58.36
N TYR D 346 -9.41 45.56 57.65
CA TYR D 346 -10.24 44.50 58.22
C TYR D 346 -9.48 43.17 58.23
N VAL D 347 -9.41 42.56 59.42
CA VAL D 347 -8.67 41.36 59.75
C VAL D 347 -9.22 40.11 59.03
N ASN D 348 -10.56 39.93 59.00
CA ASN D 348 -11.19 38.77 58.38
C ASN D 348 -11.67 39.04 56.91
N ALA D 349 -11.11 40.08 56.24
CA ALA D 349 -11.44 40.49 54.87
C ALA D 349 -11.09 39.38 53.89
N SER D 350 -12.04 39.02 53.00
CA SER D 350 -11.83 37.97 52.02
C SER D 350 -12.55 38.23 50.68
N CYS D 351 -12.21 37.43 49.67
CA CYS D 351 -12.81 37.46 48.33
C CYS D 351 -13.18 36.07 47.93
N THR D 352 -14.42 35.88 47.49
CA THR D 352 -14.85 34.59 46.98
C THR D 352 -15.15 34.80 45.51
N THR D 353 -14.41 34.11 44.65
CA THR D 353 -14.59 34.26 43.20
C THR D 353 -15.26 32.98 42.62
N MSE D 354 -15.68 33.01 41.31
CA MSE D 354 -16.31 31.89 40.62
C MSE D 354 -16.82 32.29 39.26
O MSE D 354 -17.47 33.33 39.12
CB MSE D 354 -17.46 31.28 41.44
CG MSE D 354 -18.51 32.29 41.87
SE MSE D 354 -19.94 31.52 42.86
CE MSE D 354 -18.94 30.72 44.26
N THR D 355 -16.56 31.46 38.24
CA THR D 355 -17.06 31.73 36.90
C THR D 355 -17.68 30.46 36.29
N GLN D 356 -18.29 30.61 35.13
CA GLN D 356 -18.73 29.50 34.28
C GLN D 356 -18.19 29.77 32.91
N MSE D 357 -17.51 28.76 32.35
CA MSE D 357 -16.91 28.91 31.03
C MSE D 357 -17.87 28.56 29.91
O MSE D 357 -18.68 27.65 30.03
CB MSE D 357 -15.65 28.07 30.92
CG MSE D 357 -14.73 28.49 29.78
SE MSE D 357 -13.28 27.19 29.74
CE MSE D 357 -12.03 28.19 29.47
N THR D 358 -17.74 29.30 28.80
CA THR D 358 -18.38 29.16 27.51
C THR D 358 -17.31 29.12 26.48
N LEU D 359 -17.42 28.18 25.55
CA LEU D 359 -16.51 28.05 24.39
C LEU D 359 -17.28 28.34 23.10
N ASP D 360 -16.72 29.22 22.29
CA ASP D 360 -17.24 29.58 20.97
C ASP D 360 -16.33 28.87 20.02
N TYR D 361 -16.94 28.17 19.05
CA TYR D 361 -16.18 27.38 18.10
C TYR D 361 -16.95 27.16 16.80
N LEU D 362 -16.22 26.85 15.73
CA LEU D 362 -16.75 26.51 14.41
C LEU D 362 -16.69 24.99 14.21
N VAL D 363 -17.78 24.42 13.72
CA VAL D 363 -17.88 22.99 13.37
C VAL D 363 -18.31 22.88 11.86
N PRO D 364 -17.99 21.76 11.15
CA PRO D 364 -18.39 21.64 9.72
C PRO D 364 -19.87 21.28 9.45
N PHE D 365 -20.53 22.11 8.61
CA PHE D 365 -21.90 21.84 8.21
C PHE D 365 -21.91 20.56 7.39
N GLY D 366 -22.90 19.71 7.66
CA GLY D 366 -23.04 18.43 6.97
C GLY D 366 -22.25 17.30 7.60
N ILE D 367 -21.43 17.63 8.64
CA ILE D 367 -20.65 16.60 9.34
C ILE D 367 -21.02 16.58 10.82
N ILE D 368 -20.86 17.73 11.52
CA ILE D 368 -21.16 17.86 12.96
C ILE D 368 -22.57 18.48 13.17
N VAL D 369 -23.00 19.46 12.33
CA VAL D 369 -24.33 20.09 12.42
C VAL D 369 -25.07 20.10 11.08
N GLY D 370 -26.38 20.16 11.13
CA GLY D 370 -27.23 20.21 9.94
C GLY D 370 -28.19 21.41 9.88
C1 GOL E . 1.20 -48.80 -50.08
O1 GOL E . 0.04 -49.62 -50.28
C2 GOL E . 2.33 -49.59 -49.49
O2 GOL E . 3.08 -50.21 -50.52
C3 GOL E . 3.24 -48.72 -48.65
O3 GOL E . 4.09 -49.49 -47.80
C1 GOL F . 4.15 -22.87 -46.34
O1 GOL F . 3.75 -22.18 -45.17
C2 GOL F . 4.10 -21.93 -47.52
O2 GOL F . 4.94 -20.81 -47.27
C3 GOL F . 4.55 -22.62 -48.79
O3 GOL F . 4.48 -21.72 -49.88
C1 GOL G . 16.92 -51.25 -72.53
O1 GOL G . 17.57 -52.35 -71.90
C2 GOL G . 16.91 -50.04 -71.62
O2 GOL G . 17.10 -48.85 -72.39
C3 GOL G . 15.60 -49.96 -70.88
O3 GOL G . 15.43 -48.66 -70.30
C1 GOL H . -9.29 -19.81 -64.74
O1 GOL H . -9.75 -21.13 -65.08
C2 GOL H . -8.02 -19.86 -63.93
O2 GOL H . -6.94 -20.39 -64.73
C3 GOL H . -7.68 -18.48 -63.43
O3 GOL H . -6.46 -18.49 -62.68
P PO4 I . -9.15 -23.24 -60.95
O1 PO4 I . -9.30 -21.69 -61.13
O2 PO4 I . -7.85 -23.43 -60.13
O3 PO4 I . -10.34 -23.82 -60.11
O4 PO4 I . -9.06 -23.94 -62.35
P PO4 J . 9.83 -52.22 -65.87
O1 PO4 J . 10.88 -51.08 -65.78
O2 PO4 J . 9.91 -53.09 -64.59
O3 PO4 J . 8.38 -51.64 -65.94
O4 PO4 J . 10.16 -53.06 -67.14
P PO4 K . -1.59 -25.36 -40.82
P PO4 K . -5.90 -26.36 -43.61
O1 PO4 K . -1.69 -25.61 -42.34
O1 PO4 K . -5.47 -25.04 -44.33
O2 PO4 K . -1.52 -23.84 -40.54
O2 PO4 K . -4.65 -27.03 -42.98
O3 PO4 K . -2.85 -25.96 -40.14
O3 PO4 K . -6.92 -25.99 -42.49
O4 PO4 K . -0.29 -26.03 -40.25
O4 PO4 K . -6.57 -27.30 -44.64
CL CL L . 20.22 -23.23 -36.41
C1 GOL M . 0.91 7.88 37.38
O1 GOL M . -0.23 8.39 38.06
C2 GOL M . 0.63 7.62 35.91
O2 GOL M . 1.87 7.35 35.24
C3 GOL M . -0.31 6.44 35.73
O3 GOL M . -0.35 5.98 34.37
C1 GOL N . -7.46 -16.91 56.12
O1 GOL N . -6.72 -17.00 57.34
C2 GOL N . -8.27 -15.63 56.07
O2 GOL N . -7.40 -14.53 55.83
C3 GOL N . -9.39 -15.64 55.07
O3 GOL N . -10.21 -14.48 55.22
C1 GOL O . -5.30 -8.88 26.50
O1 GOL O . -5.13 -8.66 25.12
C2 GOL O . -5.92 -7.66 27.14
O2 GOL O . -7.15 -7.36 26.50
C3 GOL O . -6.17 -7.95 28.60
O3 GOL O . -6.78 -6.84 29.22
C1 GOL P . 16.35 -21.06 37.91
O1 GOL P . 16.60 -21.39 36.54
C2 GOL P . 17.00 -19.75 38.28
O2 GOL P . 17.37 -19.77 39.67
C3 GOL P . 16.10 -18.58 38.02
O3 GOL P . 16.73 -17.35 38.38
P PO4 Q . 12.50 -18.85 56.00
O1 PO4 Q . 12.09 -17.45 55.49
O2 PO4 Q . 12.97 -18.75 57.49
O3 PO4 Q . 11.25 -19.79 55.93
O4 PO4 Q . 13.67 -19.36 55.07
CL CL R . 1.23 -6.90 21.17
C1 GOL S . 6.71 28.33 -16.74
O1 GOL S . 7.70 27.31 -16.57
C2 GOL S . 5.88 28.49 -15.50
O2 GOL S . 6.73 28.68 -14.37
C3 GOL S . 4.91 29.66 -15.59
O3 GOL S . 3.81 29.39 -16.44
C1 GOL T . 11.81 11.54 4.49
O1 GOL T . 12.93 12.09 5.15
C2 GOL T . 12.01 10.08 4.21
O2 GOL T . 12.15 9.39 5.45
C3 GOL T . 10.80 9.53 3.47
O3 GOL T . 10.82 8.11 3.48
C1 GOL U . 21.43 27.40 36.07
O1 GOL U . 20.64 26.92 37.16
C2 GOL U . 21.17 28.86 35.74
O2 GOL U . 19.76 29.13 35.74
C3 GOL U . 21.72 29.16 34.36
O3 GOL U . 21.33 30.43 33.88
C1 GOL V . -7.15 1.12 -19.94
O1 GOL V . -7.03 -0.01 -19.08
C2 GOL V . -6.69 2.39 -19.28
O2 GOL V . -7.27 3.53 -19.93
C3 GOL V . -5.18 2.51 -19.26
O3 GOL V . -4.62 1.60 -18.32
C1 GOL W . 2.71 21.55 17.03
O1 GOL W . 3.10 22.83 17.55
C2 GOL W . 1.20 21.38 17.07
O2 GOL W . 0.57 22.43 16.34
C3 GOL W . 0.80 20.04 16.49
O3 GOL W . -0.60 19.85 16.52
C1 GOL X . -1.84 25.13 14.61
O1 GOL X . -2.16 24.30 15.73
C2 GOL X . -1.55 24.32 13.37
O2 GOL X . -1.68 25.13 12.20
C3 GOL X . -0.17 23.69 13.40
O3 GOL X . -0.04 22.71 12.38
P PO4 Y . 17.50 -0.50 -10.66
O1 PO4 Y . 16.22 0.24 -11.12
O2 PO4 Y . 17.61 -0.45 -9.10
O3 PO4 Y . 17.37 -1.96 -11.19
O4 PO4 Y . 18.76 0.24 -11.23
P PO4 Z . -7.43 20.19 -24.21
P PO4 Z . -3.35 21.55 -25.16
O1 PO4 Z . -6.94 21.67 -24.20
O1 PO4 Z . -2.54 22.86 -25.43
O2 PO4 Z . -6.20 19.28 -24.22
O2 PO4 Z . -2.36 20.40 -24.78
O3 PO4 Z . -8.25 19.86 -22.95
O3 PO4 Z . -4.38 21.82 -24.02
O4 PO4 Z . -8.28 19.95 -25.48
O4 PO4 Z . -4.15 21.15 -26.45
P PO4 AA . 19.74 15.81 2.71
P PO4 AA . 21.67 14.32 -1.12
O1 PO4 AA . 18.93 16.95 3.41
O1 PO4 AA . 21.00 15.55 -0.42
O2 PO4 AA . 21.05 15.54 3.53
O2 PO4 AA . 22.29 14.73 -2.51
O3 PO4 AA . 18.91 14.53 2.66
O3 PO4 AA . 22.78 13.70 -0.21
O4 PO4 AA . 20.13 16.17 1.23
O4 PO4 AA . 20.60 13.25 -1.35
CL CL BA . -13.35 4.71 -9.64
CL CL CA . -3.13 2.08 -3.16
CL CL DA . 16.05 28.16 35.73
C1 GOL EA . -31.48 28.93 9.07
O1 GOL EA . -30.29 29.69 9.19
C2 GOL EA . -32.17 29.20 7.75
O2 GOL EA . -32.47 30.59 7.63
C3 GOL EA . -33.43 28.36 7.66
O3 GOL EA . -34.51 28.93 8.40
C1 GOL FA . -22.83 33.77 4.70
O1 GOL FA . -22.29 34.04 5.98
C2 GOL FA . -22.03 34.49 3.65
O2 GOL FA . -22.05 35.90 3.90
C3 GOL FA . -22.65 34.18 2.30
O3 GOL FA . -21.98 34.87 1.24
C1 GOL GA . -4.76 30.17 11.93
O1 GOL GA . -4.76 28.82 11.52
C2 GOL GA . -5.07 31.12 10.79
O2 GOL GA . -6.31 30.76 10.18
C3 GOL GA . -5.17 32.55 11.29
O3 GOL GA . -3.94 33.02 11.81
P PO4 HA . -35.99 32.72 -9.18
O1 PO4 HA . -36.67 33.64 -10.23
O2 PO4 HA . -35.10 33.53 -8.19
O3 PO4 HA . -37.06 31.96 -8.34
O4 PO4 HA . -35.13 31.70 -9.96
P PO4 IA . -16.48 4.17 -14.61
O1 PO4 IA . -15.28 5.14 -14.45
O2 PO4 IA . -16.29 3.31 -15.91
O3 PO4 IA . -16.64 3.21 -13.37
O4 PO4 IA . -17.79 5.01 -14.68
P PO4 JA . -22.92 7.06 2.51
O1 PO4 JA . -21.77 8.01 2.11
O2 PO4 JA . -22.69 6.72 4.02
O3 PO4 JA . -24.31 7.74 2.28
O4 PO4 JA . -22.82 5.76 1.65
CL CL KA . -28.17 31.37 10.27
CL CL LA . -14.35 30.75 58.06
CL CL MA . -13.20 47.11 38.28
CL CL NA . -8.71 22.40 -19.72
#